data_2HWV
# 
_entry.id   2HWV 
# 
_audit_conform.dict_name       mmcif_pdbx.dic 
_audit_conform.dict_version    5.379 
_audit_conform.dict_location   http://mmcif.pdb.org/dictionaries/ascii/mmcif_pdbx.dic 
# 
loop_
_database_2.database_id 
_database_2.database_code 
_database_2.pdbx_database_accession 
_database_2.pdbx_DOI 
PDB   2HWV         pdb_00002hwv 10.2210/pdb2hwv/pdb 
RCSB  RCSB038853   ?            ?                   
WWPDB D_1000038853 ?            ?                   
# 
_pdbx_database_status.status_code                     REL 
_pdbx_database_status.entry_id                        2HWV 
_pdbx_database_status.recvd_initial_deposition_date   2006-08-02 
_pdbx_database_status.deposit_site                    RCSB 
_pdbx_database_status.process_site                    RCSB 
_pdbx_database_status.status_code_sf                  REL 
_pdbx_database_status.status_code_mr                  ? 
_pdbx_database_status.SG_entry                        ? 
_pdbx_database_status.pdb_format_compatible           Y 
_pdbx_database_status.status_code_cs                  ? 
_pdbx_database_status.status_code_nmr_data            ? 
_pdbx_database_status.methods_development_category    ? 
# 
loop_
_audit_author.name 
_audit_author.pdbx_ordinal 
'Trinh, C.H.'          1 
'Liu, Y.'              2 
'Phillips, S.E.V.'     3 
'Phillips-Jones, M.K.' 4 
# 
_citation.id                        primary 
_citation.title                     'Structure of the response regulator VicR DNA-binding domain.' 
_citation.journal_abbrev            'Acta Crystallogr.,Sect.D' 
_citation.journal_volume            63 
_citation.page_first                266 
_citation.page_last                 269 
_citation.year                      2007 
_citation.journal_id_ASTM           ABCRE6 
_citation.country                   DK 
_citation.journal_id_ISSN           0907-4449 
_citation.journal_id_CSD            0766 
_citation.book_publisher            ? 
_citation.pdbx_database_id_PubMed   17242520 
_citation.pdbx_database_id_DOI      10.1107/S0907444906043435 
# 
loop_
_citation_author.citation_id 
_citation_author.name 
_citation_author.ordinal 
_citation_author.identifier_ORCID 
primary 'Trinh, C.H.'          1 ? 
primary 'Liu, Y.'              2 ? 
primary 'Phillips, S.E.'       3 ? 
primary 'Phillips-Jones, M.K.' 4 ? 
# 
_cell.entry_id           2HWV 
_cell.length_a           36.235 
_cell.length_b           36.235 
_cell.length_c           73.935 
_cell.angle_alpha        90.00 
_cell.angle_beta         90.00 
_cell.angle_gamma        90.00 
_cell.Z_PDB              4 
_cell.pdbx_unique_axis   ? 
_cell.length_a_esd       ? 
_cell.length_b_esd       ? 
_cell.length_c_esd       ? 
_cell.angle_alpha_esd    ? 
_cell.angle_beta_esd     ? 
_cell.angle_gamma_esd    ? 
# 
_symmetry.entry_id                         2HWV 
_symmetry.space_group_name_H-M             'P 43' 
_symmetry.pdbx_full_space_group_name_H-M   ? 
_symmetry.cell_setting                     ? 
_symmetry.Int_Tables_number                78 
_symmetry.space_group_name_Hall            ? 
# 
loop_
_entity.id 
_entity.type 
_entity.src_method 
_entity.pdbx_description 
_entity.formula_weight 
_entity.pdbx_number_of_molecules 
_entity.pdbx_ec 
_entity.pdbx_mutation 
_entity.pdbx_fragment 
_entity.details 
1 polymer     man 'DNA-binding response regulator VicR' 14190.037 1  ? ? 'C-terminal domain' ? 
2 non-polymer syn 'SULFATE ION'                         96.063    3  ? ? ?                   ? 
3 water       nat water                                 18.015    52 ? ? ?                   ? 
# 
_entity_poly.entity_id                      1 
_entity_poly.type                           'polypeptide(L)' 
_entity_poly.nstd_linkage                   no 
_entity_poly.nstd_monomer                   no 
_entity_poly.pdbx_seq_one_letter_code       
;MGSSHHHHHHSSGLVPRGSHMTIGDLTIHPDAYMVSKRGEKIELTHREFELLYYLAKHIGQVMTREHLLQTVWGYDYFGD
VRTVDVTVRRLREKIEDSPSHPTYLVTRRGVGYYLRNPEQE
;
_entity_poly.pdbx_seq_one_letter_code_can   
;MGSSHHHHHHSSGLVPRGSHMTIGDLTIHPDAYMVSKRGEKIELTHREFELLYYLAKHIGQVMTREHLLQTVWGYDYFGD
VRTVDVTVRRLREKIEDSPSHPTYLVTRRGVGYYLRNPEQE
;
_entity_poly.pdbx_strand_id                 A 
_entity_poly.pdbx_target_identifier         ? 
# 
loop_
_entity_poly_seq.entity_id 
_entity_poly_seq.num 
_entity_poly_seq.mon_id 
_entity_poly_seq.hetero 
1 1   MET n 
1 2   GLY n 
1 3   SER n 
1 4   SER n 
1 5   HIS n 
1 6   HIS n 
1 7   HIS n 
1 8   HIS n 
1 9   HIS n 
1 10  HIS n 
1 11  SER n 
1 12  SER n 
1 13  GLY n 
1 14  LEU n 
1 15  VAL n 
1 16  PRO n 
1 17  ARG n 
1 18  GLY n 
1 19  SER n 
1 20  HIS n 
1 21  MET n 
1 22  THR n 
1 23  ILE n 
1 24  GLY n 
1 25  ASP n 
1 26  LEU n 
1 27  THR n 
1 28  ILE n 
1 29  HIS n 
1 30  PRO n 
1 31  ASP n 
1 32  ALA n 
1 33  TYR n 
1 34  MET n 
1 35  VAL n 
1 36  SER n 
1 37  LYS n 
1 38  ARG n 
1 39  GLY n 
1 40  GLU n 
1 41  LYS n 
1 42  ILE n 
1 43  GLU n 
1 44  LEU n 
1 45  THR n 
1 46  HIS n 
1 47  ARG n 
1 48  GLU n 
1 49  PHE n 
1 50  GLU n 
1 51  LEU n 
1 52  LEU n 
1 53  TYR n 
1 54  TYR n 
1 55  LEU n 
1 56  ALA n 
1 57  LYS n 
1 58  HIS n 
1 59  ILE n 
1 60  GLY n 
1 61  GLN n 
1 62  VAL n 
1 63  MET n 
1 64  THR n 
1 65  ARG n 
1 66  GLU n 
1 67  HIS n 
1 68  LEU n 
1 69  LEU n 
1 70  GLN n 
1 71  THR n 
1 72  VAL n 
1 73  TRP n 
1 74  GLY n 
1 75  TYR n 
1 76  ASP n 
1 77  TYR n 
1 78  PHE n 
1 79  GLY n 
1 80  ASP n 
1 81  VAL n 
1 82  ARG n 
1 83  THR n 
1 84  VAL n 
1 85  ASP n 
1 86  VAL n 
1 87  THR n 
1 88  VAL n 
1 89  ARG n 
1 90  ARG n 
1 91  LEU n 
1 92  ARG n 
1 93  GLU n 
1 94  LYS n 
1 95  ILE n 
1 96  GLU n 
1 97  ASP n 
1 98  SER n 
1 99  PRO n 
1 100 SER n 
1 101 HIS n 
1 102 PRO n 
1 103 THR n 
1 104 TYR n 
1 105 LEU n 
1 106 VAL n 
1 107 THR n 
1 108 ARG n 
1 109 ARG n 
1 110 GLY n 
1 111 VAL n 
1 112 GLY n 
1 113 TYR n 
1 114 TYR n 
1 115 LEU n 
1 116 ARG n 
1 117 ASN n 
1 118 PRO n 
1 119 GLU n 
1 120 GLN n 
1 121 GLU n 
# 
_entity_src_gen.entity_id                          1 
_entity_src_gen.pdbx_src_id                        1 
_entity_src_gen.pdbx_alt_source_flag               sample 
_entity_src_gen.pdbx_seq_type                      ? 
_entity_src_gen.pdbx_beg_seq_num                   ? 
_entity_src_gen.pdbx_end_seq_num                   ? 
_entity_src_gen.gene_src_common_name               ? 
_entity_src_gen.gene_src_genus                     Enterococcus 
_entity_src_gen.pdbx_gene_src_gene                 vicR 
_entity_src_gen.gene_src_species                   'Enterococcus faecalis' 
_entity_src_gen.gene_src_strain                    V583 
_entity_src_gen.gene_src_tissue                    ? 
_entity_src_gen.gene_src_tissue_fraction           ? 
_entity_src_gen.gene_src_details                   ? 
_entity_src_gen.pdbx_gene_src_fragment             ? 
_entity_src_gen.pdbx_gene_src_scientific_name      'Enterococcus faecalis' 
_entity_src_gen.pdbx_gene_src_ncbi_taxonomy_id     226185 
_entity_src_gen.pdbx_gene_src_variant              ? 
_entity_src_gen.pdbx_gene_src_cell_line            ? 
_entity_src_gen.pdbx_gene_src_atcc                 ? 
_entity_src_gen.pdbx_gene_src_organ                ? 
_entity_src_gen.pdbx_gene_src_organelle            ? 
_entity_src_gen.pdbx_gene_src_cell                 ? 
_entity_src_gen.pdbx_gene_src_cellular_location    ? 
_entity_src_gen.host_org_common_name               ? 
_entity_src_gen.pdbx_host_org_scientific_name      'Escherichia coli BL21(DE3)' 
_entity_src_gen.pdbx_host_org_ncbi_taxonomy_id     469008 
_entity_src_gen.host_org_genus                     Escherichia 
_entity_src_gen.pdbx_host_org_gene                 ? 
_entity_src_gen.pdbx_host_org_organ                ? 
_entity_src_gen.host_org_species                   'Escherichia coli' 
_entity_src_gen.pdbx_host_org_tissue               ? 
_entity_src_gen.pdbx_host_org_tissue_fraction      ? 
_entity_src_gen.pdbx_host_org_strain               'BL21(DE3)' 
_entity_src_gen.pdbx_host_org_variant              ? 
_entity_src_gen.pdbx_host_org_cell_line            ? 
_entity_src_gen.pdbx_host_org_atcc                 ? 
_entity_src_gen.pdbx_host_org_culture_collection   ? 
_entity_src_gen.pdbx_host_org_cell                 ? 
_entity_src_gen.pdbx_host_org_organelle            ? 
_entity_src_gen.pdbx_host_org_cellular_location    ? 
_entity_src_gen.pdbx_host_org_vector_type          Plasmid 
_entity_src_gen.pdbx_host_org_vector               ? 
_entity_src_gen.host_org_details                   ? 
_entity_src_gen.expression_system_id               ? 
_entity_src_gen.plasmid_name                       pET14b 
_entity_src_gen.plasmid_details                    ? 
_entity_src_gen.pdbx_description                   ? 
# 
_struct_ref.id                         1 
_struct_ref.db_name                    UNP 
_struct_ref.db_code                    Q836C2_ENTFA 
_struct_ref.pdbx_db_accession          Q836C2 
_struct_ref.entity_id                  1 
_struct_ref.pdbx_seq_one_letter_code   
;TIGDLTIHPDAYMVSKRGEKIELTHREFELLYYLAKHIGQVMTREHLLQTVWGYDYFGDVRTVDVTVRRLREKIEDSPSH
PTYLVTRRGVGYYLRNPEQE
;
_struct_ref.pdbx_align_begin           135 
_struct_ref.pdbx_db_isoform            ? 
# 
_struct_ref_seq.align_id                      1 
_struct_ref_seq.ref_id                        1 
_struct_ref_seq.pdbx_PDB_id_code              2HWV 
_struct_ref_seq.pdbx_strand_id                A 
_struct_ref_seq.seq_align_beg                 22 
_struct_ref_seq.pdbx_seq_align_beg_ins_code   ? 
_struct_ref_seq.seq_align_end                 121 
_struct_ref_seq.pdbx_seq_align_end_ins_code   ? 
_struct_ref_seq.pdbx_db_accession             Q836C2 
_struct_ref_seq.db_align_beg                  135 
_struct_ref_seq.pdbx_db_align_beg_ins_code    ? 
_struct_ref_seq.db_align_end                  234 
_struct_ref_seq.pdbx_db_align_end_ins_code    ? 
_struct_ref_seq.pdbx_auth_seq_align_beg       135 
_struct_ref_seq.pdbx_auth_seq_align_end       234 
# 
loop_
_struct_ref_seq_dif.align_id 
_struct_ref_seq_dif.pdbx_pdb_id_code 
_struct_ref_seq_dif.mon_id 
_struct_ref_seq_dif.pdbx_pdb_strand_id 
_struct_ref_seq_dif.seq_num 
_struct_ref_seq_dif.pdbx_pdb_ins_code 
_struct_ref_seq_dif.pdbx_seq_db_name 
_struct_ref_seq_dif.pdbx_seq_db_accession_code 
_struct_ref_seq_dif.db_mon_id 
_struct_ref_seq_dif.pdbx_seq_db_seq_num 
_struct_ref_seq_dif.details 
_struct_ref_seq_dif.pdbx_auth_seq_num 
_struct_ref_seq_dif.pdbx_ordinal 
1 2HWV MET A 1  ? UNP Q836C2 ? ? 'cloning artifact'      114 1  
1 2HWV GLY A 2  ? UNP Q836C2 ? ? 'cloning artifact'      115 2  
1 2HWV SER A 3  ? UNP Q836C2 ? ? 'cloning artifact'      116 3  
1 2HWV SER A 4  ? UNP Q836C2 ? ? 'cloning artifact'      117 4  
1 2HWV HIS A 5  ? UNP Q836C2 ? ? 'expression tag'        118 5  
1 2HWV HIS A 6  ? UNP Q836C2 ? ? 'expression tag'        119 6  
1 2HWV HIS A 7  ? UNP Q836C2 ? ? 'expression tag'        120 7  
1 2HWV HIS A 8  ? UNP Q836C2 ? ? 'expression tag'        121 8  
1 2HWV HIS A 9  ? UNP Q836C2 ? ? 'expression tag'        122 9  
1 2HWV HIS A 10 ? UNP Q836C2 ? ? 'expression tag'        123 10 
1 2HWV SER A 11 ? UNP Q836C2 ? ? 'cloning artifact'      124 11 
1 2HWV SER A 12 ? UNP Q836C2 ? ? 'cloning artifact'      125 12 
1 2HWV GLY A 13 ? UNP Q836C2 ? ? 'cloning artifact'      126 13 
1 2HWV LEU A 14 ? UNP Q836C2 ? ? 'cloning artifact'      127 14 
1 2HWV VAL A 15 ? UNP Q836C2 ? ? 'cloning artifact'      128 15 
1 2HWV PRO A 16 ? UNP Q836C2 ? ? 'cloning artifact'      129 16 
1 2HWV ARG A 17 ? UNP Q836C2 ? ? 'cloning artifact'      130 17 
1 2HWV GLY A 18 ? UNP Q836C2 ? ? 'cloning artifact'      131 18 
1 2HWV SER A 19 ? UNP Q836C2 ? ? 'cloning artifact'      132 19 
1 2HWV HIS A 20 ? UNP Q836C2 ? ? 'cloning artifact'      133 20 
1 2HWV MET A 21 ? UNP Q836C2 ? ? 'initiating methionine' 134 21 
# 
loop_
_chem_comp.id 
_chem_comp.type 
_chem_comp.mon_nstd_flag 
_chem_comp.name 
_chem_comp.pdbx_synonyms 
_chem_comp.formula 
_chem_comp.formula_weight 
ALA 'L-peptide linking' y ALANINE         ? 'C3 H7 N O2'     89.093  
ARG 'L-peptide linking' y ARGININE        ? 'C6 H15 N4 O2 1' 175.209 
ASN 'L-peptide linking' y ASPARAGINE      ? 'C4 H8 N2 O3'    132.118 
ASP 'L-peptide linking' y 'ASPARTIC ACID' ? 'C4 H7 N O4'     133.103 
GLN 'L-peptide linking' y GLUTAMINE       ? 'C5 H10 N2 O3'   146.144 
GLU 'L-peptide linking' y 'GLUTAMIC ACID' ? 'C5 H9 N O4'     147.129 
GLY 'peptide linking'   y GLYCINE         ? 'C2 H5 N O2'     75.067  
HIS 'L-peptide linking' y HISTIDINE       ? 'C6 H10 N3 O2 1' 156.162 
HOH non-polymer         . WATER           ? 'H2 O'           18.015  
ILE 'L-peptide linking' y ISOLEUCINE      ? 'C6 H13 N O2'    131.173 
LEU 'L-peptide linking' y LEUCINE         ? 'C6 H13 N O2'    131.173 
LYS 'L-peptide linking' y LYSINE          ? 'C6 H15 N2 O2 1' 147.195 
MET 'L-peptide linking' y METHIONINE      ? 'C5 H11 N O2 S'  149.211 
PHE 'L-peptide linking' y PHENYLALANINE   ? 'C9 H11 N O2'    165.189 
PRO 'L-peptide linking' y PROLINE         ? 'C5 H9 N O2'     115.130 
SER 'L-peptide linking' y SERINE          ? 'C3 H7 N O3'     105.093 
SO4 non-polymer         . 'SULFATE ION'   ? 'O4 S -2'        96.063  
THR 'L-peptide linking' y THREONINE       ? 'C4 H9 N O3'     119.119 
TRP 'L-peptide linking' y TRYPTOPHAN      ? 'C11 H12 N2 O2'  204.225 
TYR 'L-peptide linking' y TYROSINE        ? 'C9 H11 N O3'    181.189 
VAL 'L-peptide linking' y VALINE          ? 'C5 H11 N O2'    117.146 
# 
_exptl.entry_id          2HWV 
_exptl.method            'X-RAY DIFFRACTION' 
_exptl.crystals_number   1 
# 
_exptl_crystal.id                    1 
_exptl_crystal.density_meas          ? 
_exptl_crystal.density_Matthews      1.71 
_exptl_crystal.density_percent_sol   28.08 
_exptl_crystal.description           ? 
_exptl_crystal.F_000                 ? 
_exptl_crystal.preparation           ? 
# 
_exptl_crystal_grow.crystal_id      1 
_exptl_crystal_grow.method          'VAPOR DIFFUSION, SITTING DROP' 
_exptl_crystal_grow.temp            291 
_exptl_crystal_grow.temp_details    ? 
_exptl_crystal_grow.pH              4.5 
_exptl_crystal_grow.pdbx_details    
'1.8M ammonium sulphate, 0.1M sodium citrate, 3% dimethyl sulfoxide, pH 4.5, VAPOR DIFFUSION, SITTING DROP, temperature 291K' 
_exptl_crystal_grow.pdbx_pH_range   . 
# 
_diffrn.id                     1 
_diffrn.ambient_temp           100 
_diffrn.ambient_temp_details   ? 
_diffrn.crystal_id             1 
# 
_diffrn_detector.diffrn_id              1 
_diffrn_detector.detector               'IMAGE PLATE' 
_diffrn_detector.type                   'RIGAKU RAXIS IV' 
_diffrn_detector.pdbx_collection_date   2006-05-18 
_diffrn_detector.details                'Osmic Confocal Max-Flux' 
# 
_diffrn_radiation.diffrn_id                        1 
_diffrn_radiation.wavelength_id                    1 
_diffrn_radiation.pdbx_monochromatic_or_laue_m_l   M 
_diffrn_radiation.monochromator                    ? 
_diffrn_radiation.pdbx_diffrn_protocol             'SINGLE WAVELENGTH' 
_diffrn_radiation.pdbx_scattering_type             x-ray 
# 
_diffrn_radiation_wavelength.id           1 
_diffrn_radiation_wavelength.wavelength   1.54 
_diffrn_radiation_wavelength.wt           1.0 
# 
_diffrn_source.diffrn_id                   1 
_diffrn_source.source                      'ROTATING ANODE' 
_diffrn_source.type                        'RIGAKU RU300' 
_diffrn_source.pdbx_synchrotron_site       ? 
_diffrn_source.pdbx_synchrotron_beamline   ? 
_diffrn_source.pdbx_wavelength             ? 
_diffrn_source.pdbx_wavelength_list        1.54 
# 
_reflns.entry_id                     2HWV 
_reflns.observed_criterion_sigma_F   0.0 
_reflns.observed_criterion_sigma_I   0.0 
_reflns.d_resolution_high            1.90 
_reflns.d_resolution_low             36.226 
_reflns.number_all                   7524 
_reflns.number_obs                   7524 
_reflns.percent_possible_obs         99.5 
_reflns.pdbx_Rmerge_I_obs            0.053 
_reflns.pdbx_Rsym_value              0.053 
_reflns.pdbx_netI_over_sigmaI        11.2 
_reflns.B_iso_Wilson_estimate        27.3 
_reflns.pdbx_redundancy              6.2 
_reflns.R_free_details               ? 
_reflns.limit_h_max                  ? 
_reflns.limit_h_min                  ? 
_reflns.limit_k_max                  ? 
_reflns.limit_k_min                  ? 
_reflns.limit_l_max                  ? 
_reflns.limit_l_min                  ? 
_reflns.observed_criterion_F_max     ? 
_reflns.observed_criterion_F_min     ? 
_reflns.pdbx_chi_squared             ? 
_reflns.pdbx_scaling_rejects         ? 
_reflns.pdbx_ordinal                 1 
_reflns.pdbx_diffrn_id               1 
# 
_reflns_shell.d_res_high             1.90 
_reflns_shell.d_res_low              2.00 
_reflns_shell.percent_possible_all   98.9 
_reflns_shell.Rmerge_I_obs           0.347 
_reflns_shell.pdbx_Rsym_value        0.347 
_reflns_shell.meanI_over_sigI_obs    4.8 
_reflns_shell.pdbx_redundancy        5.7 
_reflns_shell.percent_possible_obs   ? 
_reflns_shell.number_unique_all      1083 
_reflns_shell.number_measured_all    ? 
_reflns_shell.number_measured_obs    ? 
_reflns_shell.number_unique_obs      ? 
_reflns_shell.pdbx_chi_squared       ? 
_reflns_shell.pdbx_ordinal           1 
_reflns_shell.pdbx_diffrn_id         1 
# 
_refine.entry_id                                 2HWV 
_refine.ls_number_reflns_obs                     7134 
_refine.ls_number_reflns_all                     7545 
_refine.pdbx_ls_sigma_I                          ? 
_refine.pdbx_ls_sigma_F                          0.0 
_refine.pdbx_data_cutoff_high_absF               ? 
_refine.pdbx_data_cutoff_low_absF                ? 
_refine.pdbx_data_cutoff_high_rms_absF           ? 
_refine.ls_d_res_low                             12.00 
_refine.ls_d_res_high                            1.90 
_refine.ls_percent_reflns_obs                    99.57 
_refine.ls_R_factor_obs                          0.18114 
_refine.ls_R_factor_all                          ? 
_refine.ls_R_factor_R_work                       0.17865 
_refine.ls_R_factor_R_free                       0.23619 
_refine.ls_R_factor_R_free_error                 ? 
_refine.ls_R_factor_R_free_error_details         ? 
_refine.ls_percent_reflns_R_free                 4.6 
_refine.ls_number_reflns_R_free                  345 
_refine.ls_number_parameters                     ? 
_refine.ls_number_restraints                     ? 
_refine.occupancy_min                            ? 
_refine.occupancy_max                            ? 
_refine.correlation_coeff_Fo_to_Fc               0.959 
_refine.correlation_coeff_Fo_to_Fc_free          0.931 
_refine.B_iso_mean                               19.596 
_refine.aniso_B[1][1]                            0.77 
_refine.aniso_B[2][2]                            0.77 
_refine.aniso_B[3][3]                            -1.54 
_refine.aniso_B[1][2]                            0.00 
_refine.aniso_B[1][3]                            0.00 
_refine.aniso_B[2][3]                            0.00 
_refine.solvent_model_details                    MASK 
_refine.solvent_model_param_ksol                 ? 
_refine.solvent_model_param_bsol                 ? 
_refine.pdbx_solvent_vdw_probe_radii             1.20 
_refine.pdbx_solvent_ion_probe_radii             0.80 
_refine.pdbx_solvent_shrinkage_radii             0.80 
_refine.pdbx_ls_cross_valid_method               THROUGHOUT 
_refine.details                                  'HYDROGENS HAVE BEEN ADDED IN THE RIDING POSITIONS' 
_refine.pdbx_starting_model                      'PDB ENTRIES 1OPC, 1YS6, 1P2F, 1GXQ' 
_refine.pdbx_method_to_determine_struct          'MOLECULAR REPLACEMENT' 
_refine.pdbx_isotropic_thermal_model             Isotropic 
_refine.pdbx_stereochemistry_target_values       'MAXIMUM LIKELIHOOD' 
_refine.pdbx_stereochem_target_val_spec_case     ? 
_refine.pdbx_R_Free_selection_details            RANDOM 
_refine.pdbx_overall_ESU_R                       0.177 
_refine.pdbx_overall_ESU_R_Free                  0.163 
_refine.overall_SU_ML                            0.106 
_refine.overall_SU_B                             7.120 
_refine.ls_redundancy_reflns_obs                 ? 
_refine.B_iso_min                                ? 
_refine.B_iso_max                                ? 
_refine.overall_SU_R_Cruickshank_DPI             ? 
_refine.overall_SU_R_free                        ? 
_refine.ls_wR_factor_R_free                      ? 
_refine.ls_wR_factor_R_work                      ? 
_refine.overall_FOM_free_R_set                   ? 
_refine.overall_FOM_work_R_set                   ? 
_refine.pdbx_refine_id                           'X-RAY DIFFRACTION' 
_refine.pdbx_TLS_residual_ADP_flag               'LIKELY RESIDUAL' 
_refine.pdbx_diffrn_id                           1 
_refine.pdbx_overall_phase_error                 ? 
_refine.pdbx_overall_SU_R_free_Cruickshank_DPI   ? 
_refine.pdbx_overall_SU_R_Blow_DPI               ? 
_refine.pdbx_overall_SU_R_free_Blow_DPI          ? 
# 
_refine_hist.pdbx_refine_id                   'X-RAY DIFFRACTION' 
_refine_hist.cycle_id                         LAST 
_refine_hist.pdbx_number_atoms_protein        844 
_refine_hist.pdbx_number_atoms_nucleic_acid   0 
_refine_hist.pdbx_number_atoms_ligand         15 
_refine_hist.number_atoms_solvent             52 
_refine_hist.number_atoms_total               911 
_refine_hist.d_res_high                       1.90 
_refine_hist.d_res_low                        12.00 
# 
loop_
_refine_ls_restr.type 
_refine_ls_restr.dev_ideal 
_refine_ls_restr.dev_ideal_target 
_refine_ls_restr.weight 
_refine_ls_restr.number 
_refine_ls_restr.pdbx_refine_id 
_refine_ls_restr.pdbx_restraint_function 
r_bond_refined_d             0.013  0.021  ? 877  'X-RAY DIFFRACTION' ? 
r_bond_other_d               ?      ?      ? ?    'X-RAY DIFFRACTION' ? 
r_angle_refined_deg          1.497  1.969  ? 1189 'X-RAY DIFFRACTION' ? 
r_angle_other_deg            ?      ?      ? ?    'X-RAY DIFFRACTION' ? 
r_dihedral_angle_1_deg       6.899  5.000  ? 100  'X-RAY DIFFRACTION' ? 
r_dihedral_angle_2_deg       25.973 21.591 ? 44   'X-RAY DIFFRACTION' ? 
r_dihedral_angle_3_deg       18.347 15.000 ? 151  'X-RAY DIFFRACTION' ? 
r_dihedral_angle_4_deg       19.526 15.000 ? 10   'X-RAY DIFFRACTION' ? 
r_chiral_restr               0.103  0.200  ? 127  'X-RAY DIFFRACTION' ? 
r_gen_planes_refined         0.005  0.020  ? 658  'X-RAY DIFFRACTION' ? 
r_gen_planes_other           ?      ?      ? ?    'X-RAY DIFFRACTION' ? 
r_nbd_refined                0.207  0.200  ? 377  'X-RAY DIFFRACTION' ? 
r_nbd_other                  ?      ?      ? ?    'X-RAY DIFFRACTION' ? 
r_nbtor_refined              0.301  0.200  ? 566  'X-RAY DIFFRACTION' ? 
r_nbtor_other                ?      ?      ? ?    'X-RAY DIFFRACTION' ? 
r_xyhbond_nbd_refined        0.134  0.200  ? 53   'X-RAY DIFFRACTION' ? 
r_xyhbond_nbd_other          ?      ?      ? ?    'X-RAY DIFFRACTION' ? 
r_metal_ion_refined          ?      ?      ? ?    'X-RAY DIFFRACTION' ? 
r_metal_ion_other            ?      ?      ? ?    'X-RAY DIFFRACTION' ? 
r_symmetry_vdw_refined       0.214  0.200  ? 47   'X-RAY DIFFRACTION' ? 
r_symmetry_vdw_other         ?      ?      ? ?    'X-RAY DIFFRACTION' ? 
r_symmetry_hbond_refined     0.178  0.200  ? 10   'X-RAY DIFFRACTION' ? 
r_symmetry_hbond_other       ?      ?      ? ?    'X-RAY DIFFRACTION' ? 
r_symmetry_metal_ion_refined ?      ?      ? ?    'X-RAY DIFFRACTION' ? 
r_symmetry_metal_ion_other   ?      ?      ? ?    'X-RAY DIFFRACTION' ? 
r_mcbond_it                  0.864  1.500  ? 512  'X-RAY DIFFRACTION' ? 
r_mcbond_other               ?      ?      ? ?    'X-RAY DIFFRACTION' ? 
r_mcangle_it                 1.407  2.000  ? 817  'X-RAY DIFFRACTION' ? 
r_scbond_it                  2.360  3.000  ? 410  'X-RAY DIFFRACTION' ? 
r_scangle_it                 3.674  4.500  ? 372  'X-RAY DIFFRACTION' ? 
r_rigid_bond_restr           ?      ?      ? ?    'X-RAY DIFFRACTION' ? 
r_sphericity_free            ?      ?      ? ?    'X-RAY DIFFRACTION' ? 
r_sphericity_bonded          ?      ?      ? ?    'X-RAY DIFFRACTION' ? 
# 
_refine_ls_shell.pdbx_total_number_of_bins_used   20 
_refine_ls_shell.d_res_high                       1.90 
_refine_ls_shell.d_res_low                        1.949 
_refine_ls_shell.number_reflns_R_work             520 
_refine_ls_shell.R_factor_R_work                  0.243 
_refine_ls_shell.percent_reflns_obs               98.91 
_refine_ls_shell.R_factor_R_free                  0.378 
_refine_ls_shell.R_factor_R_free_error            ? 
_refine_ls_shell.percent_reflns_R_free            ? 
_refine_ls_shell.number_reflns_R_free             22 
_refine_ls_shell.number_reflns_all                ? 
_refine_ls_shell.R_factor_all                     ? 
_refine_ls_shell.number_reflns_obs                520 
_refine_ls_shell.redundancy_reflns_obs            ? 
_refine_ls_shell.pdbx_refine_id                   'X-RAY DIFFRACTION' 
# 
_struct.entry_id                  2HWV 
_struct.title                     
;Crystal structure of an essential response regulator DNA binding domain, VicRc in Enterococcus faecalis, a member of the YycF subfamily.
;
_struct.pdbx_model_details        ? 
_struct.pdbx_CASP_flag            ? 
_struct.pdbx_model_type_details   ? 
# 
_struct_keywords.entry_id        2HWV 
_struct_keywords.pdbx_keywords   TRANSCRIPTION 
_struct_keywords.text            'Essential response regulator, C-terminal domain, DNA-binding domain, TRANSCRIPTION' 
# 
loop_
_struct_asym.id 
_struct_asym.pdbx_blank_PDB_chainid_flag 
_struct_asym.pdbx_modified 
_struct_asym.entity_id 
_struct_asym.details 
A N N 1 ? 
B N N 2 ? 
C N N 2 ? 
D N N 2 ? 
E N N 3 ? 
# 
_struct_biol.id   1 
# 
loop_
_struct_conf.conf_type_id 
_struct_conf.id 
_struct_conf.pdbx_PDB_helix_id 
_struct_conf.beg_label_comp_id 
_struct_conf.beg_label_asym_id 
_struct_conf.beg_label_seq_id 
_struct_conf.pdbx_beg_PDB_ins_code 
_struct_conf.end_label_comp_id 
_struct_conf.end_label_asym_id 
_struct_conf.end_label_seq_id 
_struct_conf.pdbx_end_PDB_ins_code 
_struct_conf.beg_auth_comp_id 
_struct_conf.beg_auth_asym_id 
_struct_conf.beg_auth_seq_id 
_struct_conf.end_auth_comp_id 
_struct_conf.end_auth_asym_id 
_struct_conf.end_auth_seq_id 
_struct_conf.pdbx_PDB_helix_class 
_struct_conf.details 
_struct_conf.pdbx_PDB_helix_length 
HELX_P HELX_P1 1 THR A 45 ? HIS A 58 ? THR A 158 HIS A 171 1 ? 14 
HELX_P HELX_P2 2 THR A 64 ? TRP A 73 ? THR A 177 TRP A 186 1 ? 10 
HELX_P HELX_P3 3 GLY A 74 ? PHE A 78 ? GLY A 187 PHE A 191 5 ? 5  
HELX_P HELX_P4 4 ASP A 80 ? GLU A 96 ? ASP A 193 GLU A 209 1 ? 17 
# 
_struct_conf_type.id          HELX_P 
_struct_conf_type.criteria    ? 
_struct_conf_type.reference   ? 
# 
_struct_mon_prot_cis.pdbx_id                1 
_struct_mon_prot_cis.label_comp_id          TRP 
_struct_mon_prot_cis.label_seq_id           73 
_struct_mon_prot_cis.label_asym_id          A 
_struct_mon_prot_cis.label_alt_id           . 
_struct_mon_prot_cis.pdbx_PDB_ins_code      ? 
_struct_mon_prot_cis.auth_comp_id           TRP 
_struct_mon_prot_cis.auth_seq_id            186 
_struct_mon_prot_cis.auth_asym_id           A 
_struct_mon_prot_cis.pdbx_label_comp_id_2   GLY 
_struct_mon_prot_cis.pdbx_label_seq_id_2    74 
_struct_mon_prot_cis.pdbx_label_asym_id_2   A 
_struct_mon_prot_cis.pdbx_PDB_ins_code_2    ? 
_struct_mon_prot_cis.pdbx_auth_comp_id_2    GLY 
_struct_mon_prot_cis.pdbx_auth_seq_id_2     187 
_struct_mon_prot_cis.pdbx_auth_asym_id_2    A 
_struct_mon_prot_cis.pdbx_PDB_model_num     1 
_struct_mon_prot_cis.pdbx_omega_angle       21.27 
# 
loop_
_struct_sheet.id 
_struct_sheet.type 
_struct_sheet.number_strands 
_struct_sheet.details 
A ? 4 ? 
B ? 2 ? 
# 
loop_
_struct_sheet_order.sheet_id 
_struct_sheet_order.range_id_1 
_struct_sheet_order.range_id_2 
_struct_sheet_order.offset 
_struct_sheet_order.sense 
A 1 2 ? anti-parallel 
A 2 3 ? anti-parallel 
A 3 4 ? anti-parallel 
B 1 2 ? anti-parallel 
# 
loop_
_struct_sheet_range.sheet_id 
_struct_sheet_range.id 
_struct_sheet_range.beg_label_comp_id 
_struct_sheet_range.beg_label_asym_id 
_struct_sheet_range.beg_label_seq_id 
_struct_sheet_range.pdbx_beg_PDB_ins_code 
_struct_sheet_range.end_label_comp_id 
_struct_sheet_range.end_label_asym_id 
_struct_sheet_range.end_label_seq_id 
_struct_sheet_range.pdbx_end_PDB_ins_code 
_struct_sheet_range.beg_auth_comp_id 
_struct_sheet_range.beg_auth_asym_id 
_struct_sheet_range.beg_auth_seq_id 
_struct_sheet_range.end_auth_comp_id 
_struct_sheet_range.end_auth_asym_id 
_struct_sheet_range.end_auth_seq_id 
A 1 MET A 21  ? ILE A 23  ? MET A 134 ILE A 136 
A 2 LEU A 26  ? ILE A 28  ? LEU A 139 ILE A 141 
A 3 MET A 34  ? LYS A 37  ? MET A 147 LYS A 150 
A 4 GLU A 40  ? GLU A 43  ? GLU A 153 GLU A 156 
B 1 LEU A 105 ? ARG A 108 ? LEU A 218 ARG A 221 
B 2 GLY A 112 ? LEU A 115 ? GLY A 225 LEU A 228 
# 
loop_
_pdbx_struct_sheet_hbond.sheet_id 
_pdbx_struct_sheet_hbond.range_id_1 
_pdbx_struct_sheet_hbond.range_id_2 
_pdbx_struct_sheet_hbond.range_1_label_atom_id 
_pdbx_struct_sheet_hbond.range_1_label_comp_id 
_pdbx_struct_sheet_hbond.range_1_label_asym_id 
_pdbx_struct_sheet_hbond.range_1_label_seq_id 
_pdbx_struct_sheet_hbond.range_1_PDB_ins_code 
_pdbx_struct_sheet_hbond.range_1_auth_atom_id 
_pdbx_struct_sheet_hbond.range_1_auth_comp_id 
_pdbx_struct_sheet_hbond.range_1_auth_asym_id 
_pdbx_struct_sheet_hbond.range_1_auth_seq_id 
_pdbx_struct_sheet_hbond.range_2_label_atom_id 
_pdbx_struct_sheet_hbond.range_2_label_comp_id 
_pdbx_struct_sheet_hbond.range_2_label_asym_id 
_pdbx_struct_sheet_hbond.range_2_label_seq_id 
_pdbx_struct_sheet_hbond.range_2_PDB_ins_code 
_pdbx_struct_sheet_hbond.range_2_auth_atom_id 
_pdbx_struct_sheet_hbond.range_2_auth_comp_id 
_pdbx_struct_sheet_hbond.range_2_auth_asym_id 
_pdbx_struct_sheet_hbond.range_2_auth_seq_id 
A 1 2 N MET A 21  ? N MET A 134 O ILE A 28  ? O ILE A 141 
A 2 3 N THR A 27  ? N THR A 140 O SER A 36  ? O SER A 149 
A 3 4 N VAL A 35  ? N VAL A 148 O ILE A 42  ? O ILE A 155 
B 1 2 N VAL A 106 ? N VAL A 219 O TYR A 114 ? O TYR A 227 
# 
loop_
_struct_site.id 
_struct_site.pdbx_evidence_code 
_struct_site.pdbx_auth_asym_id 
_struct_site.pdbx_auth_comp_id 
_struct_site.pdbx_auth_seq_id 
_struct_site.pdbx_auth_ins_code 
_struct_site.pdbx_num_residues 
_struct_site.details 
AC1 Software A SO4 101 ? 9 'BINDING SITE FOR RESIDUE SO4 A 101' 
AC2 Software A SO4 102 ? 6 'BINDING SITE FOR RESIDUE SO4 A 102' 
AC3 Software A SO4 103 ? 5 'BINDING SITE FOR RESIDUE SO4 A 103' 
# 
loop_
_struct_site_gen.id 
_struct_site_gen.site_id 
_struct_site_gen.pdbx_num_res 
_struct_site_gen.label_comp_id 
_struct_site_gen.label_asym_id 
_struct_site_gen.label_seq_id 
_struct_site_gen.pdbx_auth_ins_code 
_struct_site_gen.auth_comp_id 
_struct_site_gen.auth_asym_id 
_struct_site_gen.auth_seq_id 
_struct_site_gen.label_atom_id 
_struct_site_gen.label_alt_id 
_struct_site_gen.symmetry 
_struct_site_gen.details 
1  AC1 9 HOH E .   ? HOH A 6   . ? 1_555 ? 
2  AC1 9 HOH E .   ? HOH A 12  . ? 1_555 ? 
3  AC1 9 HOH E .   ? HOH A 33  . ? 1_555 ? 
4  AC1 9 LYS A 41  ? LYS A 154 . ? 3_654 ? 
5  AC1 9 THR A 64  ? THR A 177 . ? 1_555 ? 
6  AC1 9 ARG A 65  ? ARG A 178 . ? 1_555 ? 
7  AC1 9 GLU A 66  ? GLU A 179 . ? 1_555 ? 
8  AC1 9 VAL A 81  ? VAL A 194 . ? 1_555 ? 
9  AC1 9 VAL A 111 ? VAL A 224 . ? 1_555 ? 
10 AC2 6 HOH E .   ? HOH A 18  . ? 1_555 ? 
11 AC2 6 HOH E .   ? HOH A 38  . ? 1_555 ? 
12 AC2 6 GLY A 39  ? GLY A 152 . ? 1_655 ? 
13 AC2 6 ASP A 80  ? ASP A 193 . ? 1_555 ? 
14 AC2 6 ARG A 82  ? ARG A 195 . ? 1_555 ? 
15 AC2 6 THR A 83  ? THR A 196 . ? 1_555 ? 
16 AC3 5 HOH E .   ? HOH A 17  . ? 1_555 ? 
17 AC3 5 HOH E .   ? HOH A 51  . ? 4_555 ? 
18 AC3 5 TYR A 54  ? TYR A 167 . ? 4_555 ? 
19 AC3 5 HIS A 58  ? HIS A 171 . ? 4_555 ? 
20 AC3 5 SER A 98  ? SER A 211 . ? 1_555 ? 
# 
_atom_sites.entry_id                    2HWV 
_atom_sites.fract_transf_matrix[1][1]   0.00967588 
_atom_sites.fract_transf_matrix[1][2]   0.02571655 
_atom_sites.fract_transf_matrix[1][3]   0.00258577 
_atom_sites.fract_transf_matrix[2][1]   -0.02042126 
_atom_sites.fract_transf_matrix[2][2]   0.00929904 
_atom_sites.fract_transf_matrix[2][3]   -0.01606703 
_atom_sites.fract_transf_matrix[3][1]   -0.00776418 
_atom_sites.fract_transf_matrix[3][2]   0.00182295 
_atom_sites.fract_transf_matrix[3][3]   0.01092337 
_atom_sites.fract_transf_vector[1]      0.385924 
_atom_sites.fract_transf_vector[2]      -0.024479 
_atom_sites.fract_transf_vector[3]      -0.019089 
# 
loop_
_atom_type.symbol 
C 
N 
O 
S 
# 
loop_
_atom_site.group_PDB 
_atom_site.id 
_atom_site.type_symbol 
_atom_site.label_atom_id 
_atom_site.label_alt_id 
_atom_site.label_comp_id 
_atom_site.label_asym_id 
_atom_site.label_entity_id 
_atom_site.label_seq_id 
_atom_site.pdbx_PDB_ins_code 
_atom_site.Cartn_x 
_atom_site.Cartn_y 
_atom_site.Cartn_z 
_atom_site.occupancy 
_atom_site.B_iso_or_equiv 
_atom_site.pdbx_formal_charge 
_atom_site.auth_seq_id 
_atom_site.auth_comp_id 
_atom_site.auth_asym_id 
_atom_site.auth_atom_id 
_atom_site.pdbx_PDB_model_num 
ATOM   1   N N   . SER A 1 19  ? -10.516 -5.307  -10.121 1.00 23.44 ? 132 SER A N   1 
ATOM   2   C CA  . SER A 1 19  ? -9.552  -6.446  -10.214 1.00 23.05 ? 132 SER A CA  1 
ATOM   3   C C   . SER A 1 19  ? -9.515  -7.337  -8.964  1.00 21.92 ? 132 SER A C   1 
ATOM   4   O O   . SER A 1 19  ? -9.241  -6.849  -7.856  1.00 22.14 ? 132 SER A O   1 
ATOM   5   C CB  . SER A 1 19  ? -8.144  -5.928  -10.488 1.00 23.63 ? 132 SER A CB  1 
ATOM   6   O OG  . SER A 1 19  ? -7.615  -6.524  -11.667 1.00 26.73 ? 132 SER A OG  1 
ATOM   7   N N   . HIS A 1 20  ? -9.772  -8.633  -9.161  1.00 19.09 ? 133 HIS A N   1 
ATOM   8   C CA  . HIS A 1 20  ? -9.445  -9.650  -8.163  1.00 17.61 ? 133 HIS A CA  1 
ATOM   9   C C   . HIS A 1 20  ? -7.984  -10.022 -8.367  1.00 16.36 ? 133 HIS A C   1 
ATOM   10  O O   . HIS A 1 20  ? -7.582  -10.496 -9.455  1.00 14.09 ? 133 HIS A O   1 
ATOM   11  C CB  . HIS A 1 20  ? -10.278 -10.914 -8.349  1.00 17.13 ? 133 HIS A CB  1 
ATOM   12  C CG  . HIS A 1 20  ? -11.751 -10.709 -8.180  1.00 18.30 ? 133 HIS A CG  1 
ATOM   13  N ND1 . HIS A 1 20  ? -12.401 -10.916 -6.981  1.00 19.75 ? 133 HIS A ND1 1 
ATOM   14  C CD2 . HIS A 1 20  ? -12.702 -10.319 -9.063  1.00 19.74 ? 133 HIS A CD2 1 
ATOM   15  C CE1 . HIS A 1 20  ? -13.692 -10.682 -7.139  1.00 19.38 ? 133 HIS A CE1 1 
ATOM   16  N NE2 . HIS A 1 20  ? -13.900 -10.312 -8.391  1.00 19.40 ? 133 HIS A NE2 1 
ATOM   17  N N   . MET A 1 21  ? -7.208  -9.820  -7.319  1.00 16.38 ? 134 MET A N   1 
ATOM   18  C CA  . MET A 1 21  ? -5.770  -10.016 -7.373  1.00 17.20 ? 134 MET A CA  1 
ATOM   19  C C   . MET A 1 21  ? -5.306  -10.695 -6.099  1.00 15.70 ? 134 MET A C   1 
ATOM   20  O O   . MET A 1 21  ? -5.893  -10.496 -5.017  1.00 15.08 ? 134 MET A O   1 
ATOM   21  C CB  . MET A 1 21  ? -5.036  -8.673  -7.472  1.00 16.12 ? 134 MET A CB  1 
ATOM   22  C CG  . MET A 1 21  ? -5.225  -7.867  -8.736  1.00 21.25 ? 134 MET A CG  1 
ATOM   23  S SD  . MET A 1 21  ? -4.307  -6.310  -8.658  1.00 22.65 ? 134 MET A SD  1 
ATOM   24  C CE  . MET A 1 21  ? -5.254  -5.342  -7.467  1.00 25.64 ? 134 MET A CE  1 
ATOM   25  N N   . THR A 1 22  ? -4.238  -11.482 -6.227  1.00 14.25 ? 135 THR A N   1 
ATOM   26  C CA  . THR A 1 22  ? -3.499  -11.982 -5.076  1.00 13.44 ? 135 THR A CA  1 
ATOM   27  C C   . THR A 1 22  ? -2.053  -11.516 -5.156  1.00 12.35 ? 135 THR A C   1 
ATOM   28  O O   . THR A 1 22  ? -1.450  -11.449 -6.257  1.00 11.01 ? 135 THR A O   1 
ATOM   29  C CB  . THR A 1 22  ? -3.495  -13.536 -4.966  1.00 13.83 ? 135 THR A CB  1 
ATOM   30  O OG1 . THR A 1 22  ? -2.578  -14.083 -5.944  1.00 15.51 ? 135 THR A OG1 1 
ATOM   31  C CG2 . THR A 1 22  ? -4.900  -14.093 -5.187  1.00 15.75 ? 135 THR A CG2 1 
ATOM   32  N N   . ILE A 1 23  ? -1.501  -11.179 -4.002  1.00 10.94 ? 136 ILE A N   1 
ATOM   33  C CA  . ILE A 1 23  ? -0.089  -10.810 -3.893  1.00 11.27 ? 136 ILE A CA  1 
ATOM   34  C C   . ILE A 1 23  ? 0.383   -11.597 -2.697  1.00 10.81 ? 136 ILE A C   1 
ATOM   35  O O   . ILE A 1 23  ? 0.188   -11.166 -1.535  1.00 10.32 ? 136 ILE A O   1 
ATOM   36  C CB  . ILE A 1 23  ? 0.160   -9.298  -3.650  1.00 11.15 ? 136 ILE A CB  1 
ATOM   37  C CG1 . ILE A 1 23  ? -0.373  -8.456  -4.819  1.00 13.24 ? 136 ILE A CG1 1 
ATOM   38  C CG2 . ILE A 1 23  ? 1.650   -9.035  -3.496  1.00 11.96 ? 136 ILE A CG2 1 
ATOM   39  C CD1 . ILE A 1 23  ? -1.860  -8.094  -4.676  1.00 16.97 ? 136 ILE A CD1 1 
ATOM   40  N N   . GLY A 1 24  ? 0.987   -12.746 -2.977  1.00 10.75 ? 137 GLY A N   1 
ATOM   41  C CA  . GLY A 1 24  ? 1.303   -13.733 -1.913  1.00 10.98 ? 137 GLY A CA  1 
ATOM   42  C C   . GLY A 1 24  ? 0.061   -14.049 -1.092  1.00 11.48 ? 137 GLY A C   1 
ATOM   43  O O   . GLY A 1 24  ? -0.981  -14.426 -1.657  1.00 11.15 ? 137 GLY A O   1 
ATOM   44  N N   . ASP A 1 25  ? 0.140   -13.865 0.231   1.00 10.92 ? 138 ASP A N   1 
ATOM   45  C CA  . ASP A 1 25  ? -1.017  -14.151 1.128   1.00 12.24 ? 138 ASP A CA  1 
ATOM   46  C C   . ASP A 1 25  ? -2.116  -13.066 1.149   1.00 12.14 ? 138 ASP A C   1 
ATOM   47  O O   . ASP A 1 25  ? -3.141  -13.217 1.827   1.00 12.73 ? 138 ASP A O   1 
ATOM   48  C CB  . ASP A 1 25  ? -0.546  -14.386 2.568   1.00 11.47 ? 138 ASP A CB  1 
ATOM   49  C CG  . ASP A 1 25  ? 0.125   -15.727 2.757   1.00 15.64 ? 138 ASP A CG  1 
ATOM   50  O OD1 . ASP A 1 25  ? 0.040   -16.595 1.863   1.00 20.52 ? 138 ASP A OD1 1 
ATOM   51  O OD2 . ASP A 1 25  ? 0.787   -15.903 3.792   1.00 19.36 ? 138 ASP A OD2 1 
ATOM   52  N N   . LEU A 1 26  ? -1.901  -11.970 0.430   1.00 12.12 ? 139 LEU A N   1 
ATOM   53  C CA  . LEU A 1 26  ? -2.917  -10.919 0.349   1.00 11.69 ? 139 LEU A CA  1 
ATOM   54  C C   . LEU A 1 26  ? -3.826  -11.132 -0.846  1.00 12.46 ? 139 LEU A C   1 
ATOM   55  O O   . LEU A 1 26  ? -3.369  -11.475 -1.965  1.00 11.17 ? 139 LEU A O   1 
ATOM   56  C CB  . LEU A 1 26  ? -2.278  -9.536  0.207   1.00 11.57 ? 139 LEU A CB  1 
ATOM   57  C CG  . LEU A 1 26  ? -1.244  -9.167  1.257   1.00 11.84 ? 139 LEU A CG  1 
ATOM   58  C CD1 . LEU A 1 26  ? -0.732  -7.773  0.918   1.00 14.98 ? 139 LEU A CD1 1 
ATOM   59  C CD2 . LEU A 1 26  ? -1.889  -9.186  2.681   1.00 13.34 ? 139 LEU A CD2 1 
ATOM   60  N N   . THR A 1 27  ? -5.112  -10.914 -0.617  1.00 11.99 ? 140 THR A N   1 
ATOM   61  C CA  . THR A 1 27  ? -6.098  -10.996 -1.674  1.00 12.83 ? 140 THR A CA  1 
ATOM   62  C C   . THR A 1 27  ? -6.876  -9.689  -1.706  1.00 14.15 ? 140 THR A C   1 
ATOM   63  O O   . THR A 1 27  ? -7.440  -9.258  -0.701  1.00 13.96 ? 140 THR A O   1 
ATOM   64  C CB  . THR A 1 27  ? -7.013  -12.216 -1.492  1.00 12.46 ? 140 THR A CB  1 
ATOM   65  O OG1 . THR A 1 27  ? -6.229  -13.421 -1.647  1.00 12.79 ? 140 THR A OG1 1 
ATOM   66  C CG2 . THR A 1 27  ? -8.176  -12.186 -2.534  1.00 13.08 ? 140 THR A CG2 1 
ATOM   67  N N   . ILE A 1 28  ? -6.865  -9.045  -2.862  1.00 15.14 ? 141 ILE A N   1 
ATOM   68  C CA  . ILE A 1 28  ? -7.685  -7.852  -3.108  1.00 17.98 ? 141 ILE A CA  1 
ATOM   69  C C   . ILE A 1 28  ? -8.942  -8.275  -3.895  1.00 18.38 ? 141 ILE A C   1 
ATOM   70  O O   . ILE A 1 28  ? -8.872  -9.017  -4.896  1.00 17.48 ? 141 ILE A O   1 
ATOM   71  C CB  . ILE A 1 28  ? -6.879  -6.764  -3.820  1.00 18.37 ? 141 ILE A CB  1 
ATOM   72  C CG1 . ILE A 1 28  ? -5.723  -6.311  -2.927  1.00 18.96 ? 141 ILE A CG1 1 
ATOM   73  C CG2 . ILE A 1 28  ? -7.782  -5.584  -4.263  1.00 21.36 ? 141 ILE A CG2 1 
ATOM   74  C CD1 . ILE A 1 28  ? -4.592  -5.618  -3.647  1.00 20.87 ? 141 ILE A CD1 1 
ATOM   75  N N   . HIS A 1 29  ? -10.099 -7.885  -3.370  1.00 19.22 ? 142 HIS A N   1 
ATOM   76  C CA  . HIS A 1 29  ? -11.364 -8.035  -4.092  1.00 20.65 ? 142 HIS A CA  1 
ATOM   77  C C   . HIS A 1 29  ? -11.847 -6.616  -4.441  1.00 21.01 ? 142 HIS A C   1 
ATOM   78  O O   . HIS A 1 29  ? -11.463 -5.643  -3.777  1.00 21.16 ? 142 HIS A O   1 
ATOM   79  C CB  . HIS A 1 29  ? -12.419 -8.765  -3.235  1.00 20.59 ? 142 HIS A CB  1 
ATOM   80  C CG  . HIS A 1 29  ? -12.122 -10.217 -2.963  1.00 22.42 ? 142 HIS A CG  1 
ATOM   81  N ND1 . HIS A 1 29  ? -12.242 -11.201 -3.922  1.00 24.54 ? 142 HIS A ND1 1 
ATOM   82  C CD2 . HIS A 1 29  ? -11.765 -10.855 -1.822  1.00 23.43 ? 142 HIS A CD2 1 
ATOM   83  C CE1 . HIS A 1 29  ? -11.941 -12.378 -3.398  1.00 22.76 ? 142 HIS A CE1 1 
ATOM   84  N NE2 . HIS A 1 29  ? -11.653 -12.198 -2.121  1.00 24.78 ? 142 HIS A NE2 1 
ATOM   85  N N   . PRO A 1 30  ? -12.698 -6.477  -5.474  1.00 21.51 ? 143 PRO A N   1 
ATOM   86  C CA  . PRO A 1 30  ? -13.099 -5.106  -5.788  1.00 22.37 ? 143 PRO A CA  1 
ATOM   87  C C   . PRO A 1 30  ? -14.287 -4.582  -4.950  1.00 22.75 ? 143 PRO A C   1 
ATOM   88  O O   . PRO A 1 30  ? -14.603 -3.384  -5.030  1.00 23.39 ? 143 PRO A O   1 
ATOM   89  C CB  . PRO A 1 30  ? -13.507 -5.207  -7.260  1.00 22.64 ? 143 PRO A CB  1 
ATOM   90  C CG  . PRO A 1 30  ? -14.045 -6.598  -7.401  1.00 21.94 ? 143 PRO A CG  1 
ATOM   91  C CD  . PRO A 1 30  ? -13.341 -7.455  -6.371  1.00 21.62 ? 143 PRO A CD  1 
ATOM   92  N N   . ASP A 1 31  ? -14.918 -5.457  -4.157  1.00 22.56 ? 144 ASP A N   1 
ATOM   93  C CA  . ASP A 1 31  ? -16.190 -5.122  -3.491  1.00 22.26 ? 144 ASP A CA  1 
ATOM   94  C C   . ASP A 1 31  ? -16.114 -4.067  -2.377  1.00 21.00 ? 144 ASP A C   1 
ATOM   95  O O   . ASP A 1 31  ? -17.050 -3.278  -2.213  1.00 20.75 ? 144 ASP A O   1 
ATOM   96  C CB  . ASP A 1 31  ? -16.937 -6.372  -3.003  1.00 23.07 ? 144 ASP A CB  1 
ATOM   97  C CG  . ASP A 1 31  ? -16.063 -7.326  -2.219  1.00 27.31 ? 144 ASP A CG  1 
ATOM   98  O OD1 . ASP A 1 31  ? -15.300 -8.080  -2.867  1.00 31.12 ? 144 ASP A OD1 1 
ATOM   99  O OD2 . ASP A 1 31  ? -16.176 -7.370  -0.961  1.00 30.92 ? 144 ASP A OD2 1 
ATOM   100 N N   . ALA A 1 32  ? -14.993 -4.018  -1.650  1.00 19.09 ? 145 ALA A N   1 
ATOM   101 C CA  . ALA A 1 32  ? -14.940 -3.266  -0.392  1.00 17.75 ? 145 ALA A CA  1 
ATOM   102 C C   . ALA A 1 32  ? -13.571 -2.657  -0.125  1.00 17.10 ? 145 ALA A C   1 
ATOM   103 O O   . ALA A 1 32  ? -12.574 -3.057  -0.728  1.00 16.30 ? 145 ALA A O   1 
ATOM   104 C CB  . ALA A 1 32  ? -15.367 -4.180  0.783   1.00 18.34 ? 145 ALA A CB  1 
ATOM   105 N N   . TYR A 1 33  ? -13.537 -1.687  0.780   1.00 15.60 ? 146 TYR A N   1 
ATOM   106 C CA  . TYR A 1 33  ? -12.283 -1.086  1.213   1.00 15.37 ? 146 TYR A CA  1 
ATOM   107 C C   . TYR A 1 33  ? -11.710 -1.997  2.296   1.00 14.17 ? 146 TYR A C   1 
ATOM   108 O O   . TYR A 1 33  ? -11.931 -1.803  3.504   1.00 12.07 ? 146 TYR A O   1 
ATOM   109 C CB  . TYR A 1 33  ? -12.487 0.349   1.713   1.00 15.04 ? 146 TYR A CB  1 
ATOM   110 C CG  . TYR A 1 33  ? -12.994 1.302   0.653   1.00 17.17 ? 146 TYR A CG  1 
ATOM   111 C CD1 . TYR A 1 33  ? -14.330 1.701   0.632   1.00 20.41 ? 146 TYR A CD1 1 
ATOM   112 C CD2 . TYR A 1 33  ? -12.140 1.813   -0.325  1.00 17.29 ? 146 TYR A CD2 1 
ATOM   113 C CE1 . TYR A 1 33  ? -14.818 2.584   -0.352  1.00 20.22 ? 146 TYR A CE1 1 
ATOM   114 C CE2 . TYR A 1 33  ? -12.611 2.700   -1.308  1.00 19.13 ? 146 TYR A CE2 1 
ATOM   115 C CZ  . TYR A 1 33  ? -13.947 3.084   -1.311  1.00 18.68 ? 146 TYR A CZ  1 
ATOM   116 O OH  . TYR A 1 33  ? -14.424 3.969   -2.267  1.00 19.14 ? 146 TYR A OH  1 
ATOM   117 N N   . MET A 1 34  ? -11.006 -3.020  1.819   1.00 13.94 ? 147 MET A N   1 
ATOM   118 C CA  . MET A 1 34  ? -10.419 -4.048  2.670   1.00 14.93 ? 147 MET A CA  1 
ATOM   119 C C   . MET A 1 34  ? -9.373  -4.867  1.903   1.00 14.18 ? 147 MET A C   1 
ATOM   120 O O   . MET A 1 34  ? -9.276  -4.797  0.664   1.00 14.48 ? 147 MET A O   1 
ATOM   121 C CB  . MET A 1 34  ? -11.496 -4.985  3.269   1.00 15.76 ? 147 MET A CB  1 
ATOM   122 C CG  . MET A 1 34  ? -12.262 -5.817  2.258   1.00 16.71 ? 147 MET A CG  1 
ATOM   123 S SD  . MET A 1 34  ? -13.419 -7.018  2.974   1.00 16.88 ? 147 MET A SD  1 
ATOM   124 C CE  . MET A 1 34  ? -13.179 -8.357  1.800   1.00 20.27 ? 147 MET A CE  1 
ATOM   125 N N   . VAL A 1 35  ? -8.604  -5.641  2.655   1.00 13.18 ? 148 VAL A N   1 
ATOM   126 C CA  . VAL A 1 35  ? -7.750  -6.667  2.092   1.00 13.38 ? 148 VAL A CA  1 
ATOM   127 C C   . VAL A 1 35  ? -7.960  -7.932  2.944   1.00 13.07 ? 148 VAL A C   1 
ATOM   128 O O   . VAL A 1 35  ? -8.315  -7.873  4.129   1.00 12.09 ? 148 VAL A O   1 
ATOM   129 C CB  . VAL A 1 35  ? -6.247  -6.205  2.036   1.00 13.43 ? 148 VAL A CB  1 
ATOM   130 C CG1 . VAL A 1 35  ? -5.750  -5.813  3.434   1.00 15.35 ? 148 VAL A CG1 1 
ATOM   131 C CG2 . VAL A 1 35  ? -5.322  -7.262  1.420   1.00 13.47 ? 148 VAL A CG2 1 
ATOM   132 N N   . SER A 1 36  ? -7.804  -9.077  2.303   1.00 13.00 ? 149 SER A N   1 
ATOM   133 C CA  . SER A 1 36  ? -7.868  -10.361 2.984   1.00 13.66 ? 149 SER A CA  1 
ATOM   134 C C   . SER A 1 36  ? -6.466  -10.978 3.063   1.00 13.24 ? 149 SER A C   1 
ATOM   135 O O   . SER A 1 36  ? -5.654  -10.854 2.130   1.00 13.46 ? 149 SER A O   1 
ATOM   136 C CB  . SER A 1 36  ? -8.830  -11.268 2.255   1.00 13.33 ? 149 SER A CB  1 
ATOM   137 O OG  . SER A 1 36  ? -10.102 -10.620 2.180   1.00 17.98 ? 149 SER A OG  1 
ATOM   138 N N   . LYS A 1 37  ? -6.191  -11.622 4.191   1.00 12.96 ? 150 LYS A N   1 
ATOM   139 C CA  . LYS A 1 37  ? -4.898  -12.237 4.473   1.00 13.19 ? 150 LYS A CA  1 
ATOM   140 C C   . LYS A 1 37  ? -5.139  -13.534 5.228   1.00 13.01 ? 150 LYS A C   1 
ATOM   141 O O   . LYS A 1 37  ? -5.559  -13.533 6.413   1.00 10.92 ? 150 LYS A O   1 
ATOM   142 C CB  . LYS A 1 37  ? -4.022  -11.293 5.284   1.00 12.82 ? 150 LYS A CB  1 
ATOM   143 C CG  . LYS A 1 37  ? -2.582  -11.745 5.582   1.00 16.06 ? 150 LYS A CG  1 
ATOM   144 C CD  . LYS A 1 37  ? -2.265  -11.196 7.001   1.00 21.71 ? 150 LYS A CD  1 
ATOM   145 C CE  . LYS A 1 37  ? -0.868  -10.782 7.224   1.00 26.41 ? 150 LYS A CE  1 
ATOM   146 N NZ  . LYS A 1 37  ? -0.781  -10.186 8.621   1.00 25.30 ? 150 LYS A NZ  1 
ATOM   147 N N   . ARG A 1 38  ? -4.908  -14.645 4.531   1.00 12.99 ? 151 ARG A N   1 
ATOM   148 C CA  . ARG A 1 38  ? -5.064  -15.979 5.130   1.00 13.95 ? 151 ARG A CA  1 
ATOM   149 C C   . ARG A 1 38  ? -6.402  -16.164 5.848   1.00 13.35 ? 151 ARG A C   1 
ATOM   150 O O   . ARG A 1 38  ? -6.442  -16.676 6.976   1.00 13.67 ? 151 ARG A O   1 
ATOM   151 C CB  . ARG A 1 38  ? -3.906  -16.257 6.104   1.00 13.82 ? 151 ARG A CB  1 
ATOM   152 C CG  . ARG A 1 38  ? -2.535  -16.282 5.468   1.00 15.32 ? 151 ARG A CG  1 
ATOM   153 C CD  . ARG A 1 38  ? -1.446  -16.604 6.513   1.00 16.72 ? 151 ARG A CD  1 
ATOM   154 N NE  . ARG A 1 38  ? -0.248  -15.846 6.198   1.00 25.51 ? 151 ARG A NE  1 
ATOM   155 C CZ  . ARG A 1 38  ? 0.299   -14.894 6.954   1.00 25.84 ? 151 ARG A CZ  1 
ATOM   156 N NH1 . ARG A 1 38  ? -0.192  -14.559 8.155   1.00 23.47 ? 151 ARG A NH1 1 
ATOM   157 N NH2 . ARG A 1 38  ? 1.388   -14.297 6.498   1.00 30.14 ? 151 ARG A NH2 1 
ATOM   158 N N   . GLY A 1 39  ? -7.488  -15.744 5.193   1.00 13.07 ? 152 GLY A N   1 
ATOM   159 C CA  . GLY A 1 39  ? -8.829  -15.918 5.727   1.00 12.49 ? 152 GLY A CA  1 
ATOM   160 C C   . GLY A 1 39  ? -9.356  -14.842 6.665   1.00 11.92 ? 152 GLY A C   1 
ATOM   161 O O   . GLY A 1 39  ? -10.507 -14.917 7.111   1.00 13.01 ? 152 GLY A O   1 
ATOM   162 N N   . GLU A 1 40  ? -8.512  -13.863 6.960   1.00 10.91 ? 153 GLU A N   1 
ATOM   163 C CA  . GLU A 1 40  ? -8.870  -12.721 7.778   1.00 10.60 ? 153 GLU A CA  1 
ATOM   164 C C   . GLU A 1 40  ? -9.157  -11.527 6.882   1.00 10.37 ? 153 GLU A C   1 
ATOM   165 O O   . GLU A 1 40  ? -8.368  -11.252 5.965   1.00 10.82 ? 153 GLU A O   1 
ATOM   166 C CB  . GLU A 1 40  ? -7.702  -12.419 8.713   1.00 10.20 ? 153 GLU A CB  1 
ATOM   167 C CG  . GLU A 1 40  ? -7.833  -11.151 9.498   1.00 10.77 ? 153 GLU A CG  1 
ATOM   168 C CD  . GLU A 1 40  ? -6.654  -10.947 10.438  1.00 14.54 ? 153 GLU A CD  1 
ATOM   169 O OE1 . GLU A 1 40  ? -6.536  -11.733 11.403  1.00 12.16 ? 153 GLU A OE1 1 
ATOM   170 O OE2 . GLU A 1 40  ? -5.875  -9.993  10.211  1.00 15.24 ? 153 GLU A OE2 1 
ATOM   171 N N   . LYS A 1 41  ? -10.281 -10.841 7.116   1.00 9.42  ? 154 LYS A N   1 
ATOM   172 C CA  . LYS A 1 41  ? -10.563 -9.580  6.408   1.00 9.70  ? 154 LYS A CA  1 
ATOM   173 C C   . LYS A 1 41  ? -10.192 -8.383  7.262   1.00 9.73  ? 154 LYS A C   1 
ATOM   174 O O   . LYS A 1 41  ? -10.557 -8.310  8.426   1.00 9.47  ? 154 LYS A O   1 
ATOM   175 C CB  . LYS A 1 41  ? -12.036 -9.477  5.971   1.00 8.73  ? 154 LYS A CB  1 
ATOM   176 C CG  . LYS A 1 41  ? -12.447 -10.655 5.062   1.00 10.04 ? 154 LYS A CG  1 
ATOM   177 C CD  . LYS A 1 41  ? -13.947 -10.624 4.772   1.00 12.27 ? 154 LYS A CD  1 
ATOM   178 C CE  . LYS A 1 41  ? -14.356 -11.941 4.098   1.00 15.94 ? 154 LYS A CE  1 
ATOM   179 N NZ  . LYS A 1 41  ? -15.801 -11.978 3.847   1.00 21.21 ? 154 LYS A NZ  1 
ATOM   180 N N   . ILE A 1 42  ? -9.481  -7.449  6.651   1.00 9.52  ? 155 ILE A N   1 
ATOM   181 C CA  . ILE A 1 42  ? -8.928  -6.308  7.346   1.00 10.41 ? 155 ILE A CA  1 
ATOM   182 C C   . ILE A 1 42  ? -9.454  -5.041  6.672   1.00 9.89  ? 155 ILE A C   1 
ATOM   183 O O   . ILE A 1 42  ? -9.205  -4.806  5.474   1.00 8.75  ? 155 ILE A O   1 
ATOM   184 C CB  . ILE A 1 42  ? -7.380  -6.326  7.313   1.00 10.84 ? 155 ILE A CB  1 
ATOM   185 C CG1 . ILE A 1 42  ? -6.842  -7.636  7.916   1.00 11.30 ? 155 ILE A CG1 1 
ATOM   186 C CG2 . ILE A 1 42  ? -6.806  -5.058  8.020   1.00 12.59 ? 155 ILE A CG2 1 
ATOM   187 C CD1 . ILE A 1 42  ? -5.553  -8.130  7.248   1.00 14.53 ? 155 ILE A CD1 1 
ATOM   188 N N   . GLU A 1 43  ? -10.206 -4.261  7.435   1.00 9.80  ? 156 GLU A N   1 
ATOM   189 C CA  . GLU A 1 43  ? -10.724 -3.002  6.925   1.00 11.22 ? 156 GLU A CA  1 
ATOM   190 C C   . GLU A 1 43  ? -9.628  -1.975  6.666   1.00 11.49 ? 156 GLU A C   1 
ATOM   191 O O   . GLU A 1 43  ? -8.688  -1.797  7.467   1.00 11.95 ? 156 GLU A O   1 
ATOM   192 C CB  . GLU A 1 43  ? -11.790 -2.412  7.839   1.00 11.54 ? 156 GLU A CB  1 
ATOM   193 C CG  . GLU A 1 43  ? -12.394 -1.125  7.277   1.00 11.54 ? 156 GLU A CG  1 
ATOM   194 C CD  . GLU A 1 43  ? -13.653 -0.697  7.982   1.00 14.14 ? 156 GLU A CD  1 
ATOM   195 O OE1 . GLU A 1 43  ? -13.604 -0.535  9.215   1.00 11.80 ? 156 GLU A OE1 1 
ATOM   196 O OE2 . GLU A 1 43  ? -14.676 -0.480  7.293   1.00 14.10 ? 156 GLU A OE2 1 
ATOM   197 N N   . LEU A 1 44  ? -9.762  -1.304  5.530   1.00 12.19 ? 157 LEU A N   1 
ATOM   198 C CA  . LEU A 1 44  ? -8.876  -0.191  5.179   1.00 12.22 ? 157 LEU A CA  1 
ATOM   199 C C   . LEU A 1 44  ? -9.680  1.084   5.000   1.00 13.08 ? 157 LEU A C   1 
ATOM   200 O O   . LEU A 1 44  ? -10.846 1.030   4.611   1.00 12.55 ? 157 LEU A O   1 
ATOM   201 C CB  . LEU A 1 44  ? -8.095  -0.526  3.897   1.00 13.12 ? 157 LEU A CB  1 
ATOM   202 C CG  . LEU A 1 44  ? -7.232  -1.793  3.886   1.00 12.14 ? 157 LEU A CG  1 
ATOM   203 C CD1 . LEU A 1 44  ? -6.627  -2.047  2.511   1.00 15.16 ? 157 LEU A CD1 1 
ATOM   204 C CD2 . LEU A 1 44  ? -6.146  -1.674  4.923   1.00 15.19 ? 157 LEU A CD2 1 
ATOM   205 N N   . THR A 1 45  ? -9.082  2.228   5.321   1.00 13.85 ? 158 THR A N   1 
ATOM   206 C CA  . THR A 1 45  ? -9.671  3.501   4.933   1.00 15.56 ? 158 THR A CA  1 
ATOM   207 C C   . THR A 1 45  ? -9.668  3.657   3.389   1.00 16.30 ? 158 THR A C   1 
ATOM   208 O O   . THR A 1 45  ? -9.039  2.859   2.661   1.00 15.57 ? 158 THR A O   1 
ATOM   209 C CB  . THR A 1 45  ? -8.922  4.691   5.592   1.00 15.45 ? 158 THR A CB  1 
ATOM   210 O OG1 . THR A 1 45  ? -7.637  4.861   4.971   1.00 13.99 ? 158 THR A OG1 1 
ATOM   211 C CG2 . THR A 1 45  ? -8.758  4.459   7.104   1.00 15.81 ? 158 THR A CG2 1 
ATOM   212 N N   . HIS A 1 46  ? -10.383 4.666   2.890   1.00 17.82 ? 159 HIS A N   1 
ATOM   213 C CA  . HIS A 1 46  ? -10.385 4.951   1.456   1.00 19.43 ? 159 HIS A CA  1 
ATOM   214 C C   . HIS A 1 46  ? -8.965  5.146   0.937   1.00 19.29 ? 159 HIS A C   1 
ATOM   215 O O   . HIS A 1 46  ? -8.580  4.518   -0.052  1.00 19.40 ? 159 HIS A O   1 
ATOM   216 C CB  . HIS A 1 46  ? -11.275 6.163   1.114   1.00 20.35 ? 159 HIS A CB  1 
ATOM   217 C CG  . HIS A 1 46  ? -12.740 5.860   1.138   1.00 22.84 ? 159 HIS A CG  1 
ATOM   218 N ND1 . HIS A 1 46  ? -13.666 6.588   0.419   1.00 27.59 ? 159 HIS A ND1 1 
ATOM   219 C CD2 . HIS A 1 46  ? -13.442 4.896   1.783   1.00 24.66 ? 159 HIS A CD2 1 
ATOM   220 C CE1 . HIS A 1 46  ? -14.875 6.096   0.630   1.00 26.50 ? 159 HIS A CE1 1 
ATOM   221 N NE2 . HIS A 1 46  ? -14.767 5.066   1.451   1.00 26.61 ? 159 HIS A NE2 1 
ATOM   222 N N   . ARG A 1 47  ? -8.184  6.000   1.604   1.00 19.27 ? 160 ARG A N   1 
ATOM   223 C CA  . ARG A 1 47  ? -6.795  6.268   1.199   1.00 19.51 ? 160 ARG A CA  1 
ATOM   224 C C   . ARG A 1 47  ? -5.887  5.033   1.297   1.00 18.06 ? 160 ARG A C   1 
ATOM   225 O O   . ARG A 1 47  ? -5.059  4.802   0.425   1.00 16.69 ? 160 ARG A O   1 
ATOM   226 C CB  . ARG A 1 47  ? -6.172  7.398   2.038   1.00 20.11 ? 160 ARG A CB  1 
ATOM   227 C CG  . ARG A 1 47  ? -6.776  8.758   1.772   1.00 23.41 ? 160 ARG A CG  1 
ATOM   228 C CD  . ARG A 1 47  ? -6.314  9.272   0.428   1.00 26.62 ? 160 ARG A CD  1 
ATOM   229 N NE  . ARG A 1 47  ? -6.761  10.641  0.197   1.00 31.10 ? 160 ARG A NE  1 
ATOM   230 C CZ  . ARG A 1 47  ? -7.675  10.992  -0.701  1.00 34.36 ? 160 ARG A CZ  1 
ATOM   231 N NH1 . ARG A 1 47  ? -8.260  10.069  -1.461  1.00 37.32 ? 160 ARG A NH1 1 
ATOM   232 N NH2 . ARG A 1 47  ? -8.013  12.271  -0.837  1.00 36.51 ? 160 ARG A NH2 1 
ATOM   233 N N   . GLU A 1 48  ? -6.029  4.273   2.377   1.00 17.09 ? 161 GLU A N   1 
ATOM   234 C CA  . GLU A 1 48  ? -5.199  3.074   2.576   1.00 16.84 ? 161 GLU A CA  1 
ATOM   235 C C   . GLU A 1 48  ? -5.438  2.110   1.414   1.00 15.92 ? 161 GLU A C   1 
ATOM   236 O O   . GLU A 1 48  ? -4.481  1.635   0.782   1.00 15.36 ? 161 GLU A O   1 
ATOM   237 C CB  . GLU A 1 48  ? -5.459  2.425   3.936   1.00 16.64 ? 161 GLU A CB  1 
ATOM   238 C CG  . GLU A 1 48  ? -4.963  3.259   5.145   1.00 16.90 ? 161 GLU A CG  1 
ATOM   239 C CD  . GLU A 1 48  ? -5.509  2.781   6.504   1.00 18.21 ? 161 GLU A CD  1 
ATOM   240 O OE1 . GLU A 1 48  ? -6.309  1.820   6.558   1.00 16.80 ? 161 GLU A OE1 1 
ATOM   241 O OE2 . GLU A 1 48  ? -5.135  3.389   7.528   1.00 17.32 ? 161 GLU A OE2 1 
ATOM   242 N N   . PHE A 1 49  ? -6.713  1.902   1.093   1.00 14.99 ? 162 PHE A N   1 
ATOM   243 C CA  . PHE A 1 49  ? -7.104  1.020   0.002   1.00 15.11 ? 162 PHE A CA  1 
ATOM   244 C C   . PHE A 1 49  ? -6.600  1.518   -1.356  1.00 14.42 ? 162 PHE A C   1 
ATOM   245 O O   . PHE A 1 49  ? -6.029  0.754   -2.115  1.00 14.46 ? 162 PHE A O   1 
ATOM   246 C CB  . PHE A 1 49  ? -8.614  0.817   -0.060  1.00 14.38 ? 162 PHE A CB  1 
ATOM   247 C CG  . PHE A 1 49  ? -9.034  -0.139  -1.137  1.00 15.34 ? 162 PHE A CG  1 
ATOM   248 C CD1 . PHE A 1 49  ? -9.029  -1.517  -0.903  1.00 15.83 ? 162 PHE A CD1 1 
ATOM   249 C CD2 . PHE A 1 49  ? -9.403  0.327   -2.396  1.00 17.99 ? 162 PHE A CD2 1 
ATOM   250 C CE1 . PHE A 1 49  ? -9.397  -2.416  -1.891  1.00 15.75 ? 162 PHE A CE1 1 
ATOM   251 C CE2 . PHE A 1 49  ? -9.791  -0.585  -3.403  1.00 16.35 ? 162 PHE A CE2 1 
ATOM   252 C CZ  . PHE A 1 49  ? -9.775  -1.953  -3.140  1.00 15.92 ? 162 PHE A CZ  1 
ATOM   253 N N   . GLU A 1 50  ? -6.831  2.791   -1.640  1.00 15.18 ? 163 GLU A N   1 
ATOM   254 C CA  . GLU A 1 50  ? -6.401  3.399   -2.905  1.00 16.30 ? 163 GLU A CA  1 
ATOM   255 C C   . GLU A 1 50  ? -4.883  3.283   -3.095  1.00 15.39 ? 163 GLU A C   1 
ATOM   256 O O   . GLU A 1 50  ? -4.426  2.988   -4.176  1.00 15.07 ? 163 GLU A O   1 
ATOM   257 C CB  . GLU A 1 50  ? -6.837  4.862   -2.954  1.00 16.98 ? 163 GLU A CB  1 
ATOM   258 C CG  . GLU A 1 50  ? -8.350  5.022   -3.040  1.00 21.06 ? 163 GLU A CG  1 
ATOM   259 C CD  . GLU A 1 50  ? -8.839  6.427   -2.718  1.00 27.99 ? 163 GLU A CD  1 
ATOM   260 O OE1 . GLU A 1 50  ? -8.110  7.235   -2.073  1.00 30.74 ? 163 GLU A OE1 1 
ATOM   261 O OE2 . GLU A 1 50  ? -9.980  6.724   -3.125  1.00 32.11 ? 163 GLU A OE2 1 
ATOM   262 N N   . LEU A 1 51  ? -4.130  3.528   -2.026  1.00 15.05 ? 164 LEU A N   1 
ATOM   263 C CA  . LEU A 1 51  ? -2.675  3.414   -2.041  1.00 15.03 ? 164 LEU A CA  1 
ATOM   264 C C   . LEU A 1 51  ? -2.273  1.956   -2.314  1.00 14.92 ? 164 LEU A C   1 
ATOM   265 O O   . LEU A 1 51  ? -1.480  1.689   -3.215  1.00 13.57 ? 164 LEU A O   1 
ATOM   266 C CB  . LEU A 1 51  ? -2.088  3.882   -0.705  1.00 14.99 ? 164 LEU A CB  1 
ATOM   267 C CG  . LEU A 1 51  ? -0.569  3.763   -0.567  1.00 14.47 ? 164 LEU A CG  1 
ATOM   268 C CD1 . LEU A 1 51  ? 0.190   4.507   -1.692  1.00 16.17 ? 164 LEU A CD1 1 
ATOM   269 C CD2 . LEU A 1 51  ? -0.169  4.229   0.820   1.00 16.05 ? 164 LEU A CD2 1 
ATOM   270 N N   . LEU A 1 52  ? -2.840  1.028   -1.536  1.00 14.50 ? 165 LEU A N   1 
ATOM   271 C CA  . LEU A 1 52  ? -2.516  -0.405  -1.681  1.00 14.13 ? 165 LEU A CA  1 
ATOM   272 C C   . LEU A 1 52  ? -2.838  -0.910  -3.081  1.00 14.22 ? 165 LEU A C   1 
ATOM   273 O O   . LEU A 1 52  ? -2.025  -1.593  -3.709  1.00 12.91 ? 165 LEU A O   1 
ATOM   274 C CB  . LEU A 1 52  ? -3.261  -1.247  -0.642  1.00 14.61 ? 165 LEU A CB  1 
ATOM   275 C CG  . LEU A 1 52  ? -2.980  -2.761  -0.654  1.00 15.90 ? 165 LEU A CG  1 
ATOM   276 C CD1 . LEU A 1 52  ? -1.517  -3.029  -0.307  1.00 18.17 ? 165 LEU A CD1 1 
ATOM   277 C CD2 . LEU A 1 52  ? -3.897  -3.472  0.316   1.00 14.12 ? 165 LEU A CD2 1 
ATOM   278 N N   . TYR A 1 53  ? -4.040  -0.571  -3.559  1.00 14.46 ? 166 TYR A N   1 
ATOM   279 C CA  . TYR A 1 53  ? -4.475  -0.990  -4.874  1.00 15.23 ? 166 TYR A CA  1 
ATOM   280 C C   . TYR A 1 53  ? -3.574  -0.396  -5.960  1.00 15.16 ? 166 TYR A C   1 
ATOM   281 O O   . TYR A 1 53  ? -3.208  -1.087  -6.911  1.00 14.65 ? 166 TYR A O   1 
ATOM   282 C CB  . TYR A 1 53  ? -5.925  -0.575  -5.092  1.00 16.97 ? 166 TYR A CB  1 
ATOM   283 C CG  . TYR A 1 53  ? -6.531  -1.171  -6.318  1.00 19.23 ? 166 TYR A CG  1 
ATOM   284 C CD1 . TYR A 1 53  ? -7.138  -2.427  -6.266  1.00 21.27 ? 166 TYR A CD1 1 
ATOM   285 C CD2 . TYR A 1 53  ? -6.512  -0.490  -7.521  1.00 21.00 ? 166 TYR A CD2 1 
ATOM   286 C CE1 . TYR A 1 53  ? -7.700  -2.990  -7.379  1.00 22.76 ? 166 TYR A CE1 1 
ATOM   287 C CE2 . TYR A 1 53  ? -7.090  -1.054  -8.669  1.00 23.44 ? 166 TYR A CE2 1 
ATOM   288 C CZ  . TYR A 1 53  ? -7.671  -2.307  -8.578  1.00 21.46 ? 166 TYR A CZ  1 
ATOM   289 O OH  . TYR A 1 53  ? -8.253  -2.888  -9.673  1.00 21.82 ? 166 TYR A OH  1 
ATOM   290 N N   . TYR A 1 54  ? -3.236  0.891   -5.821  1.00 14.82 ? 167 TYR A N   1 
ATOM   291 C CA  . TYR A 1 54  ? -2.344  1.527   -6.749  1.00 14.99 ? 167 TYR A CA  1 
ATOM   292 C C   . TYR A 1 54  ? -0.984  0.839   -6.781  1.00 15.20 ? 167 TYR A C   1 
ATOM   293 O O   . TYR A 1 54  ? -0.458  0.585   -7.851  1.00 15.88 ? 167 TYR A O   1 
ATOM   294 C CB  . TYR A 1 54  ? -2.203  3.049   -6.495  1.00 15.33 ? 167 TYR A CB  1 
ATOM   295 C CG  . TYR A 1 54  ? -1.393  3.718   -7.591  1.00 15.41 ? 167 TYR A CG  1 
ATOM   296 C CD1 . TYR A 1 54  ? -1.972  4.002   -8.824  1.00 17.56 ? 167 TYR A CD1 1 
ATOM   297 C CD2 . TYR A 1 54  ? -0.042  4.024   -7.405  1.00 17.02 ? 167 TYR A CD2 1 
ATOM   298 C CE1 . TYR A 1 54  ? -1.241  4.591   -9.852  1.00 17.54 ? 167 TYR A CE1 1 
ATOM   299 C CE2 . TYR A 1 54  ? 0.717   4.625   -8.446  1.00 17.59 ? 167 TYR A CE2 1 
ATOM   300 C CZ  . TYR A 1 54  ? 0.096   4.893   -9.660  1.00 16.54 ? 167 TYR A CZ  1 
ATOM   301 O OH  . TYR A 1 54  ? 0.784   5.487   -10.699 1.00 18.57 ? 167 TYR A OH  1 
ATOM   302 N N   . LEU A 1 55  ? -0.418  0.536   -5.619  1.00 14.53 ? 168 LEU A N   1 
ATOM   303 C CA  . LEU A 1 55  ? 0.863   -0.177  -5.569  1.00 14.58 ? 168 LEU A CA  1 
ATOM   304 C C   . LEU A 1 55  ? 0.742   -1.603  -6.157  1.00 14.45 ? 168 LEU A C   1 
ATOM   305 O O   . LEU A 1 55  ? 1.630   -2.056  -6.889  1.00 14.76 ? 168 LEU A O   1 
ATOM   306 C CB  . LEU A 1 55  ? 1.384   -0.213  -4.130  1.00 13.35 ? 168 LEU A CB  1 
ATOM   307 C CG  . LEU A 1 55  ? 1.796   1.156   -3.523  1.00 16.51 ? 168 LEU A CG  1 
ATOM   308 C CD1 . LEU A 1 55  ? 2.157   0.993   -2.072  1.00 13.53 ? 168 LEU A CD1 1 
ATOM   309 C CD2 . LEU A 1 55  ? 2.978   1.782   -4.251  1.00 15.60 ? 168 LEU A CD2 1 
ATOM   310 N N   . ALA A 1 56  ? -0.362  -2.272  -5.862  1.00 13.88 ? 169 ALA A N   1 
ATOM   311 C CA  . ALA A 1 56  ? -0.693  -3.573  -6.496  1.00 15.50 ? 169 ALA A CA  1 
ATOM   312 C C   . ALA A 1 56  ? -0.721  -3.511  -8.032  1.00 15.78 ? 169 ALA A C   1 
ATOM   313 O O   . ALA A 1 56  ? -0.168  -4.387  -8.685  1.00 15.78 ? 169 ALA A O   1 
ATOM   314 C CB  . ALA A 1 56  ? -1.991  -4.109  -5.965  1.00 13.49 ? 169 ALA A CB  1 
ATOM   315 N N   . LYS A 1 57  ? -1.322  -2.462  -8.603  1.00 17.44 ? 170 LYS A N   1 
ATOM   316 C CA  . LYS A 1 57  ? -1.326  -2.282  -10.083 1.00 18.11 ? 170 LYS A CA  1 
ATOM   317 C C   . LYS A 1 57  ? 0.076   -2.123  -10.638 1.00 17.93 ? 170 LYS A C   1 
ATOM   318 O O   . LYS A 1 57  ? 0.360   -2.534  -11.761 1.00 18.44 ? 170 LYS A O   1 
ATOM   319 C CB  . LYS A 1 57  ? -2.192  -1.086  -10.533 1.00 18.61 ? 170 LYS A CB  1 
ATOM   320 C CG  . LYS A 1 57  ? -3.694  -1.321  -10.378 1.00 19.88 ? 170 LYS A CG  1 
ATOM   321 C CD  . LYS A 1 57  ? -4.402  -2.023  -11.582 1.00 23.96 ? 170 LYS A CD  1 
ATOM   322 C CE  . LYS A 1 57  ? -3.482  -2.677  -12.639 1.00 24.01 ? 170 LYS A CE  1 
ATOM   323 N NZ  . LYS A 1 57  ? -3.276  -1.832  -13.863 1.00 26.38 ? 170 LYS A NZ  1 
ATOM   324 N N   . HIS A 1 58  ? 0.948   -1.559  -9.816  1.00 16.29 ? 171 HIS A N   1 
ATOM   325 C CA  . HIS A 1 58  ? 2.312   -1.267  -10.172 1.00 16.47 ? 171 HIS A CA  1 
ATOM   326 C C   . HIS A 1 58  ? 3.238   -2.141  -9.360  1.00 15.47 ? 171 HIS A C   1 
ATOM   327 O O   . HIS A 1 58  ? 4.264   -1.691  -8.859  1.00 14.71 ? 171 HIS A O   1 
ATOM   328 C CB  . HIS A 1 58  ? 2.590   0.224   -9.931  1.00 17.15 ? 171 HIS A CB  1 
ATOM   329 C CG  . HIS A 1 58  ? 1.792   1.122   -10.824 1.00 20.12 ? 171 HIS A CG  1 
ATOM   330 N ND1 . HIS A 1 58  ? 0.444   1.352   -10.637 1.00 23.31 ? 171 HIS A ND1 1 
ATOM   331 C CD2 . HIS A 1 58  ? 2.137   1.800   -11.945 1.00 22.59 ? 171 HIS A CD2 1 
ATOM   332 C CE1 . HIS A 1 58  ? -0.007  2.127   -11.608 1.00 23.80 ? 171 HIS A CE1 1 
ATOM   333 N NE2 . HIS A 1 58  ? 1.005   2.431   -12.401 1.00 24.26 ? 171 HIS A NE2 1 
ATOM   334 N N   . ILE A 1 59  ? 2.837   -3.410  -9.218  1.00 14.99 ? 172 ILE A N   1 
ATOM   335 C CA  . ILE A 1 59  ? 3.564   -4.386  -8.406  1.00 14.27 ? 172 ILE A CA  1 
ATOM   336 C C   . ILE A 1 59  ? 5.060   -4.394  -8.752  1.00 14.15 ? 172 ILE A C   1 
ATOM   337 O O   . ILE A 1 59  ? 5.432   -4.393  -9.922  1.00 12.86 ? 172 ILE A O   1 
ATOM   338 C CB  . ILE A 1 59  ? 2.934   -5.826  -8.566  1.00 13.94 ? 172 ILE A CB  1 
ATOM   339 C CG1 . ILE A 1 59  ? 3.701   -6.858  -7.738  1.00 15.17 ? 172 ILE A CG1 1 
ATOM   340 C CG2 . ILE A 1 59  ? 2.848   -6.236  -10.053 1.00 13.52 ? 172 ILE A CG2 1 
ATOM   341 C CD1 . ILE A 1 59  ? 3.119   -7.111  -6.406  1.00 19.11 ? 172 ILE A CD1 1 
ATOM   342 N N   . GLY A 1 60  ? 5.894   -4.386  -7.716  1.00 14.53 ? 173 GLY A N   1 
ATOM   343 C CA  . GLY A 1 60  ? 7.347   -4.300  -7.831  1.00 16.01 ? 173 GLY A CA  1 
ATOM   344 C C   . GLY A 1 60  ? 7.942   -3.059  -8.483  1.00 17.15 ? 173 GLY A C   1 
ATOM   345 O O   . GLY A 1 60  ? 9.147   -3.041  -8.756  1.00 18.08 ? 173 GLY A O   1 
ATOM   346 N N   . GLN A 1 61  ? 7.106   -2.063  -8.794  1.00 17.68 ? 174 GLN A N   1 
ATOM   347 C CA  . GLN A 1 61  ? 7.575   -0.756  -9.298  1.00 17.98 ? 174 GLN A CA  1 
ATOM   348 C C   . GLN A 1 61  ? 7.720   0.205   -8.115  1.00 17.11 ? 174 GLN A C   1 
ATOM   349 O O   . GLN A 1 61  ? 6.792   0.355   -7.312  1.00 15.49 ? 174 GLN A O   1 
ATOM   350 C CB  . GLN A 1 61  ? 6.602   -0.140  -10.329 1.00 18.25 ? 174 GLN A CB  1 
ATOM   351 C CG  . GLN A 1 61  ? 6.170   -1.039  -11.530 1.00 19.75 ? 174 GLN A CG  1 
ATOM   352 C CD  . GLN A 1 61  ? 5.207   -0.330  -12.487 1.00 20.21 ? 174 GLN A CD  1 
ATOM   353 O OE1 . GLN A 1 61  ? 5.465   0.788   -12.948 1.00 27.26 ? 174 GLN A OE1 1 
ATOM   354 N NE2 . GLN A 1 61  ? 4.098   -0.984  -12.801 1.00 24.96 ? 174 GLN A NE2 1 
ATOM   355 N N   . VAL A 1 62  ? 8.882   0.848   -8.001  1.00 16.96 ? 175 VAL A N   1 
ATOM   356 C CA  . VAL A 1 62  ? 9.097   1.837   -6.938  1.00 17.00 ? 175 VAL A CA  1 
ATOM   357 C C   . VAL A 1 62  ? 8.364   3.122   -7.294  1.00 16.63 ? 175 VAL A C   1 
ATOM   358 O O   . VAL A 1 62  ? 8.550   3.656   -8.387  1.00 16.18 ? 175 VAL A O   1 
ATOM   359 C CB  . VAL A 1 62  ? 10.594  2.123   -6.688  1.00 17.13 ? 175 VAL A CB  1 
ATOM   360 C CG1 . VAL A 1 62  ? 10.757  3.217   -5.606  1.00 18.74 ? 175 VAL A CG1 1 
ATOM   361 C CG2 . VAL A 1 62  ? 11.298  0.845   -6.241  1.00 17.39 ? 175 VAL A CG2 1 
ATOM   362 N N   . MET A 1 63  ? 7.509   3.588   -6.379  1.00 16.11 ? 176 MET A N   1 
ATOM   363 C CA  . MET A 1 63  ? 6.757   4.814   -6.553  1.00 16.05 ? 176 MET A CA  1 
ATOM   364 C C   . MET A 1 63  ? 7.235   5.857   -5.562  1.00 15.09 ? 176 MET A C   1 
ATOM   365 O O   . MET A 1 63  ? 7.210   5.624   -4.351  1.00 14.53 ? 176 MET A O   1 
ATOM   366 C CB  . MET A 1 63  ? 5.255   4.560   -6.364  1.00 16.53 ? 176 MET A CB  1 
ATOM   367 C CG  . MET A 1 63  ? 4.721   3.463   -7.265  1.00 18.32 ? 176 MET A CG  1 
ATOM   368 S SD  . MET A 1 63  ? 4.240   4.161   -8.838  1.00 24.03 ? 176 MET A SD  1 
ATOM   369 C CE  . MET A 1 63  ? 5.286   3.197   -9.909  1.00 25.04 ? 176 MET A CE  1 
ATOM   370 N N   . THR A 1 64  ? 7.645   7.016   -6.075  1.00 14.68 ? 177 THR A N   1 
ATOM   371 C CA  . THR A 1 64  ? 8.053   8.129   -5.207  1.00 14.13 ? 177 THR A CA  1 
ATOM   372 C C   . THR A 1 64  ? 6.848   8.683   -4.424  1.00 14.23 ? 177 THR A C   1 
ATOM   373 O O   . THR A 1 64  ? 5.684   8.539   -4.852  1.00 13.11 ? 177 THR A O   1 
ATOM   374 C CB  . THR A 1 64  ? 8.700   9.268   -6.032  1.00 14.13 ? 177 THR A CB  1 
ATOM   375 O OG1 . THR A 1 64  ? 7.675   9.945   -6.785  1.00 13.88 ? 177 THR A OG1 1 
ATOM   376 C CG2 . THR A 1 64  ? 9.783   8.715   -6.950  1.00 14.27 ? 177 THR A CG2 1 
ATOM   377 N N   . ARG A 1 65  ? 7.130   9.342   -3.302  1.00 13.61 ? 178 ARG A N   1 
ATOM   378 C CA  . ARG A 1 65  ? 6.082   9.942   -2.474  1.00 14.35 ? 178 ARG A CA  1 
ATOM   379 C C   . ARG A 1 65  ? 5.319   11.037  -3.213  1.00 13.81 ? 178 ARG A C   1 
ATOM   380 O O   . ARG A 1 65  ? 4.112   11.137  -3.071  1.00 12.81 ? 178 ARG A O   1 
ATOM   381 C CB  . ARG A 1 65  ? 6.647   10.464  -1.152  1.00 13.15 ? 178 ARG A CB  1 
ATOM   382 C CG  . ARG A 1 65  ? 7.358   9.394   -0.350  1.00 15.84 ? 178 ARG A CG  1 
ATOM   383 C CD  . ARG A 1 65  ? 8.718   10.006  0.071   1.00 23.70 ? 178 ARG A CD  1 
ATOM   384 N NE  . ARG A 1 65  ? 8.645   10.432  1.440   1.00 25.14 ? 178 ARG A NE  1 
ATOM   385 C CZ  . ARG A 1 65  ? 9.464   11.274  2.060   1.00 22.69 ? 178 ARG A CZ  1 
ATOM   386 N NH1 . ARG A 1 65  ? 10.464  11.901  1.445   1.00 21.74 ? 178 ARG A NH1 1 
ATOM   387 N NH2 . ARG A 1 65  ? 9.234   11.496  3.338   1.00 21.87 ? 178 ARG A NH2 1 
ATOM   388 N N   . GLU A 1 66  ? 6.023   11.836  -4.008  1.00 14.23 ? 179 GLU A N   1 
ATOM   389 C CA  . GLU A 1 66  ? 5.356   12.863  -4.807  1.00 14.39 ? 179 GLU A CA  1 
ATOM   390 C C   . GLU A 1 66  ? 4.411   12.245  -5.850  1.00 14.15 ? 179 GLU A C   1 
ATOM   391 O O   . GLU A 1 66  ? 3.307   12.763  -6.061  1.00 13.39 ? 179 GLU A O   1 
ATOM   392 C CB  . GLU A 1 66  ? 6.346   13.833  -5.472  1.00 14.55 ? 179 GLU A CB  1 
ATOM   393 C CG  . GLU A 1 66  ? 7.148   14.744  -4.500  1.00 15.05 ? 179 GLU A CG  1 
ATOM   394 C CD  . GLU A 1 66  ? 6.283   15.568  -3.523  1.00 13.02 ? 179 GLU A CD  1 
ATOM   395 O OE1 . GLU A 1 66  ? 5.051   15.704  -3.712  1.00 12.29 ? 179 GLU A OE1 1 
ATOM   396 O OE2 . GLU A 1 66  ? 6.868   16.124  -2.583  1.00 11.63 ? 179 GLU A OE2 1 
ATOM   397 N N   . HIS A 1 67  ? 4.839   11.156  -6.490  1.00 13.42 ? 180 HIS A N   1 
ATOM   398 C CA  . HIS A 1 67  ? 3.973   10.468  -7.468  1.00 14.61 ? 180 HIS A CA  1 
ATOM   399 C C   . HIS A 1 67  ? 2.723   9.902   -6.784  1.00 14.04 ? 180 HIS A C   1 
ATOM   400 O O   . HIS A 1 67  ? 1.615   10.041  -7.312  1.00 14.87 ? 180 HIS A O   1 
ATOM   401 C CB  . HIS A 1 67  ? 4.707   9.350   -8.218  1.00 13.49 ? 180 HIS A CB  1 
ATOM   402 C CG  . HIS A 1 67  ? 3.832   8.606   -9.179  1.00 15.62 ? 180 HIS A CG  1 
ATOM   403 N ND1 . HIS A 1 67  ? 3.164   9.228   -10.213 1.00 17.20 ? 180 HIS A ND1 1 
ATOM   404 C CD2 . HIS A 1 67  ? 3.494   7.301   -9.243  1.00 17.78 ? 180 HIS A CD2 1 
ATOM   405 C CE1 . HIS A 1 67  ? 2.472   8.329   -10.891 1.00 19.09 ? 180 HIS A CE1 1 
ATOM   406 N NE2 . HIS A 1 67  ? 2.645   7.153   -10.313 1.00 18.77 ? 180 HIS A NE2 1 
ATOM   407 N N   . LEU A 1 68  ? 2.916   9.293   -5.612  1.00 13.42 ? 181 LEU A N   1 
ATOM   408 C CA  . LEU A 1 68  ? 1.812   8.750   -4.807  1.00 13.39 ? 181 LEU A CA  1 
ATOM   409 C C   . LEU A 1 68  ? 0.841   9.846   -4.345  1.00 13.82 ? 181 LEU A C   1 
ATOM   410 O O   . LEU A 1 68  ? -0.376  9.712   -4.500  1.00 14.17 ? 181 LEU A O   1 
ATOM   411 C CB  . LEU A 1 68  ? 2.351   7.943   -3.616  1.00 13.02 ? 181 LEU A CB  1 
ATOM   412 C CG  . LEU A 1 68  ? 3.089   6.657   -4.045  1.00 11.68 ? 181 LEU A CG  1 
ATOM   413 C CD1 . LEU A 1 68  ? 3.758   5.970   -2.867  1.00 11.65 ? 181 LEU A CD1 1 
ATOM   414 C CD2 . LEU A 1 68  ? 2.114   5.708   -4.772  1.00 12.38 ? 181 LEU A CD2 1 
ATOM   415 N N   . LEU A 1 69  ? 1.402   10.954  -3.847  1.00 13.85 ? 182 LEU A N   1 
ATOM   416 C CA  . LEU A 1 69  ? 0.619   12.136  -3.506  1.00 14.21 ? 182 LEU A CA  1 
ATOM   417 C C   . LEU A 1 69  ? -0.244  12.618  -4.655  1.00 14.44 ? 182 LEU A C   1 
ATOM   418 O O   . LEU A 1 69  ? -1.459  12.749  -4.489  1.00 13.89 ? 182 LEU A O   1 
ATOM   419 C CB  . LEU A 1 69  ? 1.532   13.255  -2.960  1.00 14.21 ? 182 LEU A CB  1 
ATOM   420 C CG  . LEU A 1 69  ? 2.019   13.073  -1.505  1.00 12.82 ? 182 LEU A CG  1 
ATOM   421 C CD1 . LEU A 1 69  ? 3.134   14.059  -1.215  1.00 13.99 ? 182 LEU A CD1 1 
ATOM   422 C CD2 . LEU A 1 69  ? 0.914   13.230  -0.410  1.00 13.15 ? 182 LEU A CD2 1 
ATOM   423 N N   . GLN A 1 70  ? 0.364   12.875  -5.817  1.00 14.35 ? 183 GLN A N   1 
ATOM   424 C CA  . GLN A 1 70  ? -0.403  13.301  -7.001  1.00 14.66 ? 183 GLN A CA  1 
ATOM   425 C C   . GLN A 1 70  ? -1.494  12.325  -7.465  1.00 15.12 ? 183 GLN A C   1 
ATOM   426 O O   . GLN A 1 70  ? -2.580  12.753  -7.883  1.00 13.85 ? 183 GLN A O   1 
ATOM   427 C CB  . GLN A 1 70  ? 0.542   13.609  -8.172  1.00 14.45 ? 183 GLN A CB  1 
ATOM   428 C CG  . GLN A 1 70  ? 1.372   14.841  -7.935  1.00 13.60 ? 183 GLN A CG  1 
ATOM   429 C CD  . GLN A 1 70  ? 2.199   15.230  -9.128  1.00 15.31 ? 183 GLN A CD  1 
ATOM   430 O OE1 . GLN A 1 70  ? 2.621   14.380  -9.913  1.00 13.23 ? 183 GLN A OE1 1 
ATOM   431 N NE2 . GLN A 1 70  ? 2.452   16.529  -9.265  1.00 14.27 ? 183 GLN A NE2 1 
ATOM   432 N N   . THR A 1 71  ? -1.193  11.034  -7.423  1.00 15.71 ? 184 THR A N   1 
ATOM   433 C CA  . THR A 1 71  ? -2.118  10.019  -7.935  1.00 18.08 ? 184 THR A CA  1 
ATOM   434 C C   . THR A 1 71  ? -3.245  9.640   -6.967  1.00 17.39 ? 184 THR A C   1 
ATOM   435 O O   . THR A 1 71  ? -4.412  9.533   -7.374  1.00 17.14 ? 184 THR A O   1 
ATOM   436 C CB  . THR A 1 71  ? -1.371  8.725   -8.368  1.00 18.63 ? 184 THR A CB  1 
ATOM   437 O OG1 . THR A 1 71  ? -0.231  9.087   -9.158  1.00 21.50 ? 184 THR A OG1 1 
ATOM   438 C CG2 . THR A 1 71  ? -2.283  7.873   -9.229  1.00 21.62 ? 184 THR A CG2 1 
ATOM   439 N N   . VAL A 1 72  ? -2.891  9.443   -5.703  1.00 17.22 ? 185 VAL A N   1 
ATOM   440 C CA  . VAL A 1 72  ? -3.828  8.934   -4.672  1.00 17.52 ? 185 VAL A CA  1 
ATOM   441 C C   . VAL A 1 72  ? -4.519  10.082  -3.943  1.00 17.70 ? 185 VAL A C   1 
ATOM   442 O O   . VAL A 1 72  ? -5.674  9.964   -3.544  1.00 18.30 ? 185 VAL A O   1 
ATOM   443 C CB  . VAL A 1 72  ? -3.120  7.961   -3.677  1.00 17.67 ? 185 VAL A CB  1 
ATOM   444 C CG1 . VAL A 1 72  ? -4.054  7.520   -2.513  1.00 17.89 ? 185 VAL A CG1 1 
ATOM   445 C CG2 . VAL A 1 72  ? -2.622  6.755   -4.429  1.00 18.49 ? 185 VAL A CG2 1 
ATOM   446 N N   . TRP A 1 73  ? -3.826  11.205  -3.799  1.00 17.50 ? 186 TRP A N   1 
ATOM   447 C CA  . TRP A 1 73  ? -4.404  12.345  -3.085  1.00 18.55 ? 186 TRP A CA  1 
ATOM   448 C C   . TRP A 1 73  ? -5.211  13.463  -3.815  1.00 19.47 ? 186 TRP A C   1 
ATOM   449 O O   . TRP A 1 73  ? -6.404  13.475  -3.623  1.00 21.19 ? 186 TRP A O   1 
ATOM   450 C CB  . TRP A 1 73  ? -3.443  12.837  -1.988  1.00 17.59 ? 186 TRP A CB  1 
ATOM   451 C CG  . TRP A 1 73  ? -3.431  11.968  -0.710  1.00 18.37 ? 186 TRP A CG  1 
ATOM   452 C CD1 . TRP A 1 73  ? -4.169  12.175  0.423   1.00 18.77 ? 186 TRP A CD1 1 
ATOM   453 C CD2 . TRP A 1 73  ? -2.621  10.805  -0.443  1.00 16.64 ? 186 TRP A CD2 1 
ATOM   454 N NE1 . TRP A 1 73  ? -3.873  11.231  1.369   1.00 18.31 ? 186 TRP A NE1 1 
ATOM   455 C CE2 . TRP A 1 73  ? -2.938  10.365  0.864   1.00 18.35 ? 186 TRP A CE2 1 
ATOM   456 C CE3 . TRP A 1 73  ? -1.663  10.094  -1.181  1.00 19.10 ? 186 TRP A CE3 1 
ATOM   457 C CZ2 . TRP A 1 73  ? -2.337  9.228   1.455   1.00 17.07 ? 186 TRP A CZ2 1 
ATOM   458 C CZ3 . TRP A 1 73  ? -1.059  8.964   -0.599  1.00 17.14 ? 186 TRP A CZ3 1 
ATOM   459 C CH2 . TRP A 1 73  ? -1.399  8.548   0.712   1.00 17.42 ? 186 TRP A CH2 1 
ATOM   460 N N   . GLY A 1 74  ? -4.743  14.391  -4.663  1.00 21.09 ? 187 GLY A N   1 
ATOM   461 C CA  . GLY A 1 74  ? -3.563  14.460  -5.466  1.00 19.77 ? 187 GLY A CA  1 
ATOM   462 C C   . GLY A 1 74  ? -3.012  15.895  -5.510  1.00 18.55 ? 187 GLY A C   1 
ATOM   463 O O   . GLY A 1 74  ? -2.261  16.245  -4.631  1.00 17.16 ? 187 GLY A O   1 
ATOM   464 N N   . TYR A 1 75  ? -3.378  16.725  -6.508  1.00 18.16 ? 188 TYR A N   1 
ATOM   465 C CA  . TYR A 1 75  ? -2.636  17.986  -6.806  1.00 17.78 ? 188 TYR A CA  1 
ATOM   466 C C   . TYR A 1 75  ? -2.336  18.926  -5.619  1.00 17.74 ? 188 TYR A C   1 
ATOM   467 O O   . TYR A 1 75  ? -1.211  19.432  -5.485  1.00 17.60 ? 188 TYR A O   1 
ATOM   468 C CB  . TYR A 1 75  ? -3.306  18.793  -7.933  1.00 17.58 ? 188 TYR A CB  1 
ATOM   469 C CG  . TYR A 1 75  ? -2.460  19.919  -8.512  1.00 18.06 ? 188 TYR A CG  1 
ATOM   470 C CD1 . TYR A 1 75  ? -1.610  19.696  -9.602  1.00 17.58 ? 188 TYR A CD1 1 
ATOM   471 C CD2 . TYR A 1 75  ? -2.538  21.221  -8.001  1.00 17.16 ? 188 TYR A CD2 1 
ATOM   472 C CE1 . TYR A 1 75  ? -0.848  20.733  -10.144 1.00 15.89 ? 188 TYR A CE1 1 
ATOM   473 C CE2 . TYR A 1 75  ? -1.775  22.262  -8.533  1.00 17.33 ? 188 TYR A CE2 1 
ATOM   474 C CZ  . TYR A 1 75  ? -0.927  22.007  -9.600  1.00 17.06 ? 188 TYR A CZ  1 
ATOM   475 O OH  . TYR A 1 75  ? -0.175  23.042  -10.127 1.00 17.74 ? 188 TYR A OH  1 
ATOM   476 N N   . ASP A 1 76  ? -3.348  19.185  -4.790  1.00 17.28 ? 189 ASP A N   1 
ATOM   477 C CA  . ASP A 1 76  ? -3.212  20.084  -3.632  1.00 16.91 ? 189 ASP A CA  1 
ATOM   478 C C   . ASP A 1 76  ? -2.333  19.498  -2.527  1.00 15.97 ? 189 ASP A C   1 
ATOM   479 O O   . ASP A 1 76  ? -1.982  20.215  -1.587  1.00 15.79 ? 189 ASP A O   1 
ATOM   480 C CB  . ASP A 1 76  ? -4.592  20.449  -3.048  1.00 17.87 ? 189 ASP A CB  1 
ATOM   481 C CG  . ASP A 1 76  ? -5.522  21.108  -4.067  1.00 20.59 ? 189 ASP A CG  1 
ATOM   482 O OD1 . ASP A 1 76  ? -5.045  21.852  -4.958  1.00 23.57 ? 189 ASP A OD1 1 
ATOM   483 O OD2 . ASP A 1 76  ? -6.748  20.873  -3.974  1.00 25.34 ? 189 ASP A OD2 1 
ATOM   484 N N   . TYR A 1 77  ? -1.966  18.218  -2.638  1.00 14.34 ? 190 TYR A N   1 
ATOM   485 C CA  . TYR A 1 77  ? -1.224  17.520  -1.561  1.00 14.08 ? 190 TYR A CA  1 
ATOM   486 C C   . TYR A 1 77  ? 0.289   17.420  -1.832  1.00 12.93 ? 190 TYR A C   1 
ATOM   487 O O   . TYR A 1 77  ? 1.041   16.846  -1.029  1.00 11.85 ? 190 TYR A O   1 
ATOM   488 C CB  . TYR A 1 77  ? -1.780  16.109  -1.374  1.00 14.44 ? 190 TYR A CB  1 
ATOM   489 C CG  . TYR A 1 77  ? -3.147  16.048  -0.721  1.00 15.97 ? 190 TYR A CG  1 
ATOM   490 C CD1 . TYR A 1 77  ? -4.305  16.221  -1.474  1.00 15.02 ? 190 TYR A CD1 1 
ATOM   491 C CD2 . TYR A 1 77  ? -3.273  15.764  0.638   1.00 15.24 ? 190 TYR A CD2 1 
ATOM   492 C CE1 . TYR A 1 77  ? -5.586  16.134  -0.875  1.00 17.21 ? 190 TYR A CE1 1 
ATOM   493 C CE2 . TYR A 1 77  ? -4.543  15.677  1.252   1.00 18.36 ? 190 TYR A CE2 1 
ATOM   494 C CZ  . TYR A 1 77  ? -5.688  15.856  0.480   1.00 17.70 ? 190 TYR A CZ  1 
ATOM   495 O OH  . TYR A 1 77  ? -6.942  15.766  1.056   1.00 18.61 ? 190 TYR A OH  1 
ATOM   496 N N   . PHE A 1 78  ? 0.726   17.951  -2.974  1.00 12.73 ? 191 PHE A N   1 
ATOM   497 C CA  . PHE A 1 78  ? 2.143   17.916  -3.352  1.00 12.10 ? 191 PHE A CA  1 
ATOM   498 C C   . PHE A 1 78  ? 3.008   18.485  -2.219  1.00 11.30 ? 191 PHE A C   1 
ATOM   499 O O   . PHE A 1 78  ? 2.711   19.542  -1.687  1.00 11.72 ? 191 PHE A O   1 
ATOM   500 C CB  . PHE A 1 78  ? 2.363   18.765  -4.609  1.00 12.88 ? 191 PHE A CB  1 
ATOM   501 C CG  . PHE A 1 78  ? 3.745   18.674  -5.172  1.00 12.37 ? 191 PHE A CG  1 
ATOM   502 C CD1 . PHE A 1 78  ? 4.065   17.703  -6.109  1.00 13.38 ? 191 PHE A CD1 1 
ATOM   503 C CD2 . PHE A 1 78  ? 4.730   19.583  -4.788  1.00 15.68 ? 191 PHE A CD2 1 
ATOM   504 C CE1 . PHE A 1 78  ? 5.356   17.625  -6.655  1.00 11.42 ? 191 PHE A CE1 1 
ATOM   505 C CE2 . PHE A 1 78  ? 6.018   19.517  -5.337  1.00 13.76 ? 191 PHE A CE2 1 
ATOM   506 C CZ  . PHE A 1 78  ? 6.321   18.528  -6.265  1.00 13.10 ? 191 PHE A CZ  1 
ATOM   507 N N   . GLY A 1 79  ? 4.085   17.794  -1.866  1.00 11.65 ? 192 GLY A N   1 
ATOM   508 C CA  . GLY A 1 79  ? 4.945   18.236  -0.772  1.00 11.78 ? 192 GLY A CA  1 
ATOM   509 C C   . GLY A 1 79  ? 4.523   17.739  0.612   1.00 12.81 ? 192 GLY A C   1 
ATOM   510 O O   . GLY A 1 79  ? 5.276   17.895  1.566   1.00 12.06 ? 192 GLY A O   1 
ATOM   511 N N   . ASP A 1 80  ? 3.337   17.139  0.724   1.00 13.27 ? 193 ASP A N   1 
ATOM   512 C CA  . ASP A 1 80  ? 2.862   16.565  2.013   1.00 14.49 ? 193 ASP A CA  1 
ATOM   513 C C   . ASP A 1 80  ? 3.407   15.127  2.151   1.00 13.98 ? 193 ASP A C   1 
ATOM   514 O O   . ASP A 1 80  ? 2.655   14.181  2.368   1.00 14.12 ? 193 ASP A O   1 
ATOM   515 C CB  . ASP A 1 80  ? 1.324   16.591  2.102   1.00 15.27 ? 193 ASP A CB  1 
ATOM   516 C CG  . ASP A 1 80  ? 0.738   18.022  2.079   1.00 16.79 ? 193 ASP A CG  1 
ATOM   517 O OD1 . ASP A 1 80  ? 1.495   19.004  1.991   1.00 16.57 ? 193 ASP A OD1 1 
ATOM   518 O OD2 . ASP A 1 80  ? -0.500  18.161  2.155   1.00 19.78 ? 193 ASP A OD2 1 
ATOM   519 N N   . VAL A 1 81  ? 4.721   14.959  1.991   1.00 14.73 ? 194 VAL A N   1 
ATOM   520 C CA  . VAL A 1 81  ? 5.327   13.595  1.924   1.00 15.69 ? 194 VAL A CA  1 
ATOM   521 C C   . VAL A 1 81  ? 5.072   12.755  3.165   1.00 15.71 ? 194 VAL A C   1 
ATOM   522 O O   . VAL A 1 81  ? 4.970   11.521  3.091   1.00 15.05 ? 194 VAL A O   1 
ATOM   523 C CB  . VAL A 1 81  ? 6.860   13.611  1.625   1.00 16.34 ? 194 VAL A CB  1 
ATOM   524 C CG1 . VAL A 1 81  ? 7.127   14.156  0.225   1.00 16.64 ? 194 VAL A CG1 1 
ATOM   525 C CG2 . VAL A 1 81  ? 7.637   14.372  2.701   1.00 17.31 ? 194 VAL A CG2 1 
ATOM   526 N N   . ARG A 1 82  ? 4.969   13.429  4.308   1.00 15.97 ? 195 ARG A N   1 
ATOM   527 C CA  . ARG A 1 82  ? 4.606   12.785  5.568   1.00 16.95 ? 195 ARG A CA  1 
ATOM   528 C C   . ARG A 1 82  ? 3.287   12.039  5.492   1.00 16.64 ? 195 ARG A C   1 
ATOM   529 O O   . ARG A 1 82  ? 3.133   10.994  6.135   1.00 16.28 ? 195 ARG A O   1 
ATOM   530 C CB  . ARG A 1 82  ? 4.477   13.828  6.657   1.00 18.18 ? 195 ARG A CB  1 
ATOM   531 C CG  . ARG A 1 82  ? 5.555   13.798  7.713   1.00 22.80 ? 195 ARG A CG  1 
ATOM   532 C CD  . ARG A 1 82  ? 4.949   14.264  9.041   1.00 27.25 ? 195 ARG A CD  1 
ATOM   533 N NE  . ARG A 1 82  ? 3.676   13.589  9.344   1.00 31.65 ? 195 ARG A NE  1 
ATOM   534 C CZ  . ARG A 1 82  ? 2.453   14.090  9.120   1.00 30.08 ? 195 ARG A CZ  1 
ATOM   535 N NH1 . ARG A 1 82  ? 2.289   15.287  8.609   1.00 30.79 ? 195 ARG A NH1 1 
ATOM   536 N NH2 . ARG A 1 82  ? 1.379   13.384  9.419   1.00 32.81 ? 195 ARG A NH2 1 
ATOM   537 N N   . THR A 1 83  ? 2.319   12.606  4.768   1.00 15.88 ? 196 THR A N   1 
ATOM   538 C CA  . THR A 1 83  ? 1.005   11.966  4.562   1.00 15.86 ? 196 THR A CA  1 
ATOM   539 C C   . THR A 1 83  ? 1.158   10.555  3.964   1.00 16.15 ? 196 THR A C   1 
ATOM   540 O O   . THR A 1 83  ? 0.497   9.610   4.421   1.00 15.41 ? 196 THR A O   1 
ATOM   541 C CB  . THR A 1 83  ? 0.118   12.881  3.685   1.00 15.88 ? 196 THR A CB  1 
ATOM   542 O OG1 . THR A 1 83  ? -0.182  14.053  4.450   1.00 16.89 ? 196 THR A OG1 1 
ATOM   543 C CG2 . THR A 1 83  ? -1.201  12.222  3.267   1.00 17.94 ? 196 THR A CG2 1 
ATOM   544 N N   . VAL A 1 84  ? 2.023   10.414  2.956   1.00 14.71 ? 197 VAL A N   1 
ATOM   545 C CA  . VAL A 1 84  ? 2.338   9.089   2.379   1.00 15.11 ? 197 VAL A CA  1 
ATOM   546 C C   . VAL A 1 84  ? 2.967   8.184   3.432   1.00 14.84 ? 197 VAL A C   1 
ATOM   547 O O   . VAL A 1 84  ? 2.519   7.056   3.621   1.00 15.43 ? 197 VAL A O   1 
ATOM   548 C CB  . VAL A 1 84  ? 3.297   9.133   1.162   1.00 14.84 ? 197 VAL A CB  1 
ATOM   549 C CG1 . VAL A 1 84  ? 3.468   7.714   0.528   1.00 14.43 ? 197 VAL A CG1 1 
ATOM   550 C CG2 . VAL A 1 84  ? 2.817   10.114  0.093   1.00 16.04 ? 197 VAL A CG2 1 
ATOM   551 N N   . ASP A 1 85  ? 4.017   8.668   4.081   1.00 14.97 ? 198 ASP A N   1 
ATOM   552 C CA  . ASP A 1 85  ? 4.738   7.887   5.099   1.00 14.94 ? 198 ASP A CA  1 
ATOM   553 C C   . ASP A 1 85  ? 3.812   7.378   6.215   1.00 14.95 ? 198 ASP A C   1 
ATOM   554 O O   . ASP A 1 85  ? 3.907   6.215   6.650   1.00 13.97 ? 198 ASP A O   1 
ATOM   555 C CB  . ASP A 1 85  ? 5.886   8.698   5.717   1.00 15.56 ? 198 ASP A CB  1 
ATOM   556 C CG  . ASP A 1 85  ? 6.997   9.055   4.718   1.00 16.63 ? 198 ASP A CG  1 
ATOM   557 O OD1 . ASP A 1 85  ? 7.162   8.425   3.670   1.00 19.92 ? 198 ASP A OD1 1 
ATOM   558 O OD2 . ASP A 1 85  ? 7.750   9.984   5.016   1.00 20.06 ? 198 ASP A OD2 1 
ATOM   559 N N   . VAL A 1 86  ? 2.911   8.239   6.686   1.00 14.33 ? 199 VAL A N   1 
ATOM   560 C CA  . VAL A 1 86  ? 2.009   7.818   7.758   1.00 14.87 ? 199 VAL A CA  1 
ATOM   561 C C   . VAL A 1 86  ? 1.001   6.775   7.256   1.00 14.77 ? 199 VAL A C   1 
ATOM   562 O O   . VAL A 1 86  ? 0.677   5.815   7.979   1.00 14.67 ? 199 VAL A O   1 
ATOM   563 C CB  . VAL A 1 86  ? 1.306   9.022   8.419   1.00 14.32 ? 199 VAL A CB  1 
ATOM   564 C CG1 . VAL A 1 86  ? 0.193   8.532   9.325   1.00 18.02 ? 199 VAL A CG1 1 
ATOM   565 C CG2 . VAL A 1 86  ? 2.313   9.794   9.252   1.00 15.34 ? 199 VAL A CG2 1 
ATOM   566 N N   . THR A 1 87  ? 0.533   6.959   6.017   1.00 14.50 ? 200 THR A N   1 
ATOM   567 C CA  . THR A 1 87  ? -0.408  6.027   5.405   1.00 15.12 ? 200 THR A CA  1 
ATOM   568 C C   . THR A 1 87  ? 0.263   4.680   5.148   1.00 15.02 ? 200 THR A C   1 
ATOM   569 O O   . THR A 1 87  ? -0.347  3.631   5.419   1.00 13.78 ? 200 THR A O   1 
ATOM   570 C CB  . THR A 1 87  ? -1.042  6.619   4.128   1.00 15.89 ? 200 THR A CB  1 
ATOM   571 O OG1 . THR A 1 87  ? -1.686  7.856   4.473   1.00 17.22 ? 200 THR A OG1 1 
ATOM   572 C CG2 . THR A 1 87  ? -2.081  5.663   3.537   1.00 16.15 ? 200 THR A CG2 1 
ATOM   573 N N   . VAL A 1 88  ? 1.514   4.710   4.660   1.00 14.88 ? 201 VAL A N   1 
ATOM   574 C CA  . VAL A 1 88  ? 2.321   3.481   4.514   1.00 15.20 ? 201 VAL A CA  1 
ATOM   575 C C   . VAL A 1 88  ? 2.436   2.755   5.867   1.00 15.57 ? 201 VAL A C   1 
ATOM   576 O O   . VAL A 1 88  ? 2.162   1.552   5.959   1.00 14.18 ? 201 VAL A O   1 
ATOM   577 C CB  . VAL A 1 88  ? 3.712   3.720   3.869   1.00 15.21 ? 201 VAL A CB  1 
ATOM   578 C CG1 . VAL A 1 88  ? 4.610   2.479   4.036   1.00 14.87 ? 201 VAL A CG1 1 
ATOM   579 C CG2 . VAL A 1 88  ? 3.552   4.083   2.386   1.00 12.70 ? 201 VAL A CG2 1 
ATOM   580 N N   . ARG A 1 89  ? 2.805   3.500   6.900   1.00 15.68 ? 202 ARG A N   1 
ATOM   581 C CA  . ARG A 1 89  ? 2.914   2.957   8.261   1.00 17.10 ? 202 ARG A CA  1 
ATOM   582 C C   . ARG A 1 89  ? 1.619   2.282   8.762   1.00 17.28 ? 202 ARG A C   1 
ATOM   583 O O   . ARG A 1 89  ? 1.638   1.135   9.279   1.00 17.08 ? 202 ARG A O   1 
ATOM   584 C CB  . ARG A 1 89  ? 3.363   4.063   9.213   1.00 17.16 ? 202 ARG A CB  1 
ATOM   585 C CG  . ARG A 1 89  ? 3.279   3.696   10.667  1.00 20.86 ? 202 ARG A CG  1 
ATOM   586 C CD  . ARG A 1 89  ? 3.479   4.925   11.527  1.00 26.40 ? 202 ARG A CD  1 
ATOM   587 N NE  . ARG A 1 89  ? 4.886   5.141   11.850  1.00 32.97 ? 202 ARG A NE  1 
ATOM   588 C CZ  . ARG A 1 89  ? 5.688   6.038   11.269  1.00 35.02 ? 202 ARG A CZ  1 
ATOM   589 N NH1 . ARG A 1 89  ? 5.250   6.842   10.295  1.00 35.27 ? 202 ARG A NH1 1 
ATOM   590 N NH2 . ARG A 1 89  ? 6.950   6.124   11.671  1.00 35.94 ? 202 ARG A NH2 1 
ATOM   591 N N   . ARG A 1 90  ? 0.502   2.982   8.582   1.00 17.63 ? 203 ARG A N   1 
ATOM   592 C CA  . ARG A 1 90  ? -0.821  2.425   8.913   1.00 18.49 ? 203 ARG A CA  1 
ATOM   593 C C   . ARG A 1 90  ? -1.138  1.161   8.116   1.00 17.97 ? 203 ARG A C   1 
ATOM   594 O O   . ARG A 1 90  ? -1.626  0.168   8.685   1.00 17.09 ? 203 ARG A O   1 
ATOM   595 C CB  . ARG A 1 90  ? -1.921  3.467   8.749   1.00 18.97 ? 203 ARG A CB  1 
ATOM   596 C CG  . ARG A 1 90  ? -1.837  4.573   9.799   1.00 22.55 ? 203 ARG A CG  1 
ATOM   597 C CD  . ARG A 1 90  ? -3.105  5.417   9.807   1.00 28.89 ? 203 ARG A CD  1 
ATOM   598 N NE  . ARG A 1 90  ? -3.140  6.335   10.944  1.00 31.77 ? 203 ARG A NE  1 
ATOM   599 C CZ  . ARG A 1 90  ? -3.154  7.660   10.832  1.00 34.91 ? 203 ARG A CZ  1 
ATOM   600 N NH1 . ARG A 1 90  ? -3.147  8.230   9.622   1.00 35.88 ? 203 ARG A NH1 1 
ATOM   601 N NH2 . ARG A 1 90  ? -3.184  8.419   11.928  1.00 34.52 ? 203 ARG A NH2 1 
ATOM   602 N N   . LEU A 1 91  ? -0.838  1.190   6.811   1.00 17.43 ? 204 LEU A N   1 
ATOM   603 C CA  . LEU A 1 91  ? -1.043  0.024   5.950   1.00 17.55 ? 204 LEU A CA  1 
ATOM   604 C C   . LEU A 1 91  ? -0.247  -1.151  6.441   1.00 17.26 ? 204 LEU A C   1 
ATOM   605 O O   . LEU A 1 91  ? -0.749  -2.270  6.483   1.00 17.40 ? 204 LEU A O   1 
ATOM   606 C CB  . LEU A 1 91  ? -0.616  0.313   4.504   1.00 17.41 ? 204 LEU A CB  1 
ATOM   607 C CG  . LEU A 1 91  ? -1.713  0.812   3.566   1.00 20.23 ? 204 LEU A CG  1 
ATOM   608 C CD1 . LEU A 1 91  ? -1.128  1.174   2.197   1.00 20.13 ? 204 LEU A CD1 1 
ATOM   609 C CD2 . LEU A 1 91  ? -2.774  -0.293  3.427   1.00 19.41 ? 204 LEU A CD2 1 
ATOM   610 N N   . ARG A 1 92  ? 1.014   -0.895  6.778   1.00 17.39 ? 205 ARG A N   1 
ATOM   611 C CA  . ARG A 1 92  ? 1.906   -1.916  7.317   1.00 17.97 ? 205 ARG A CA  1 
ATOM   612 C C   . ARG A 1 92  ? 1.389   -2.493  8.627   1.00 18.71 ? 205 ARG A C   1 
ATOM   613 O O   . ARG A 1 92  ? 1.453   -3.709  8.821   1.00 18.69 ? 205 ARG A O   1 
ATOM   614 C CB  . ARG A 1 92  ? 3.311   -1.365  7.516   1.00 18.27 ? 205 ARG A CB  1 
ATOM   615 C CG  . ARG A 1 92  ? 4.054   -1.125  6.204   1.00 17.77 ? 205 ARG A CG  1 
ATOM   616 C CD  . ARG A 1 92  ? 5.425   -0.540  6.484   1.00 18.09 ? 205 ARG A CD  1 
ATOM   617 N NE  . ARG A 1 92  ? 6.225   -0.518  5.267   1.00 16.80 ? 205 ARG A NE  1 
ATOM   618 C CZ  . ARG A 1 92  ? 7.256   0.287   5.049   1.00 16.91 ? 205 ARG A CZ  1 
ATOM   619 N NH1 . ARG A 1 92  ? 7.625   1.191   5.959   1.00 16.23 ? 205 ARG A NH1 1 
ATOM   620 N NH2 . ARG A 1 92  ? 7.908   0.185   3.906   1.00 17.68 ? 205 ARG A NH2 1 
ATOM   621 N N   . GLU A 1 93  ? 0.904   -1.619  9.516   1.00 19.46 ? 206 GLU A N   1 
ATOM   622 C CA  . GLU A 1 93  ? 0.330   -2.012  10.811  1.00 21.54 ? 206 GLU A CA  1 
ATOM   623 C C   . GLU A 1 93  ? -0.866  -2.938  10.611  1.00 21.86 ? 206 GLU A C   1 
ATOM   624 O O   . GLU A 1 93  ? -1.104  -3.847  11.419  1.00 22.24 ? 206 GLU A O   1 
ATOM   625 C CB  . GLU A 1 93  ? -0.078  -0.779  11.642  1.00 21.50 ? 206 GLU A CB  1 
ATOM   626 C CG  . GLU A 1 93  ? 1.086   -0.039  12.327  1.00 23.03 ? 206 GLU A CG  1 
ATOM   627 C CD  . GLU A 1 93  ? 0.713   1.376   12.844  1.00 24.29 ? 206 GLU A CD  1 
ATOM   628 O OE1 . GLU A 1 93  ? -0.439  1.838   12.637  1.00 28.95 ? 206 GLU A OE1 1 
ATOM   629 O OE2 . GLU A 1 93  ? 1.580   2.031   13.463  1.00 26.27 ? 206 GLU A OE2 1 
ATOM   630 N N   . LYS A 1 94  ? -1.609  -2.710  9.535   1.00 22.74 ? 207 LYS A N   1 
ATOM   631 C CA  . LYS A 1 94  ? -2.751  -3.554  9.196   1.00 23.70 ? 207 LYS A CA  1 
ATOM   632 C C   . LYS A 1 94  ? -2.384  -4.833  8.420   1.00 24.11 ? 207 LYS A C   1 
ATOM   633 O O   . LYS A 1 94  ? -2.946  -5.889  8.684   1.00 25.63 ? 207 LYS A O   1 
ATOM   634 C CB  . LYS A 1 94  ? -3.819  -2.741  8.460   1.00 22.92 ? 207 LYS A CB  1 
ATOM   635 C CG  . LYS A 1 94  ? -4.504  -1.695  9.337   1.00 22.04 ? 207 LYS A CG  1 
ATOM   636 C CD  . LYS A 1 94  ? -5.537  -0.905  8.558   1.00 19.16 ? 207 LYS A CD  1 
ATOM   637 C CE  . LYS A 1 94  ? -6.148  0.180   9.410   1.00 19.97 ? 207 LYS A CE  1 
ATOM   638 N NZ  . LYS A 1 94  ? -7.356  0.745   8.798   1.00 17.04 ? 207 LYS A NZ  1 
ATOM   639 N N   . ILE A 1 95  ? -1.446  -4.758  7.483   1.00 24.73 ? 208 ILE A N   1 
ATOM   640 C CA  . ILE A 1 95  ? -1.242  -5.873  6.539   1.00 24.56 ? 208 ILE A CA  1 
ATOM   641 C C   . ILE A 1 95  ? -0.002  -6.735  6.773   1.00 24.64 ? 208 ILE A C   1 
ATOM   642 O O   . ILE A 1 95  ? 0.060   -7.870  6.264   1.00 24.97 ? 208 ILE A O   1 
ATOM   643 C CB  . ILE A 1 95  ? -1.247  -5.424  5.038   1.00 24.61 ? 208 ILE A CB  1 
ATOM   644 C CG1 . ILE A 1 95  ? 0.082   -4.714  4.680   1.00 24.67 ? 208 ILE A CG1 1 
ATOM   645 C CG2 . ILE A 1 95  ? -2.503  -4.590  4.734   1.00 24.68 ? 208 ILE A CG2 1 
ATOM   646 C CD1 . ILE A 1 95  ? 0.447   -4.642  3.205   1.00 24.71 ? 208 ILE A CD1 1 
ATOM   647 N N   . GLU A 1 96  ? 0.983   -6.214  7.511   1.00 23.79 ? 209 GLU A N   1 
ATOM   648 C CA  . GLU A 1 96  ? 2.230   -6.950  7.697   1.00 23.82 ? 209 GLU A CA  1 
ATOM   649 C C   . GLU A 1 96  ? 2.185   -7.860  8.929   1.00 24.90 ? 209 GLU A C   1 
ATOM   650 O O   . GLU A 1 96  ? 1.693   -7.462  10.002  1.00 24.40 ? 209 GLU A O   1 
ATOM   651 C CB  . GLU A 1 96  ? 3.446   -6.004  7.792   1.00 23.54 ? 209 GLU A CB  1 
ATOM   652 C CG  . GLU A 1 96  ? 3.682   -5.080  6.583   1.00 21.85 ? 209 GLU A CG  1 
ATOM   653 C CD  . GLU A 1 96  ? 4.397   -5.728  5.391   1.00 20.61 ? 209 GLU A CD  1 
ATOM   654 O OE1 . GLU A 1 96  ? 4.890   -6.874  5.485   1.00 21.86 ? 209 GLU A OE1 1 
ATOM   655 O OE2 . GLU A 1 96  ? 4.482   -5.067  4.343   1.00 18.49 ? 209 GLU A OE2 1 
ATOM   656 N N   . ASP A 1 97  ? 2.733   -9.063  8.752   1.00 25.34 ? 210 ASP A N   1 
ATOM   657 C CA  . ASP A 1 97  ? 3.004   -10.014 9.830   1.00 26.91 ? 210 ASP A CA  1 
ATOM   658 C C   . ASP A 1 97  ? 3.747   -9.348  10.986  1.00 26.87 ? 210 ASP A C   1 
ATOM   659 O O   . ASP A 1 97  ? 3.304   -9.415  12.146  1.00 26.93 ? 210 ASP A O   1 
ATOM   660 C CB  . ASP A 1 97  ? 3.816   -11.190 9.275   1.00 27.32 ? 210 ASP A CB  1 
ATOM   661 C CG  . ASP A 1 97  ? 2.980   -12.098 8.385   1.00 31.26 ? 210 ASP A CG  1 
ATOM   662 O OD1 . ASP A 1 97  ? 3.562   -12.830 7.545   1.00 34.09 ? 210 ASP A OD1 1 
ATOM   663 O OD2 . ASP A 1 97  ? 1.728   -12.068 8.522   1.00 33.31 ? 210 ASP A OD2 1 
ATOM   664 N N   . SER A 1 98  ? 4.864   -8.697  10.662  1.00 26.18 ? 211 SER A N   1 
ATOM   665 C CA  . SER A 1 98  ? 5.529   -7.810  11.600  1.00 25.79 ? 211 SER A CA  1 
ATOM   666 C C   . SER A 1 98  ? 5.788   -6.465  10.909  1.00 24.98 ? 211 SER A C   1 
ATOM   667 O O   . SER A 1 98  ? 6.674   -6.358  10.061  1.00 24.33 ? 211 SER A O   1 
ATOM   668 C CB  . SER A 1 98  ? 6.798   -8.454  12.185  1.00 26.26 ? 211 SER A CB  1 
ATOM   669 O OG  . SER A 1 98  ? 7.787   -8.735  11.209  1.00 28.50 ? 211 SER A OG  1 
ATOM   670 N N   . PRO A 1 99  ? 4.974   -5.447  11.250  1.00 24.61 ? 212 PRO A N   1 
ATOM   671 C CA  . PRO A 1 99  ? 5.020   -4.092  10.675  1.00 24.33 ? 212 PRO A CA  1 
ATOM   672 C C   . PRO A 1 99  ? 6.401   -3.434  10.738  1.00 24.03 ? 212 PRO A C   1 
ATOM   673 O O   . PRO A 1 99  ? 6.755   -2.668  9.832   1.00 24.25 ? 212 PRO A O   1 
ATOM   674 C CB  . PRO A 1 99  ? 4.016   -3.318  11.530  1.00 24.29 ? 212 PRO A CB  1 
ATOM   675 C CG  . PRO A 1 99  ? 3.055   -4.364  11.988  1.00 25.14 ? 212 PRO A CG  1 
ATOM   676 C CD  . PRO A 1 99  ? 3.896   -5.575  12.250  1.00 24.55 ? 212 PRO A CD  1 
ATOM   677 N N   . SER A 1 100 ? 7.175   -3.741  11.782  1.00 23.77 ? 213 SER A N   1 
ATOM   678 C CA  . SER A 1 100 ? 8.517   -3.170  11.929  1.00 23.35 ? 213 SER A CA  1 
ATOM   679 C C   . SER A 1 100 ? 9.535   -3.838  11.000  1.00 22.82 ? 213 SER A C   1 
ATOM   680 O O   . SER A 1 100 ? 10.620  -3.303  10.776  1.00 23.10 ? 213 SER A O   1 
ATOM   681 C CB  . SER A 1 100 ? 8.994   -3.185  13.394  1.00 23.24 ? 213 SER A CB  1 
ATOM   682 O OG  . SER A 1 100 ? 9.261   -4.502  13.862  1.00 23.86 ? 213 SER A OG  1 
ATOM   683 N N   . HIS A 1 101 ? 9.177   -4.997  10.448  1.00 21.84 ? 214 HIS A N   1 
ATOM   684 C CA  . HIS A 1 101 ? 10.011  -5.652  9.439   1.00 20.87 ? 214 HIS A CA  1 
ATOM   685 C C   . HIS A 1 101 ? 9.187   -6.022  8.188   1.00 19.64 ? 214 HIS A C   1 
ATOM   686 O O   . HIS A 1 101 ? 8.952   -7.198  7.923   1.00 18.97 ? 214 HIS A O   1 
ATOM   687 C CB  . HIS A 1 101 ? 10.706  -6.865  10.053  1.00 21.48 ? 214 HIS A CB  1 
ATOM   688 C CG  . HIS A 1 101 ? 11.490  -6.528  11.284  1.00 23.36 ? 214 HIS A CG  1 
ATOM   689 N ND1 . HIS A 1 101 ? 11.008  -6.741  12.557  1.00 25.22 ? 214 HIS A ND1 1 
ATOM   690 C CD2 . HIS A 1 101 ? 12.695  -5.932  11.433  1.00 25.70 ? 214 HIS A CD2 1 
ATOM   691 C CE1 . HIS A 1 101 ? 11.904  -6.336  13.439  1.00 26.59 ? 214 HIS A CE1 1 
ATOM   692 N NE2 . HIS A 1 101 ? 12.936  -5.836  12.784  1.00 27.99 ? 214 HIS A NE2 1 
ATOM   693 N N   . PRO A 1 102 ? 8.745   -5.007  7.424   1.00 18.98 ? 215 PRO A N   1 
ATOM   694 C CA  . PRO A 1 102 ? 7.798   -5.256  6.330   1.00 18.43 ? 215 PRO A CA  1 
ATOM   695 C C   . PRO A 1 102 ? 8.382   -6.134  5.220   1.00 18.13 ? 215 PRO A C   1 
ATOM   696 O O   . PRO A 1 102 ? 9.580   -6.085  4.952   1.00 16.66 ? 215 PRO A O   1 
ATOM   697 C CB  . PRO A 1 102 ? 7.473   -3.852  5.821   1.00 18.87 ? 215 PRO A CB  1 
ATOM   698 C CG  . PRO A 1 102 ? 8.602   -3.015  6.235   1.00 18.44 ? 215 PRO A CG  1 
ATOM   699 C CD  . PRO A 1 102 ? 9.091   -3.577  7.523   1.00 18.96 ? 215 PRO A CD  1 
ATOM   700 N N   . THR A 1 103 ? 7.535   -6.968  4.612   1.00 18.09 ? 216 THR A N   1 
ATOM   701 C CA  . THR A 1 103 ? 7.977   -7.792  3.489   1.00 17.92 ? 216 THR A CA  1 
ATOM   702 C C   . THR A 1 103 ? 7.079   -7.644  2.252   1.00 16.93 ? 216 THR A C   1 
ATOM   703 O O   . THR A 1 103 ? 7.497   -8.027  1.169   1.00 17.56 ? 216 THR A O   1 
ATOM   704 C CB  . THR A 1 103 ? 8.131   -9.299  3.853   1.00 17.27 ? 216 THR A CB  1 
ATOM   705 O OG1 . THR A 1 103 ? 6.868   -9.828  4.264   1.00 19.67 ? 216 THR A OG1 1 
ATOM   706 C CG2 . THR A 1 103 ? 9.157   -9.504  4.967   1.00 18.88 ? 216 THR A CG2 1 
ATOM   707 N N   . TYR A 1 104 ? 5.870   -7.103  2.426   1.00 15.84 ? 217 TYR A N   1 
ATOM   708 C CA  . TYR A 1 104 ? 4.960   -6.807  1.315   1.00 15.12 ? 217 TYR A CA  1 
ATOM   709 C C   . TYR A 1 104 ? 5.171   -5.391  0.820   1.00 15.14 ? 217 TYR A C   1 
ATOM   710 O O   . TYR A 1 104 ? 5.416   -5.177  -0.369  1.00 14.74 ? 217 TYR A O   1 
ATOM   711 C CB  . TYR A 1 104 ? 3.489   -7.000  1.703   1.00 15.45 ? 217 TYR A CB  1 
ATOM   712 C CG  . TYR A 1 104 ? 3.108   -8.461  1.759   1.00 15.35 ? 217 TYR A CG  1 
ATOM   713 C CD1 . TYR A 1 104 ? 3.232   -9.194  2.950   1.00 15.92 ? 217 TYR A CD1 1 
ATOM   714 C CD2 . TYR A 1 104 ? 2.639   -9.111  0.622   1.00 13.06 ? 217 TYR A CD2 1 
ATOM   715 C CE1 . TYR A 1 104 ? 2.884   -10.561 2.991   1.00 18.11 ? 217 TYR A CE1 1 
ATOM   716 C CE2 . TYR A 1 104 ? 2.311   -10.462 0.645   1.00 14.56 ? 217 TYR A CE2 1 
ATOM   717 C CZ  . TYR A 1 104 ? 2.427   -11.183 1.821   1.00 15.61 ? 217 TYR A CZ  1 
ATOM   718 O OH  . TYR A 1 104 ? 2.105   -12.528 1.817   1.00 16.68 ? 217 TYR A OH  1 
ATOM   719 N N   . LEU A 1 105 ? 5.083   -4.436  1.746   1.00 14.58 ? 218 LEU A N   1 
ATOM   720 C CA  . LEU A 1 105 ? 5.130   -3.017  1.383   1.00 15.11 ? 218 LEU A CA  1 
ATOM   721 C C   . LEU A 1 105 ? 6.467   -2.476  1.836   1.00 15.52 ? 218 LEU A C   1 
ATOM   722 O O   . LEU A 1 105 ? 6.662   -2.193  3.010   1.00 16.55 ? 218 LEU A O   1 
ATOM   723 C CB  . LEU A 1 105 ? 3.971   -2.262  2.028   1.00 15.54 ? 218 LEU A CB  1 
ATOM   724 C CG  . LEU A 1 105 ? 3.487   -0.976  1.336   1.00 18.28 ? 218 LEU A CG  1 
ATOM   725 C CD1 . LEU A 1 105 ? 2.432   -0.328  2.205   1.00 20.61 ? 218 LEU A CD1 1 
ATOM   726 C CD2 . LEU A 1 105 ? 4.628   -0.014  1.042   1.00 19.93 ? 218 LEU A CD2 1 
ATOM   727 N N   . VAL A 1 106 ? 7.381   -2.345  0.889   1.00 15.94 ? 219 VAL A N   1 
ATOM   728 C CA  . VAL A 1 106 ? 8.798   -2.211  1.190   1.00 16.85 ? 219 VAL A CA  1 
ATOM   729 C C   . VAL A 1 106 ? 9.290   -0.848  0.711   1.00 17.58 ? 219 VAL A C   1 
ATOM   730 O O   . VAL A 1 106 ? 8.784   -0.286  -0.265  1.00 17.14 ? 219 VAL A O   1 
ATOM   731 C CB  . VAL A 1 106 ? 9.620   -3.385  0.589   1.00 17.00 ? 219 VAL A CB  1 
ATOM   732 C CG1 . VAL A 1 106 ? 11.134  -3.200  0.830   1.00 19.04 ? 219 VAL A CG1 1 
ATOM   733 C CG2 . VAL A 1 106 ? 9.176   -4.726  1.201   1.00 17.48 ? 219 VAL A CG2 1 
ATOM   734 N N   . THR A 1 107 ? 10.224  -0.302  1.472   1.00 18.55 ? 220 THR A N   1 
ATOM   735 C CA  . THR A 1 107 ? 10.838  0.971   1.186   1.00 19.87 ? 220 THR A CA  1 
ATOM   736 C C   . THR A 1 107 ? 12.107  0.756   0.388   1.00 20.41 ? 220 THR A C   1 
ATOM   737 O O   . THR A 1 107 ? 12.992  0.028   0.821   1.00 20.26 ? 220 THR A O   1 
ATOM   738 C CB  . THR A 1 107 ? 11.211  1.674   2.503   1.00 20.03 ? 220 THR A CB  1 
ATOM   739 O OG1 . THR A 1 107 ? 10.019  1.894   3.272   1.00 20.14 ? 220 THR A OG1 1 
ATOM   740 C CG2 . THR A 1 107 ? 11.902  3.008   2.228   1.00 20.09 ? 220 THR A CG2 1 
ATOM   741 N N   . ARG A 1 108 ? 12.180  1.374   -0.788  1.00 21.16 ? 221 ARG A N   1 
ATOM   742 C CA  . ARG A 1 108 ? 13.459  1.568   -1.480  1.00 21.88 ? 221 ARG A CA  1 
ATOM   743 C C   . ARG A 1 108 ? 14.048  2.865   -0.943  1.00 21.99 ? 221 ARG A C   1 
ATOM   744 O O   . ARG A 1 108 ? 13.616  3.969   -1.330  1.00 21.01 ? 221 ARG A O   1 
ATOM   745 C CB  . ARG A 1 108 ? 13.286  1.636   -3.003  1.00 21.94 ? 221 ARG A CB  1 
ATOM   746 C CG  . ARG A 1 108 ? 14.583  2.004   -3.759  1.00 24.79 ? 221 ARG A CG  1 
ATOM   747 C CD  . ARG A 1 108 ? 15.315  0.808   -4.387  1.00 29.54 ? 221 ARG A CD  1 
ATOM   748 N NE  . ARG A 1 108 ? 14.850  -0.475  -3.860  1.00 32.99 ? 221 ARG A NE  1 
ATOM   749 C CZ  . ARG A 1 108 ? 15.493  -1.634  -3.984  1.00 34.97 ? 221 ARG A CZ  1 
ATOM   750 N NH1 . ARG A 1 108 ? 16.664  -1.699  -4.618  1.00 35.35 ? 221 ARG A NH1 1 
ATOM   751 N NH2 . ARG A 1 108 ? 14.956  -2.739  -3.463  1.00 36.01 ? 221 ARG A NH2 1 
ATOM   752 N N   . ARG A 1 109 ? 15.038  2.727   -0.048  1.00 21.95 ? 222 ARG A N   1 
ATOM   753 C CA  . ARG A 1 109 ? 15.529  3.863   0.738   1.00 22.17 ? 222 ARG A CA  1 
ATOM   754 C C   . ARG A 1 109 ? 15.882  5.067   -0.130  1.00 21.33 ? 222 ARG A C   1 
ATOM   755 O O   . ARG A 1 109 ? 16.621  4.940   -1.110  1.00 21.37 ? 222 ARG A O   1 
ATOM   756 C CB  . ARG A 1 109 ? 16.742  3.472   1.594   1.00 23.00 ? 222 ARG A CB  1 
ATOM   757 C CG  . ARG A 1 109 ? 16.847  4.253   2.907   1.00 26.55 ? 222 ARG A CG  1 
ATOM   758 C CD  . ARG A 1 109 ? 18.191  4.939   3.075   1.00 31.64 ? 222 ARG A CD  1 
ATOM   759 N NE  . ARG A 1 109 ? 18.122  6.303   2.557   1.00 35.92 ? 222 ARG A NE  1 
ATOM   760 C CZ  . ARG A 1 109 ? 19.166  7.072   2.257   1.00 37.12 ? 222 ARG A CZ  1 
ATOM   761 N NH1 . ARG A 1 109 ? 20.412  6.633   2.412   1.00 39.29 ? 222 ARG A NH1 1 
ATOM   762 N NH2 . ARG A 1 109 ? 18.956  8.295   1.787   1.00 37.75 ? 222 ARG A NH2 1 
ATOM   763 N N   . GLY A 1 110 ? 15.326  6.216   0.244   1.00 20.61 ? 223 GLY A N   1 
ATOM   764 C CA  . GLY A 1 110 ? 15.507  7.486   -0.447  1.00 20.27 ? 223 GLY A CA  1 
ATOM   765 C C   . GLY A 1 110 ? 14.789  7.658   -1.774  1.00 20.06 ? 223 GLY A C   1 
ATOM   766 O O   . GLY A 1 110 ? 14.948  8.691   -2.432  1.00 20.36 ? 223 GLY A O   1 
ATOM   767 N N   . VAL A 1 111 ? 14.025  6.654   -2.200  1.00 19.04 ? 224 VAL A N   1 
ATOM   768 C CA  . VAL A 1 111 ? 13.413  6.702   -3.525  1.00 17.61 ? 224 VAL A CA  1 
ATOM   769 C C   . VAL A 1 111 ? 11.880  6.656   -3.457  1.00 16.61 ? 224 VAL A C   1 
ATOM   770 O O   . VAL A 1 111 ? 11.209  7.546   -3.969  1.00 14.98 ? 224 VAL A O   1 
ATOM   771 C CB  . VAL A 1 111 ? 13.986  5.626   -4.482  1.00 17.46 ? 224 VAL A CB  1 
ATOM   772 C CG1 . VAL A 1 111 ? 13.336  5.726   -5.839  1.00 17.80 ? 224 VAL A CG1 1 
ATOM   773 C CG2 . VAL A 1 111 ? 15.512  5.777   -4.622  1.00 19.11 ? 224 VAL A CG2 1 
ATOM   774 N N   . GLY A 1 112 ? 11.339  5.612   -2.832  1.00 16.24 ? 225 GLY A N   1 
ATOM   775 C CA  . GLY A 1 112 ? 9.894   5.524   -2.618  1.00 15.27 ? 225 GLY A CA  1 
ATOM   776 C C   . GLY A 1 112 ? 9.496   4.166   -2.081  1.00 14.94 ? 225 GLY A C   1 
ATOM   777 O O   . GLY A 1 112 ? 10.277  3.519   -1.360  1.00 15.13 ? 225 GLY A O   1 
ATOM   778 N N   . TYR A 1 113 ? 8.291   3.738   -2.442  1.00 13.84 ? 226 TYR A N   1 
ATOM   779 C CA  . TYR A 1 113 ? 7.714   2.522   -1.901  1.00 14.96 ? 226 TYR A CA  1 
ATOM   780 C C   . TYR A 1 113 ? 7.266   1.603   -3.013  1.00 14.89 ? 226 TYR A C   1 
ATOM   781 O O   . TYR A 1 113 ? 6.914   2.053   -4.111  1.00 15.42 ? 226 TYR A O   1 
ATOM   782 C CB  . TYR A 1 113 ? 6.506   2.835   -0.989  1.00 14.58 ? 226 TYR A CB  1 
ATOM   783 C CG  . TYR A 1 113 ? 6.820   3.681   0.226   1.00 15.42 ? 226 TYR A CG  1 
ATOM   784 C CD1 . TYR A 1 113 ? 6.467   5.046   0.265   1.00 14.83 ? 226 TYR A CD1 1 
ATOM   785 C CD2 . TYR A 1 113 ? 7.428   3.115   1.359   1.00 15.20 ? 226 TYR A CD2 1 
ATOM   786 C CE1 . TYR A 1 113 ? 6.757   5.833   1.396   1.00 16.54 ? 226 TYR A CE1 1 
ATOM   787 C CE2 . TYR A 1 113 ? 7.710   3.891   2.506   1.00 15.80 ? 226 TYR A CE2 1 
ATOM   788 C CZ  . TYR A 1 113 ? 7.379   5.245   2.512   1.00 16.75 ? 226 TYR A CZ  1 
ATOM   789 O OH  . TYR A 1 113 ? 7.651   6.011   3.634   1.00 18.29 ? 226 TYR A OH  1 
ATOM   790 N N   . TYR A 1 114 ? 7.269   0.302   -2.731  1.00 15.49 ? 227 TYR A N   1 
ATOM   791 C CA  . TYR A 1 114 ? 6.675   -0.646  -3.675  1.00 15.17 ? 227 TYR A CA  1 
ATOM   792 C C   . TYR A 1 114 ? 6.005   -1.789  -2.941  1.00 15.59 ? 227 TYR A C   1 
ATOM   793 O O   . TYR A 1 114 ? 6.324   -2.101  -1.767  1.00 14.88 ? 227 TYR A O   1 
ATOM   794 C CB  . TYR A 1 114 ? 7.696   -1.171  -4.708  1.00 15.61 ? 227 TYR A CB  1 
ATOM   795 C CG  . TYR A 1 114 ? 8.902   -1.939  -4.158  1.00 17.03 ? 227 TYR A CG  1 
ATOM   796 C CD1 . TYR A 1 114 ? 9.957   -1.266  -3.524  1.00 17.01 ? 227 TYR A CD1 1 
ATOM   797 C CD2 . TYR A 1 114 ? 8.995   -3.331  -4.291  1.00 14.75 ? 227 TYR A CD2 1 
ATOM   798 C CE1 . TYR A 1 114 ? 11.070  -1.956  -3.030  1.00 16.76 ? 227 TYR A CE1 1 
ATOM   799 C CE2 . TYR A 1 114 ? 10.114  -4.035  -3.796  1.00 17.26 ? 227 TYR A CE2 1 
ATOM   800 C CZ  . TYR A 1 114 ? 11.137  -3.336  -3.179  1.00 17.12 ? 227 TYR A CZ  1 
ATOM   801 O OH  . TYR A 1 114 ? 12.227  -4.006  -2.684  1.00 18.40 ? 227 TYR A OH  1 
ATOM   802 N N   . LEU A 1 115 ? 5.069   -2.414  -3.643  1.00 14.06 ? 228 LEU A N   1 
ATOM   803 C CA  . LEU A 1 115 ? 4.493   -3.651  -3.157  1.00 14.17 ? 228 LEU A CA  1 
ATOM   804 C C   . LEU A 1 115 ? 5.160   -4.823  -3.872  1.00 13.75 ? 228 LEU A C   1 
ATOM   805 O O   . LEU A 1 115 ? 5.465   -4.742  -5.055  1.00 14.52 ? 228 LEU A O   1 
ATOM   806 C CB  . LEU A 1 115 ? 2.982   -3.650  -3.386  1.00 13.03 ? 228 LEU A CB  1 
ATOM   807 C CG  . LEU A 1 115 ? 2.161   -4.722  -2.685  1.00 14.58 ? 228 LEU A CG  1 
ATOM   808 C CD1 . LEU A 1 115 ? 2.081   -4.418  -1.174  1.00 13.32 ? 228 LEU A CD1 1 
ATOM   809 C CD2 . LEU A 1 115 ? 0.761   -4.779  -3.273  1.00 13.93 ? 228 LEU A CD2 1 
ATOM   810 N N   . ARG A 1 116 ? 5.400   -5.902  -3.138  1.00 13.81 ? 229 ARG A N   1 
ATOM   811 C CA  . ARG A 1 116 ? 5.980   -7.104  -3.706  1.00 13.98 ? 229 ARG A CA  1 
ATOM   812 C C   . ARG A 1 116 ? 5.321   -8.317  -3.079  1.00 13.37 ? 229 ARG A C   1 
ATOM   813 O O   . ARG A 1 116 ? 4.690   -8.216  -2.011  1.00 12.09 ? 229 ARG A O   1 
ATOM   814 C CB  . ARG A 1 116 ? 7.496   -7.146  -3.498  1.00 14.24 ? 229 ARG A CB  1 
ATOM   815 C CG  . ARG A 1 116 ? 7.924   -7.363  -2.048  1.00 15.39 ? 229 ARG A CG  1 
ATOM   816 C CD  . ARG A 1 116 ? 9.432   -7.574  -1.860  1.00 16.44 ? 229 ARG A CD  1 
ATOM   817 N NE  . ARG A 1 116 ? 9.635   -8.084  -0.504  1.00 20.93 ? 229 ARG A NE  1 
ATOM   818 C CZ  . ARG A 1 116 ? 10.771  -8.058  0.184   1.00 21.16 ? 229 ARG A CZ  1 
ATOM   819 N NH1 . ARG A 1 116 ? 11.891  -7.556  -0.334  1.00 22.97 ? 229 ARG A NH1 1 
ATOM   820 N NH2 . ARG A 1 116 ? 10.777  -8.554  1.414   1.00 23.05 ? 229 ARG A NH2 1 
ATOM   821 N N   . ASN A 1 117 ? 5.456   -9.440  -3.773  1.00 13.17 ? 230 ASN A N   1 
ATOM   822 C CA  . ASN A 1 117 ? 5.122   -10.747 -3.249  1.00 12.80 ? 230 ASN A CA  1 
ATOM   823 C C   . ASN A 1 117 ? 6.412   -11.335 -2.640  1.00 12.92 ? 230 ASN A C   1 
ATOM   824 O O   . ASN A 1 117 ? 7.359   -11.693 -3.370  1.00 11.63 ? 230 ASN A O   1 
ATOM   825 C CB  . ASN A 1 117 ? 4.557   -11.657 -4.353  1.00 12.07 ? 230 ASN A CB  1 
ATOM   826 C CG  . ASN A 1 117 ? 4.226   -13.067 -3.831  1.00 12.76 ? 230 ASN A CG  1 
ATOM   827 O OD1 . ASN A 1 117 ? 4.473   -13.365 -2.663  1.00 10.08 ? 230 ASN A OD1 1 
ATOM   828 N ND2 . ASN A 1 117 ? 3.684   -13.928 -4.684  1.00 9.39  ? 230 ASN A ND2 1 
ATOM   829 N N   . PRO A 1 118 ? 6.460   -11.422 -1.296  1.00 13.42 ? 231 PRO A N   1 
ATOM   830 C CA  . PRO A 1 118 ? 7.644   -11.933 -0.634  1.00 14.64 ? 231 PRO A CA  1 
ATOM   831 C C   . PRO A 1 118 ? 7.707   -13.470 -0.592  1.00 16.36 ? 231 PRO A C   1 
ATOM   832 O O   . PRO A 1 118 ? 8.725   -14.003 -0.179  1.00 16.17 ? 231 PRO A O   1 
ATOM   833 C CB  . PRO A 1 118 ? 7.499   -11.375 0.787   1.00 14.23 ? 231 PRO A CB  1 
ATOM   834 C CG  . PRO A 1 118 ? 6.044   -11.375 1.032   1.00 13.24 ? 231 PRO A CG  1 
ATOM   835 C CD  . PRO A 1 118 ? 5.399   -11.071 -0.318  1.00 13.63 ? 231 PRO A CD  1 
ATOM   836 N N   . GLU A 1 119 ? 6.655   -14.165 -1.026  1.00 18.30 ? 232 GLU A N   1 
ATOM   837 C CA  . GLU A 1 119 ? 6.573   -15.634 -0.860  1.00 21.52 ? 232 GLU A CA  1 
ATOM   838 C C   . GLU A 1 119 ? 7.146   -16.349 -2.065  1.00 22.26 ? 232 GLU A C   1 
ATOM   839 O O   . GLU A 1 119 ? 6.774   -16.014 -3.187  1.00 23.76 ? 232 GLU A O   1 
ATOM   840 C CB  . GLU A 1 119 ? 5.132   -16.107 -0.677  1.00 22.31 ? 232 GLU A CB  1 
ATOM   841 C CG  . GLU A 1 119 ? 4.177   -15.074 -0.136  1.00 27.71 ? 232 GLU A CG  1 
ATOM   842 C CD  . GLU A 1 119 ? 2.964   -15.695 0.497   1.00 34.41 ? 232 GLU A CD  1 
ATOM   843 O OE1 . GLU A 1 119 ? 2.196   -16.422 -0.191  1.00 36.97 ? 232 GLU A OE1 1 
ATOM   844 O OE2 . GLU A 1 119 ? 2.781   -15.436 1.701   1.00 38.26 ? 232 GLU A OE2 1 
HETATM 845 S S   . SO4 B 2 .   ? 9.857   11.786  -2.836  1.00 28.32 ? 101 SO4 A S   1 
HETATM 846 O O1  . SO4 B 2 .   ? 11.192  11.985  -3.391  1.00 27.76 ? 101 SO4 A O1  1 
HETATM 847 O O2  . SO4 B 2 .   ? 9.768   10.413  -2.312  1.00 27.47 ? 101 SO4 A O2  1 
HETATM 848 O O3  . SO4 B 2 .   ? 9.673   12.719  -1.740  1.00 26.66 ? 101 SO4 A O3  1 
HETATM 849 O O4  . SO4 B 2 .   ? 8.880   11.990  -3.889  1.00 23.40 ? 101 SO4 A O4  1 
HETATM 850 S S   . SO4 C 2 .   ? 2.098   17.145  5.745   1.00 68.73 ? 102 SO4 A S   1 
HETATM 851 O O1  . SO4 C 2 .   ? 3.540   17.322  5.809   1.00 68.80 ? 102 SO4 A O1  1 
HETATM 852 O O2  . SO4 C 2 .   ? 1.798   15.856  5.128   1.00 69.00 ? 102 SO4 A O2  1 
HETATM 853 O O3  . SO4 C 2 .   ? 1.521   17.160  7.087   1.00 69.13 ? 102 SO4 A O3  1 
HETATM 854 O O4  . SO4 C 2 .   ? 1.512   18.257  5.003   1.00 69.06 ? 102 SO4 A O4  1 
HETATM 855 S S   . SO4 D 2 .   ? 5.769   -8.534  15.699  1.00 88.07 ? 103 SO4 A S   1 
HETATM 856 O O1  . SO4 D 2 .   ? 6.754   -7.582  15.183  1.00 87.95 ? 103 SO4 A O1  1 
HETATM 857 O O2  . SO4 D 2 .   ? 5.839   -9.772  14.931  1.00 87.84 ? 103 SO4 A O2  1 
HETATM 858 O O3  . SO4 D 2 .   ? 6.050   -8.837  17.103  1.00 87.80 ? 103 SO4 A O3  1 
HETATM 859 O O4  . SO4 D 2 .   ? 4.436   -7.949  15.575  1.00 88.22 ? 103 SO4 A O4  1 
HETATM 860 O O   . HOH E 3 .   ? -4.594  -15.806 1.900   1.00 26.95 ? 1   HOH A O   1 
HETATM 861 O O   . HOH E 3 .   ? -10.456 -6.340  -1.060  1.00 26.22 ? 2   HOH A O   1 
HETATM 862 O O   . HOH E 3 .   ? 6.719   -9.024  -6.257  1.00 19.93 ? 3   HOH A O   1 
HETATM 863 O O   . HOH E 3 .   ? 6.402   4.945   7.207   1.00 32.82 ? 4   HOH A O   1 
HETATM 864 O O   . HOH E 3 .   ? 4.450   -1.076  -6.237  1.00 19.63 ? 5   HOH A O   1 
HETATM 865 O O   . HOH E 3 .   ? 9.407   15.332  -2.142  1.00 30.77 ? 6   HOH A O   1 
HETATM 866 O O   . HOH E 3 .   ? -12.726 -13.704 7.830   1.00 16.50 ? 7   HOH A O   1 
HETATM 867 O O   . HOH E 3 .   ? -10.143 -9.007  0.011   1.00 29.89 ? 8   HOH A O   1 
HETATM 868 O O   . HOH E 3 .   ? 10.653  0.326   -10.309 1.00 43.91 ? 9   HOH A O   1 
HETATM 869 O O   . HOH E 3 .   ? 6.212   2.288   8.105   1.00 32.17 ? 10  HOH A O   1 
HETATM 870 O O   . HOH E 3 .   ? -3.724  -14.741 -1.378  1.00 28.58 ? 11  HOH A O   1 
HETATM 871 O O   . HOH E 3 .   ? 12.201  9.888   -4.553  1.00 33.09 ? 12  HOH A O   1 
HETATM 872 O O   . HOH E 3 .   ? -13.046 2.757   4.348   1.00 26.80 ? 13  HOH A O   1 
HETATM 873 O O   . HOH E 3 .   ? 11.025  -1.650  4.059   1.00 31.38 ? 14  HOH A O   1 
HETATM 874 O O   . HOH E 3 .   ? 11.772  -4.438  4.272   1.00 45.16 ? 15  HOH A O   1 
HETATM 875 O O   . HOH E 3 .   ? 10.270  2.938   5.765   1.00 26.98 ? 16  HOH A O   1 
HETATM 876 O O   . HOH E 3 .   ? 6.563   -5.012  14.517  1.00 35.98 ? 17  HOH A O   1 
HETATM 877 O O   . HOH E 3 .   ? 5.136   19.103  5.799   1.00 21.90 ? 18  HOH A O   1 
HETATM 878 O O   . HOH E 3 .   ? 3.834   -14.038 3.566   1.00 32.09 ? 19  HOH A O   1 
HETATM 879 O O   . HOH E 3 .   ? -5.930  3.385   -6.276  1.00 29.19 ? 20  HOH A O   1 
HETATM 880 O O   . HOH E 3 .   ? 7.172   7.143   -9.188  1.00 30.10 ? 21  HOH A O   1 
HETATM 881 O O   . HOH E 3 .   ? -4.655  11.198  4.087   1.00 33.29 ? 22  HOH A O   1 
HETATM 882 O O   . HOH E 3 .   ? -8.420  -2.463  10.056  1.00 31.08 ? 23  HOH A O   1 
HETATM 883 O O   . HOH E 3 .   ? -5.413  6.480   6.736   1.00 40.86 ? 24  HOH A O   1 
HETATM 884 O O   . HOH E 3 .   ? -2.614  -17.758 1.552   1.00 39.58 ? 25  HOH A O   1 
HETATM 885 O O   . HOH E 3 .   ? -5.847  17.741  -4.970  1.00 31.96 ? 26  HOH A O   1 
HETATM 886 O O   . HOH E 3 .   ? 4.466   0.328   10.542  1.00 40.54 ? 27  HOH A O   1 
HETATM 887 O O   . HOH E 3 .   ? -2.711  15.191  -8.902  1.00 36.69 ? 28  HOH A O   1 
HETATM 888 O O   . HOH E 3 .   ? -11.944 -12.484 1.780   1.00 47.22 ? 29  HOH A O   1 
HETATM 889 O O   . HOH E 3 .   ? 2.180   11.815  -10.754 1.00 23.45 ? 30  HOH A O   1 
HETATM 890 O O   . HOH E 3 .   ? -7.792  -2.378  -12.171 1.00 53.46 ? 31  HOH A O   1 
HETATM 891 O O   . HOH E 3 .   ? -0.377  11.037  -11.466 1.00 35.14 ? 32  HOH A O   1 
HETATM 892 O O   . HOH E 3 .   ? 10.020  13.055  -6.037  1.00 35.15 ? 33  HOH A O   1 
HETATM 893 O O   . HOH E 3 .   ? 9.461   -3.695  -11.879 1.00 53.30 ? 34  HOH A O   1 
HETATM 894 O O   . HOH E 3 .   ? 8.740   5.484   6.247   1.00 40.88 ? 35  HOH A O   1 
HETATM 895 O O   . HOH E 3 .   ? 16.882  10.399  -1.306  1.00 53.04 ? 36  HOH A O   1 
HETATM 896 O O   . HOH E 3 .   ? 7.775   9.499   12.490  1.00 28.53 ? 37  HOH A O   1 
HETATM 897 O O   . HOH E 3 .   ? 5.399   16.442  4.852   1.00 25.19 ? 38  HOH A O   1 
HETATM 898 O O   . HOH E 3 .   ? -9.633  7.782   3.899   1.00 37.94 ? 39  HOH A O   1 
HETATM 899 O O   . HOH E 3 .   ? -6.586  16.501  -7.987  1.00 33.89 ? 40  HOH A O   1 
HETATM 900 O O   . HOH E 3 .   ? 2.645   -16.800 -3.456  1.00 30.82 ? 41  HOH A O   1 
HETATM 901 O O   . HOH E 3 .   ? -12.680 -7.600  -11.431 1.00 41.55 ? 42  HOH A O   1 
HETATM 902 O O   . HOH E 3 .   ? -1.740  -5.279  -12.132 1.00 31.02 ? 43  HOH A O   1 
HETATM 903 O O   . HOH E 3 .   ? 8.795   -7.500  -6.643  1.00 36.67 ? 44  HOH A O   1 
HETATM 904 O O   . HOH E 3 .   ? 16.617  0.257   0.418   1.00 38.68 ? 45  HOH A O   1 
HETATM 905 O O   . HOH E 3 .   ? -2.792  -17.061 -2.303  1.00 37.63 ? 46  HOH A O   1 
HETATM 906 O O   . HOH E 3 .   ? -6.491  3.586   9.922   1.00 36.29 ? 47  HOH A O   1 
HETATM 907 O O   . HOH E 3 .   ? -5.126  -5.589  -11.957 1.00 40.07 ? 48  HOH A O   1 
HETATM 908 O O   . HOH E 3 .   ? 11.023  -11.243 2.748   1.00 44.33 ? 49  HOH A O   1 
HETATM 909 O O   . HOH E 3 .   ? 12.240  -3.720  -6.958  1.00 46.84 ? 50  HOH A O   1 
HETATM 910 O O   . HOH E 3 .   ? 0.125   8.960   -13.159 1.00 42.05 ? 51  HOH A O   1 
HETATM 911 O O   . HOH E 3 .   ? -1.747  13.386  -11.606 1.00 38.85 ? 52  HOH A O   1 
# 
loop_
_pdbx_poly_seq_scheme.asym_id 
_pdbx_poly_seq_scheme.entity_id 
_pdbx_poly_seq_scheme.seq_id 
_pdbx_poly_seq_scheme.mon_id 
_pdbx_poly_seq_scheme.ndb_seq_num 
_pdbx_poly_seq_scheme.pdb_seq_num 
_pdbx_poly_seq_scheme.auth_seq_num 
_pdbx_poly_seq_scheme.pdb_mon_id 
_pdbx_poly_seq_scheme.auth_mon_id 
_pdbx_poly_seq_scheme.pdb_strand_id 
_pdbx_poly_seq_scheme.pdb_ins_code 
_pdbx_poly_seq_scheme.hetero 
A 1 1   MET 1   114 ?   ?   ?   A . n 
A 1 2   GLY 2   115 ?   ?   ?   A . n 
A 1 3   SER 3   116 ?   ?   ?   A . n 
A 1 4   SER 4   117 ?   ?   ?   A . n 
A 1 5   HIS 5   118 ?   ?   ?   A . n 
A 1 6   HIS 6   119 ?   ?   ?   A . n 
A 1 7   HIS 7   120 ?   ?   ?   A . n 
A 1 8   HIS 8   121 ?   ?   ?   A . n 
A 1 9   HIS 9   122 ?   ?   ?   A . n 
A 1 10  HIS 10  123 ?   ?   ?   A . n 
A 1 11  SER 11  124 ?   ?   ?   A . n 
A 1 12  SER 12  125 ?   ?   ?   A . n 
A 1 13  GLY 13  126 ?   ?   ?   A . n 
A 1 14  LEU 14  127 ?   ?   ?   A . n 
A 1 15  VAL 15  128 ?   ?   ?   A . n 
A 1 16  PRO 16  129 ?   ?   ?   A . n 
A 1 17  ARG 17  130 ?   ?   ?   A . n 
A 1 18  GLY 18  131 ?   ?   ?   A . n 
A 1 19  SER 19  132 132 SER SER A . n 
A 1 20  HIS 20  133 133 HIS HIS A . n 
A 1 21  MET 21  134 134 MET MET A . n 
A 1 22  THR 22  135 135 THR THR A . n 
A 1 23  ILE 23  136 136 ILE ILE A . n 
A 1 24  GLY 24  137 137 GLY GLY A . n 
A 1 25  ASP 25  138 138 ASP ASP A . n 
A 1 26  LEU 26  139 139 LEU LEU A . n 
A 1 27  THR 27  140 140 THR THR A . n 
A 1 28  ILE 28  141 141 ILE ILE A . n 
A 1 29  HIS 29  142 142 HIS HIS A . n 
A 1 30  PRO 30  143 143 PRO PRO A . n 
A 1 31  ASP 31  144 144 ASP ASP A . n 
A 1 32  ALA 32  145 145 ALA ALA A . n 
A 1 33  TYR 33  146 146 TYR TYR A . n 
A 1 34  MET 34  147 147 MET MET A . n 
A 1 35  VAL 35  148 148 VAL VAL A . n 
A 1 36  SER 36  149 149 SER SER A . n 
A 1 37  LYS 37  150 150 LYS LYS A . n 
A 1 38  ARG 38  151 151 ARG ARG A . n 
A 1 39  GLY 39  152 152 GLY GLY A . n 
A 1 40  GLU 40  153 153 GLU GLU A . n 
A 1 41  LYS 41  154 154 LYS LYS A . n 
A 1 42  ILE 42  155 155 ILE ILE A . n 
A 1 43  GLU 43  156 156 GLU GLU A . n 
A 1 44  LEU 44  157 157 LEU LEU A . n 
A 1 45  THR 45  158 158 THR THR A . n 
A 1 46  HIS 46  159 159 HIS HIS A . n 
A 1 47  ARG 47  160 160 ARG ARG A . n 
A 1 48  GLU 48  161 161 GLU GLU A . n 
A 1 49  PHE 49  162 162 PHE PHE A . n 
A 1 50  GLU 50  163 163 GLU GLU A . n 
A 1 51  LEU 51  164 164 LEU LEU A . n 
A 1 52  LEU 52  165 165 LEU LEU A . n 
A 1 53  TYR 53  166 166 TYR TYR A . n 
A 1 54  TYR 54  167 167 TYR TYR A . n 
A 1 55  LEU 55  168 168 LEU LEU A . n 
A 1 56  ALA 56  169 169 ALA ALA A . n 
A 1 57  LYS 57  170 170 LYS LYS A . n 
A 1 58  HIS 58  171 171 HIS HIS A . n 
A 1 59  ILE 59  172 172 ILE ILE A . n 
A 1 60  GLY 60  173 173 GLY GLY A . n 
A 1 61  GLN 61  174 174 GLN GLN A . n 
A 1 62  VAL 62  175 175 VAL VAL A . n 
A 1 63  MET 63  176 176 MET MET A . n 
A 1 64  THR 64  177 177 THR THR A . n 
A 1 65  ARG 65  178 178 ARG ARG A . n 
A 1 66  GLU 66  179 179 GLU GLU A . n 
A 1 67  HIS 67  180 180 HIS HIS A . n 
A 1 68  LEU 68  181 181 LEU LEU A . n 
A 1 69  LEU 69  182 182 LEU LEU A . n 
A 1 70  GLN 70  183 183 GLN GLN A . n 
A 1 71  THR 71  184 184 THR THR A . n 
A 1 72  VAL 72  185 185 VAL VAL A . n 
A 1 73  TRP 73  186 186 TRP TRP A . n 
A 1 74  GLY 74  187 187 GLY GLY A . n 
A 1 75  TYR 75  188 188 TYR TYR A . n 
A 1 76  ASP 76  189 189 ASP ASP A . n 
A 1 77  TYR 77  190 190 TYR TYR A . n 
A 1 78  PHE 78  191 191 PHE PHE A . n 
A 1 79  GLY 79  192 192 GLY GLY A . n 
A 1 80  ASP 80  193 193 ASP ASP A . n 
A 1 81  VAL 81  194 194 VAL VAL A . n 
A 1 82  ARG 82  195 195 ARG ARG A . n 
A 1 83  THR 83  196 196 THR THR A . n 
A 1 84  VAL 84  197 197 VAL VAL A . n 
A 1 85  ASP 85  198 198 ASP ASP A . n 
A 1 86  VAL 86  199 199 VAL VAL A . n 
A 1 87  THR 87  200 200 THR THR A . n 
A 1 88  VAL 88  201 201 VAL VAL A . n 
A 1 89  ARG 89  202 202 ARG ARG A . n 
A 1 90  ARG 90  203 203 ARG ARG A . n 
A 1 91  LEU 91  204 204 LEU LEU A . n 
A 1 92  ARG 92  205 205 ARG ARG A . n 
A 1 93  GLU 93  206 206 GLU GLU A . n 
A 1 94  LYS 94  207 207 LYS LYS A . n 
A 1 95  ILE 95  208 208 ILE ILE A . n 
A 1 96  GLU 96  209 209 GLU GLU A . n 
A 1 97  ASP 97  210 210 ASP ASP A . n 
A 1 98  SER 98  211 211 SER SER A . n 
A 1 99  PRO 99  212 212 PRO PRO A . n 
A 1 100 SER 100 213 213 SER SER A . n 
A 1 101 HIS 101 214 214 HIS HIS A . n 
A 1 102 PRO 102 215 215 PRO PRO A . n 
A 1 103 THR 103 216 216 THR THR A . n 
A 1 104 TYR 104 217 217 TYR TYR A . n 
A 1 105 LEU 105 218 218 LEU LEU A . n 
A 1 106 VAL 106 219 219 VAL VAL A . n 
A 1 107 THR 107 220 220 THR THR A . n 
A 1 108 ARG 108 221 221 ARG ARG A . n 
A 1 109 ARG 109 222 222 ARG ARG A . n 
A 1 110 GLY 110 223 223 GLY GLY A . n 
A 1 111 VAL 111 224 224 VAL VAL A . n 
A 1 112 GLY 112 225 225 GLY GLY A . n 
A 1 113 TYR 113 226 226 TYR TYR A . n 
A 1 114 TYR 114 227 227 TYR TYR A . n 
A 1 115 LEU 115 228 228 LEU LEU A . n 
A 1 116 ARG 116 229 229 ARG ARG A . n 
A 1 117 ASN 117 230 230 ASN ASN A . n 
A 1 118 PRO 118 231 231 PRO PRO A . n 
A 1 119 GLU 119 232 232 GLU GLU A . n 
A 1 120 GLN 120 233 ?   ?   ?   A . n 
A 1 121 GLU 121 234 ?   ?   ?   A . n 
# 
loop_
_pdbx_nonpoly_scheme.asym_id 
_pdbx_nonpoly_scheme.entity_id 
_pdbx_nonpoly_scheme.mon_id 
_pdbx_nonpoly_scheme.ndb_seq_num 
_pdbx_nonpoly_scheme.pdb_seq_num 
_pdbx_nonpoly_scheme.auth_seq_num 
_pdbx_nonpoly_scheme.pdb_mon_id 
_pdbx_nonpoly_scheme.auth_mon_id 
_pdbx_nonpoly_scheme.pdb_strand_id 
_pdbx_nonpoly_scheme.pdb_ins_code 
B 2 SO4 1  101 1  SO4 SO4 A . 
C 2 SO4 1  102 2  SO4 SO4 A . 
D 2 SO4 1  103 3  SO4 SO4 A . 
E 3 HOH 1  1   1  HOH HOH A . 
E 3 HOH 2  2   2  HOH HOH A . 
E 3 HOH 3  3   3  HOH HOH A . 
E 3 HOH 4  4   4  HOH HOH A . 
E 3 HOH 5  5   5  HOH HOH A . 
E 3 HOH 6  6   6  HOH HOH A . 
E 3 HOH 7  7   7  HOH HOH A . 
E 3 HOH 8  8   8  HOH HOH A . 
E 3 HOH 9  9   9  HOH HOH A . 
E 3 HOH 10 10  10 HOH HOH A . 
E 3 HOH 11 11  11 HOH HOH A . 
E 3 HOH 12 12  12 HOH HOH A . 
E 3 HOH 13 13  13 HOH HOH A . 
E 3 HOH 14 14  14 HOH HOH A . 
E 3 HOH 15 15  15 HOH HOH A . 
E 3 HOH 16 16  16 HOH HOH A . 
E 3 HOH 17 17  17 HOH HOH A . 
E 3 HOH 18 18  18 HOH HOH A . 
E 3 HOH 19 19  19 HOH HOH A . 
E 3 HOH 20 20  20 HOH HOH A . 
E 3 HOH 21 21  21 HOH HOH A . 
E 3 HOH 22 22  22 HOH HOH A . 
E 3 HOH 23 23  23 HOH HOH A . 
E 3 HOH 24 24  24 HOH HOH A . 
E 3 HOH 25 25  25 HOH HOH A . 
E 3 HOH 26 26  26 HOH HOH A . 
E 3 HOH 27 27  27 HOH HOH A . 
E 3 HOH 28 28  28 HOH HOH A . 
E 3 HOH 29 29  29 HOH HOH A . 
E 3 HOH 30 30  30 HOH HOH A . 
E 3 HOH 31 31  31 HOH HOH A . 
E 3 HOH 32 32  32 HOH HOH A . 
E 3 HOH 33 33  33 HOH HOH A . 
E 3 HOH 34 34  34 HOH HOH A . 
E 3 HOH 35 35  35 HOH HOH A . 
E 3 HOH 36 36  36 HOH HOH A . 
E 3 HOH 37 37  37 HOH HOH A . 
E 3 HOH 38 38  38 HOH HOH A . 
E 3 HOH 39 39  39 HOH HOH A . 
E 3 HOH 40 40  40 HOH HOH A . 
E 3 HOH 41 41  41 HOH HOH A . 
E 3 HOH 42 42  42 HOH HOH A . 
E 3 HOH 43 43  43 HOH HOH A . 
E 3 HOH 44 44  44 HOH HOH A . 
E 3 HOH 45 45  45 HOH HOH A . 
E 3 HOH 46 46  46 HOH HOH A . 
E 3 HOH 47 47  47 HOH HOH A . 
E 3 HOH 48 48  48 HOH HOH A . 
E 3 HOH 49 49  49 HOH HOH A . 
E 3 HOH 50 50  50 HOH HOH A . 
E 3 HOH 51 51  51 HOH HOH A . 
E 3 HOH 52 52  52 HOH HOH A . 
# 
_pdbx_struct_assembly.id                   1 
_pdbx_struct_assembly.details              author_defined_assembly 
_pdbx_struct_assembly.method_details       ? 
_pdbx_struct_assembly.oligomeric_details   monomeric 
_pdbx_struct_assembly.oligomeric_count     1 
# 
_pdbx_struct_assembly_gen.assembly_id       1 
_pdbx_struct_assembly_gen.oper_expression   1 
_pdbx_struct_assembly_gen.asym_id_list      A,B,C,D,E 
# 
_pdbx_struct_oper_list.id                   1 
_pdbx_struct_oper_list.type                 'identity operation' 
_pdbx_struct_oper_list.name                 1_555 
_pdbx_struct_oper_list.symmetry_operation   x,y,z 
_pdbx_struct_oper_list.matrix[1][1]         1.0000000000 
_pdbx_struct_oper_list.matrix[1][2]         0.0000000000 
_pdbx_struct_oper_list.matrix[1][3]         0.0000000000 
_pdbx_struct_oper_list.vector[1]            0.0000000000 
_pdbx_struct_oper_list.matrix[2][1]         0.0000000000 
_pdbx_struct_oper_list.matrix[2][2]         1.0000000000 
_pdbx_struct_oper_list.matrix[2][3]         0.0000000000 
_pdbx_struct_oper_list.vector[2]            0.0000000000 
_pdbx_struct_oper_list.matrix[3][1]         0.0000000000 
_pdbx_struct_oper_list.matrix[3][2]         0.0000000000 
_pdbx_struct_oper_list.matrix[3][3]         1.0000000000 
_pdbx_struct_oper_list.vector[3]            0.0000000000 
# 
loop_
_pdbx_audit_revision_history.ordinal 
_pdbx_audit_revision_history.data_content_type 
_pdbx_audit_revision_history.major_revision 
_pdbx_audit_revision_history.minor_revision 
_pdbx_audit_revision_history.revision_date 
1 'Structure model' 1 0 2007-01-23 
2 'Structure model' 1 1 2008-05-01 
3 'Structure model' 1 2 2011-07-13 
4 'Structure model' 1 3 2022-12-21 
5 'Structure model' 1 4 2023-09-20 
# 
_pdbx_audit_revision_details.ordinal             1 
_pdbx_audit_revision_details.revision_ordinal    1 
_pdbx_audit_revision_details.data_content_type   'Structure model' 
_pdbx_audit_revision_details.provider            repository 
_pdbx_audit_revision_details.type                'Initial release' 
_pdbx_audit_revision_details.description         ? 
_pdbx_audit_revision_details.details             ? 
# 
loop_
_pdbx_audit_revision_group.ordinal 
_pdbx_audit_revision_group.revision_ordinal 
_pdbx_audit_revision_group.data_content_type 
_pdbx_audit_revision_group.group 
1 2 'Structure model' 'Version format compliance' 
2 3 'Structure model' Advisory                    
3 3 'Structure model' 'Source and taxonomy'       
4 3 'Structure model' 'Version format compliance' 
5 4 'Structure model' 'Database references'       
6 4 'Structure model' 'Derived calculations'      
7 5 'Structure model' 'Data collection'           
8 5 'Structure model' 'Refinement description'    
# 
loop_
_pdbx_audit_revision_category.ordinal 
_pdbx_audit_revision_category.revision_ordinal 
_pdbx_audit_revision_category.data_content_type 
_pdbx_audit_revision_category.category 
1 4 'Structure model' database_2                    
2 4 'Structure model' struct_ref_seq_dif            
3 4 'Structure model' struct_site                   
4 5 'Structure model' chem_comp_atom                
5 5 'Structure model' chem_comp_bond                
6 5 'Structure model' pdbx_initial_refinement_model 
# 
loop_
_pdbx_audit_revision_item.ordinal 
_pdbx_audit_revision_item.revision_ordinal 
_pdbx_audit_revision_item.data_content_type 
_pdbx_audit_revision_item.item 
1 4 'Structure model' '_database_2.pdbx_DOI'                
2 4 'Structure model' '_database_2.pdbx_database_accession' 
3 4 'Structure model' '_struct_ref_seq_dif.details'         
4 4 'Structure model' '_struct_site.pdbx_auth_asym_id'      
5 4 'Structure model' '_struct_site.pdbx_auth_comp_id'      
6 4 'Structure model' '_struct_site.pdbx_auth_seq_id'       
# 
_pdbx_refine_tls.id               1 
_pdbx_refine_tls.details          ? 
_pdbx_refine_tls.method           refined 
_pdbx_refine_tls.origin_x         -0.0527 
_pdbx_refine_tls.origin_y         0.3652 
_pdbx_refine_tls.origin_z         0.0259 
_pdbx_refine_tls.T[1][1]          0.0376 
_pdbx_refine_tls.T[2][2]          0.0388 
_pdbx_refine_tls.T[3][3]          0.0163 
_pdbx_refine_tls.T[1][2]          -0.0126 
_pdbx_refine_tls.T[1][3]          -0.0298 
_pdbx_refine_tls.T[2][3]          0.0066 
_pdbx_refine_tls.L[1][1]          1.4490 
_pdbx_refine_tls.L[2][2]          4.4168 
_pdbx_refine_tls.L[3][3]          0.6683 
_pdbx_refine_tls.L[1][2]          1.6423 
_pdbx_refine_tls.L[1][3]          -0.8138 
_pdbx_refine_tls.L[2][3]          -0.1878 
_pdbx_refine_tls.S[1][1]          0.0482 
_pdbx_refine_tls.S[1][2]          -0.0243 
_pdbx_refine_tls.S[1][3]          0.0012 
_pdbx_refine_tls.S[2][1]          -0.0055 
_pdbx_refine_tls.S[2][2]          -0.0210 
_pdbx_refine_tls.S[2][3]          -0.0074 
_pdbx_refine_tls.S[3][1]          -0.0467 
_pdbx_refine_tls.S[3][2]          0.0486 
_pdbx_refine_tls.S[3][3]          -0.0271 
_pdbx_refine_tls.pdbx_refine_id   'X-RAY DIFFRACTION' 
# 
_pdbx_refine_tls_group.id                  1 
_pdbx_refine_tls_group.refine_tls_id       1 
_pdbx_refine_tls_group.beg_auth_asym_id    A 
_pdbx_refine_tls_group.beg_auth_seq_id     132 
_pdbx_refine_tls_group.beg_label_asym_id   A 
_pdbx_refine_tls_group.beg_label_seq_id    19 
_pdbx_refine_tls_group.end_auth_asym_id    A 
_pdbx_refine_tls_group.end_auth_seq_id     232 
_pdbx_refine_tls_group.end_label_asym_id   A 
_pdbx_refine_tls_group.end_label_seq_id    119 
_pdbx_refine_tls_group.selection           ? 
_pdbx_refine_tls_group.pdbx_refine_id      'X-RAY DIFFRACTION' 
_pdbx_refine_tls_group.selection_details   ? 
# 
loop_
_software.name 
_software.classification 
_software.version 
_software.citation_id 
_software.pdbx_ordinal 
REFMAC refinement       5.2.0005  ? 1 
MOSFLM 'data reduction' .         ? 2 
CCP4   'data scaling'   '(SCALA)' ? 3 
PHASER phasing          .         ? 4 
# 
_pdbx_validate_rmsd_angle.id                         1 
_pdbx_validate_rmsd_angle.PDB_model_num              1 
_pdbx_validate_rmsd_angle.auth_atom_id_1             NE 
_pdbx_validate_rmsd_angle.auth_asym_id_1             A 
_pdbx_validate_rmsd_angle.auth_comp_id_1             ARG 
_pdbx_validate_rmsd_angle.auth_seq_id_1              178 
_pdbx_validate_rmsd_angle.PDB_ins_code_1             ? 
_pdbx_validate_rmsd_angle.label_alt_id_1             ? 
_pdbx_validate_rmsd_angle.auth_atom_id_2             CZ 
_pdbx_validate_rmsd_angle.auth_asym_id_2             A 
_pdbx_validate_rmsd_angle.auth_comp_id_2             ARG 
_pdbx_validate_rmsd_angle.auth_seq_id_2              178 
_pdbx_validate_rmsd_angle.PDB_ins_code_2             ? 
_pdbx_validate_rmsd_angle.label_alt_id_2             ? 
_pdbx_validate_rmsd_angle.auth_atom_id_3             NH2 
_pdbx_validate_rmsd_angle.auth_asym_id_3             A 
_pdbx_validate_rmsd_angle.auth_comp_id_3             ARG 
_pdbx_validate_rmsd_angle.auth_seq_id_3              178 
_pdbx_validate_rmsd_angle.PDB_ins_code_3             ? 
_pdbx_validate_rmsd_angle.label_alt_id_3             ? 
_pdbx_validate_rmsd_angle.angle_value                116.88 
_pdbx_validate_rmsd_angle.angle_target_value         120.30 
_pdbx_validate_rmsd_angle.angle_deviation            -3.42 
_pdbx_validate_rmsd_angle.angle_standard_deviation   0.50 
_pdbx_validate_rmsd_angle.linker_flag                N 
# 
_pdbx_validate_torsion.id              1 
_pdbx_validate_torsion.PDB_model_num   1 
_pdbx_validate_torsion.auth_comp_id    TRP 
_pdbx_validate_torsion.auth_asym_id    A 
_pdbx_validate_torsion.auth_seq_id     186 
_pdbx_validate_torsion.PDB_ins_code    ? 
_pdbx_validate_torsion.label_alt_id    ? 
_pdbx_validate_torsion.phi             -91.16 
_pdbx_validate_torsion.psi             -69.58 
# 
loop_
_pdbx_unobs_or_zero_occ_residues.id 
_pdbx_unobs_or_zero_occ_residues.PDB_model_num 
_pdbx_unobs_or_zero_occ_residues.polymer_flag 
_pdbx_unobs_or_zero_occ_residues.occupancy_flag 
_pdbx_unobs_or_zero_occ_residues.auth_asym_id 
_pdbx_unobs_or_zero_occ_residues.auth_comp_id 
_pdbx_unobs_or_zero_occ_residues.auth_seq_id 
_pdbx_unobs_or_zero_occ_residues.PDB_ins_code 
_pdbx_unobs_or_zero_occ_residues.label_asym_id 
_pdbx_unobs_or_zero_occ_residues.label_comp_id 
_pdbx_unobs_or_zero_occ_residues.label_seq_id 
1  1 Y 1 A MET 114 ? A MET 1   
2  1 Y 1 A GLY 115 ? A GLY 2   
3  1 Y 1 A SER 116 ? A SER 3   
4  1 Y 1 A SER 117 ? A SER 4   
5  1 Y 1 A HIS 118 ? A HIS 5   
6  1 Y 1 A HIS 119 ? A HIS 6   
7  1 Y 1 A HIS 120 ? A HIS 7   
8  1 Y 1 A HIS 121 ? A HIS 8   
9  1 Y 1 A HIS 122 ? A HIS 9   
10 1 Y 1 A HIS 123 ? A HIS 10  
11 1 Y 1 A SER 124 ? A SER 11  
12 1 Y 1 A SER 125 ? A SER 12  
13 1 Y 1 A GLY 126 ? A GLY 13  
14 1 Y 1 A LEU 127 ? A LEU 14  
15 1 Y 1 A VAL 128 ? A VAL 15  
16 1 Y 1 A PRO 129 ? A PRO 16  
17 1 Y 1 A ARG 130 ? A ARG 17  
18 1 Y 1 A GLY 131 ? A GLY 18  
19 1 Y 1 A GLN 233 ? A GLN 120 
20 1 Y 1 A GLU 234 ? A GLU 121 
# 
loop_
_chem_comp_atom.comp_id 
_chem_comp_atom.atom_id 
_chem_comp_atom.type_symbol 
_chem_comp_atom.pdbx_aromatic_flag 
_chem_comp_atom.pdbx_stereo_config 
_chem_comp_atom.pdbx_ordinal 
ALA N    N N N 1   
ALA CA   C N S 2   
ALA C    C N N 3   
ALA O    O N N 4   
ALA CB   C N N 5   
ALA OXT  O N N 6   
ALA H    H N N 7   
ALA H2   H N N 8   
ALA HA   H N N 9   
ALA HB1  H N N 10  
ALA HB2  H N N 11  
ALA HB3  H N N 12  
ALA HXT  H N N 13  
ARG N    N N N 14  
ARG CA   C N S 15  
ARG C    C N N 16  
ARG O    O N N 17  
ARG CB   C N N 18  
ARG CG   C N N 19  
ARG CD   C N N 20  
ARG NE   N N N 21  
ARG CZ   C N N 22  
ARG NH1  N N N 23  
ARG NH2  N N N 24  
ARG OXT  O N N 25  
ARG H    H N N 26  
ARG H2   H N N 27  
ARG HA   H N N 28  
ARG HB2  H N N 29  
ARG HB3  H N N 30  
ARG HG2  H N N 31  
ARG HG3  H N N 32  
ARG HD2  H N N 33  
ARG HD3  H N N 34  
ARG HE   H N N 35  
ARG HH11 H N N 36  
ARG HH12 H N N 37  
ARG HH21 H N N 38  
ARG HH22 H N N 39  
ARG HXT  H N N 40  
ASN N    N N N 41  
ASN CA   C N S 42  
ASN C    C N N 43  
ASN O    O N N 44  
ASN CB   C N N 45  
ASN CG   C N N 46  
ASN OD1  O N N 47  
ASN ND2  N N N 48  
ASN OXT  O N N 49  
ASN H    H N N 50  
ASN H2   H N N 51  
ASN HA   H N N 52  
ASN HB2  H N N 53  
ASN HB3  H N N 54  
ASN HD21 H N N 55  
ASN HD22 H N N 56  
ASN HXT  H N N 57  
ASP N    N N N 58  
ASP CA   C N S 59  
ASP C    C N N 60  
ASP O    O N N 61  
ASP CB   C N N 62  
ASP CG   C N N 63  
ASP OD1  O N N 64  
ASP OD2  O N N 65  
ASP OXT  O N N 66  
ASP H    H N N 67  
ASP H2   H N N 68  
ASP HA   H N N 69  
ASP HB2  H N N 70  
ASP HB3  H N N 71  
ASP HD2  H N N 72  
ASP HXT  H N N 73  
GLN N    N N N 74  
GLN CA   C N S 75  
GLN C    C N N 76  
GLN O    O N N 77  
GLN CB   C N N 78  
GLN CG   C N N 79  
GLN CD   C N N 80  
GLN OE1  O N N 81  
GLN NE2  N N N 82  
GLN OXT  O N N 83  
GLN H    H N N 84  
GLN H2   H N N 85  
GLN HA   H N N 86  
GLN HB2  H N N 87  
GLN HB3  H N N 88  
GLN HG2  H N N 89  
GLN HG3  H N N 90  
GLN HE21 H N N 91  
GLN HE22 H N N 92  
GLN HXT  H N N 93  
GLU N    N N N 94  
GLU CA   C N S 95  
GLU C    C N N 96  
GLU O    O N N 97  
GLU CB   C N N 98  
GLU CG   C N N 99  
GLU CD   C N N 100 
GLU OE1  O N N 101 
GLU OE2  O N N 102 
GLU OXT  O N N 103 
GLU H    H N N 104 
GLU H2   H N N 105 
GLU HA   H N N 106 
GLU HB2  H N N 107 
GLU HB3  H N N 108 
GLU HG2  H N N 109 
GLU HG3  H N N 110 
GLU HE2  H N N 111 
GLU HXT  H N N 112 
GLY N    N N N 113 
GLY CA   C N N 114 
GLY C    C N N 115 
GLY O    O N N 116 
GLY OXT  O N N 117 
GLY H    H N N 118 
GLY H2   H N N 119 
GLY HA2  H N N 120 
GLY HA3  H N N 121 
GLY HXT  H N N 122 
HIS N    N N N 123 
HIS CA   C N S 124 
HIS C    C N N 125 
HIS O    O N N 126 
HIS CB   C N N 127 
HIS CG   C Y N 128 
HIS ND1  N Y N 129 
HIS CD2  C Y N 130 
HIS CE1  C Y N 131 
HIS NE2  N Y N 132 
HIS OXT  O N N 133 
HIS H    H N N 134 
HIS H2   H N N 135 
HIS HA   H N N 136 
HIS HB2  H N N 137 
HIS HB3  H N N 138 
HIS HD1  H N N 139 
HIS HD2  H N N 140 
HIS HE1  H N N 141 
HIS HE2  H N N 142 
HIS HXT  H N N 143 
HOH O    O N N 144 
HOH H1   H N N 145 
HOH H2   H N N 146 
ILE N    N N N 147 
ILE CA   C N S 148 
ILE C    C N N 149 
ILE O    O N N 150 
ILE CB   C N S 151 
ILE CG1  C N N 152 
ILE CG2  C N N 153 
ILE CD1  C N N 154 
ILE OXT  O N N 155 
ILE H    H N N 156 
ILE H2   H N N 157 
ILE HA   H N N 158 
ILE HB   H N N 159 
ILE HG12 H N N 160 
ILE HG13 H N N 161 
ILE HG21 H N N 162 
ILE HG22 H N N 163 
ILE HG23 H N N 164 
ILE HD11 H N N 165 
ILE HD12 H N N 166 
ILE HD13 H N N 167 
ILE HXT  H N N 168 
LEU N    N N N 169 
LEU CA   C N S 170 
LEU C    C N N 171 
LEU O    O N N 172 
LEU CB   C N N 173 
LEU CG   C N N 174 
LEU CD1  C N N 175 
LEU CD2  C N N 176 
LEU OXT  O N N 177 
LEU H    H N N 178 
LEU H2   H N N 179 
LEU HA   H N N 180 
LEU HB2  H N N 181 
LEU HB3  H N N 182 
LEU HG   H N N 183 
LEU HD11 H N N 184 
LEU HD12 H N N 185 
LEU HD13 H N N 186 
LEU HD21 H N N 187 
LEU HD22 H N N 188 
LEU HD23 H N N 189 
LEU HXT  H N N 190 
LYS N    N N N 191 
LYS CA   C N S 192 
LYS C    C N N 193 
LYS O    O N N 194 
LYS CB   C N N 195 
LYS CG   C N N 196 
LYS CD   C N N 197 
LYS CE   C N N 198 
LYS NZ   N N N 199 
LYS OXT  O N N 200 
LYS H    H N N 201 
LYS H2   H N N 202 
LYS HA   H N N 203 
LYS HB2  H N N 204 
LYS HB3  H N N 205 
LYS HG2  H N N 206 
LYS HG3  H N N 207 
LYS HD2  H N N 208 
LYS HD3  H N N 209 
LYS HE2  H N N 210 
LYS HE3  H N N 211 
LYS HZ1  H N N 212 
LYS HZ2  H N N 213 
LYS HZ3  H N N 214 
LYS HXT  H N N 215 
MET N    N N N 216 
MET CA   C N S 217 
MET C    C N N 218 
MET O    O N N 219 
MET CB   C N N 220 
MET CG   C N N 221 
MET SD   S N N 222 
MET CE   C N N 223 
MET OXT  O N N 224 
MET H    H N N 225 
MET H2   H N N 226 
MET HA   H N N 227 
MET HB2  H N N 228 
MET HB3  H N N 229 
MET HG2  H N N 230 
MET HG3  H N N 231 
MET HE1  H N N 232 
MET HE2  H N N 233 
MET HE3  H N N 234 
MET HXT  H N N 235 
PHE N    N N N 236 
PHE CA   C N S 237 
PHE C    C N N 238 
PHE O    O N N 239 
PHE CB   C N N 240 
PHE CG   C Y N 241 
PHE CD1  C Y N 242 
PHE CD2  C Y N 243 
PHE CE1  C Y N 244 
PHE CE2  C Y N 245 
PHE CZ   C Y N 246 
PHE OXT  O N N 247 
PHE H    H N N 248 
PHE H2   H N N 249 
PHE HA   H N N 250 
PHE HB2  H N N 251 
PHE HB3  H N N 252 
PHE HD1  H N N 253 
PHE HD2  H N N 254 
PHE HE1  H N N 255 
PHE HE2  H N N 256 
PHE HZ   H N N 257 
PHE HXT  H N N 258 
PRO N    N N N 259 
PRO CA   C N S 260 
PRO C    C N N 261 
PRO O    O N N 262 
PRO CB   C N N 263 
PRO CG   C N N 264 
PRO CD   C N N 265 
PRO OXT  O N N 266 
PRO H    H N N 267 
PRO HA   H N N 268 
PRO HB2  H N N 269 
PRO HB3  H N N 270 
PRO HG2  H N N 271 
PRO HG3  H N N 272 
PRO HD2  H N N 273 
PRO HD3  H N N 274 
PRO HXT  H N N 275 
SER N    N N N 276 
SER CA   C N S 277 
SER C    C N N 278 
SER O    O N N 279 
SER CB   C N N 280 
SER OG   O N N 281 
SER OXT  O N N 282 
SER H    H N N 283 
SER H2   H N N 284 
SER HA   H N N 285 
SER HB2  H N N 286 
SER HB3  H N N 287 
SER HG   H N N 288 
SER HXT  H N N 289 
SO4 S    S N N 290 
SO4 O1   O N N 291 
SO4 O2   O N N 292 
SO4 O3   O N N 293 
SO4 O4   O N N 294 
THR N    N N N 295 
THR CA   C N S 296 
THR C    C N N 297 
THR O    O N N 298 
THR CB   C N R 299 
THR OG1  O N N 300 
THR CG2  C N N 301 
THR OXT  O N N 302 
THR H    H N N 303 
THR H2   H N N 304 
THR HA   H N N 305 
THR HB   H N N 306 
THR HG1  H N N 307 
THR HG21 H N N 308 
THR HG22 H N N 309 
THR HG23 H N N 310 
THR HXT  H N N 311 
TRP N    N N N 312 
TRP CA   C N S 313 
TRP C    C N N 314 
TRP O    O N N 315 
TRP CB   C N N 316 
TRP CG   C Y N 317 
TRP CD1  C Y N 318 
TRP CD2  C Y N 319 
TRP NE1  N Y N 320 
TRP CE2  C Y N 321 
TRP CE3  C Y N 322 
TRP CZ2  C Y N 323 
TRP CZ3  C Y N 324 
TRP CH2  C Y N 325 
TRP OXT  O N N 326 
TRP H    H N N 327 
TRP H2   H N N 328 
TRP HA   H N N 329 
TRP HB2  H N N 330 
TRP HB3  H N N 331 
TRP HD1  H N N 332 
TRP HE1  H N N 333 
TRP HE3  H N N 334 
TRP HZ2  H N N 335 
TRP HZ3  H N N 336 
TRP HH2  H N N 337 
TRP HXT  H N N 338 
TYR N    N N N 339 
TYR CA   C N S 340 
TYR C    C N N 341 
TYR O    O N N 342 
TYR CB   C N N 343 
TYR CG   C Y N 344 
TYR CD1  C Y N 345 
TYR CD2  C Y N 346 
TYR CE1  C Y N 347 
TYR CE2  C Y N 348 
TYR CZ   C Y N 349 
TYR OH   O N N 350 
TYR OXT  O N N 351 
TYR H    H N N 352 
TYR H2   H N N 353 
TYR HA   H N N 354 
TYR HB2  H N N 355 
TYR HB3  H N N 356 
TYR HD1  H N N 357 
TYR HD2  H N N 358 
TYR HE1  H N N 359 
TYR HE2  H N N 360 
TYR HH   H N N 361 
TYR HXT  H N N 362 
VAL N    N N N 363 
VAL CA   C N S 364 
VAL C    C N N 365 
VAL O    O N N 366 
VAL CB   C N N 367 
VAL CG1  C N N 368 
VAL CG2  C N N 369 
VAL OXT  O N N 370 
VAL H    H N N 371 
VAL H2   H N N 372 
VAL HA   H N N 373 
VAL HB   H N N 374 
VAL HG11 H N N 375 
VAL HG12 H N N 376 
VAL HG13 H N N 377 
VAL HG21 H N N 378 
VAL HG22 H N N 379 
VAL HG23 H N N 380 
VAL HXT  H N N 381 
# 
loop_
_chem_comp_bond.comp_id 
_chem_comp_bond.atom_id_1 
_chem_comp_bond.atom_id_2 
_chem_comp_bond.value_order 
_chem_comp_bond.pdbx_aromatic_flag 
_chem_comp_bond.pdbx_stereo_config 
_chem_comp_bond.pdbx_ordinal 
ALA N   CA   sing N N 1   
ALA N   H    sing N N 2   
ALA N   H2   sing N N 3   
ALA CA  C    sing N N 4   
ALA CA  CB   sing N N 5   
ALA CA  HA   sing N N 6   
ALA C   O    doub N N 7   
ALA C   OXT  sing N N 8   
ALA CB  HB1  sing N N 9   
ALA CB  HB2  sing N N 10  
ALA CB  HB3  sing N N 11  
ALA OXT HXT  sing N N 12  
ARG N   CA   sing N N 13  
ARG N   H    sing N N 14  
ARG N   H2   sing N N 15  
ARG CA  C    sing N N 16  
ARG CA  CB   sing N N 17  
ARG CA  HA   sing N N 18  
ARG C   O    doub N N 19  
ARG C   OXT  sing N N 20  
ARG CB  CG   sing N N 21  
ARG CB  HB2  sing N N 22  
ARG CB  HB3  sing N N 23  
ARG CG  CD   sing N N 24  
ARG CG  HG2  sing N N 25  
ARG CG  HG3  sing N N 26  
ARG CD  NE   sing N N 27  
ARG CD  HD2  sing N N 28  
ARG CD  HD3  sing N N 29  
ARG NE  CZ   sing N N 30  
ARG NE  HE   sing N N 31  
ARG CZ  NH1  sing N N 32  
ARG CZ  NH2  doub N N 33  
ARG NH1 HH11 sing N N 34  
ARG NH1 HH12 sing N N 35  
ARG NH2 HH21 sing N N 36  
ARG NH2 HH22 sing N N 37  
ARG OXT HXT  sing N N 38  
ASN N   CA   sing N N 39  
ASN N   H    sing N N 40  
ASN N   H2   sing N N 41  
ASN CA  C    sing N N 42  
ASN CA  CB   sing N N 43  
ASN CA  HA   sing N N 44  
ASN C   O    doub N N 45  
ASN C   OXT  sing N N 46  
ASN CB  CG   sing N N 47  
ASN CB  HB2  sing N N 48  
ASN CB  HB3  sing N N 49  
ASN CG  OD1  doub N N 50  
ASN CG  ND2  sing N N 51  
ASN ND2 HD21 sing N N 52  
ASN ND2 HD22 sing N N 53  
ASN OXT HXT  sing N N 54  
ASP N   CA   sing N N 55  
ASP N   H    sing N N 56  
ASP N   H2   sing N N 57  
ASP CA  C    sing N N 58  
ASP CA  CB   sing N N 59  
ASP CA  HA   sing N N 60  
ASP C   O    doub N N 61  
ASP C   OXT  sing N N 62  
ASP CB  CG   sing N N 63  
ASP CB  HB2  sing N N 64  
ASP CB  HB3  sing N N 65  
ASP CG  OD1  doub N N 66  
ASP CG  OD2  sing N N 67  
ASP OD2 HD2  sing N N 68  
ASP OXT HXT  sing N N 69  
GLN N   CA   sing N N 70  
GLN N   H    sing N N 71  
GLN N   H2   sing N N 72  
GLN CA  C    sing N N 73  
GLN CA  CB   sing N N 74  
GLN CA  HA   sing N N 75  
GLN C   O    doub N N 76  
GLN C   OXT  sing N N 77  
GLN CB  CG   sing N N 78  
GLN CB  HB2  sing N N 79  
GLN CB  HB3  sing N N 80  
GLN CG  CD   sing N N 81  
GLN CG  HG2  sing N N 82  
GLN CG  HG3  sing N N 83  
GLN CD  OE1  doub N N 84  
GLN CD  NE2  sing N N 85  
GLN NE2 HE21 sing N N 86  
GLN NE2 HE22 sing N N 87  
GLN OXT HXT  sing N N 88  
GLU N   CA   sing N N 89  
GLU N   H    sing N N 90  
GLU N   H2   sing N N 91  
GLU CA  C    sing N N 92  
GLU CA  CB   sing N N 93  
GLU CA  HA   sing N N 94  
GLU C   O    doub N N 95  
GLU C   OXT  sing N N 96  
GLU CB  CG   sing N N 97  
GLU CB  HB2  sing N N 98  
GLU CB  HB3  sing N N 99  
GLU CG  CD   sing N N 100 
GLU CG  HG2  sing N N 101 
GLU CG  HG3  sing N N 102 
GLU CD  OE1  doub N N 103 
GLU CD  OE2  sing N N 104 
GLU OE2 HE2  sing N N 105 
GLU OXT HXT  sing N N 106 
GLY N   CA   sing N N 107 
GLY N   H    sing N N 108 
GLY N   H2   sing N N 109 
GLY CA  C    sing N N 110 
GLY CA  HA2  sing N N 111 
GLY CA  HA3  sing N N 112 
GLY C   O    doub N N 113 
GLY C   OXT  sing N N 114 
GLY OXT HXT  sing N N 115 
HIS N   CA   sing N N 116 
HIS N   H    sing N N 117 
HIS N   H2   sing N N 118 
HIS CA  C    sing N N 119 
HIS CA  CB   sing N N 120 
HIS CA  HA   sing N N 121 
HIS C   O    doub N N 122 
HIS C   OXT  sing N N 123 
HIS CB  CG   sing N N 124 
HIS CB  HB2  sing N N 125 
HIS CB  HB3  sing N N 126 
HIS CG  ND1  sing Y N 127 
HIS CG  CD2  doub Y N 128 
HIS ND1 CE1  doub Y N 129 
HIS ND1 HD1  sing N N 130 
HIS CD2 NE2  sing Y N 131 
HIS CD2 HD2  sing N N 132 
HIS CE1 NE2  sing Y N 133 
HIS CE1 HE1  sing N N 134 
HIS NE2 HE2  sing N N 135 
HIS OXT HXT  sing N N 136 
HOH O   H1   sing N N 137 
HOH O   H2   sing N N 138 
ILE N   CA   sing N N 139 
ILE N   H    sing N N 140 
ILE N   H2   sing N N 141 
ILE CA  C    sing N N 142 
ILE CA  CB   sing N N 143 
ILE CA  HA   sing N N 144 
ILE C   O    doub N N 145 
ILE C   OXT  sing N N 146 
ILE CB  CG1  sing N N 147 
ILE CB  CG2  sing N N 148 
ILE CB  HB   sing N N 149 
ILE CG1 CD1  sing N N 150 
ILE CG1 HG12 sing N N 151 
ILE CG1 HG13 sing N N 152 
ILE CG2 HG21 sing N N 153 
ILE CG2 HG22 sing N N 154 
ILE CG2 HG23 sing N N 155 
ILE CD1 HD11 sing N N 156 
ILE CD1 HD12 sing N N 157 
ILE CD1 HD13 sing N N 158 
ILE OXT HXT  sing N N 159 
LEU N   CA   sing N N 160 
LEU N   H    sing N N 161 
LEU N   H2   sing N N 162 
LEU CA  C    sing N N 163 
LEU CA  CB   sing N N 164 
LEU CA  HA   sing N N 165 
LEU C   O    doub N N 166 
LEU C   OXT  sing N N 167 
LEU CB  CG   sing N N 168 
LEU CB  HB2  sing N N 169 
LEU CB  HB3  sing N N 170 
LEU CG  CD1  sing N N 171 
LEU CG  CD2  sing N N 172 
LEU CG  HG   sing N N 173 
LEU CD1 HD11 sing N N 174 
LEU CD1 HD12 sing N N 175 
LEU CD1 HD13 sing N N 176 
LEU CD2 HD21 sing N N 177 
LEU CD2 HD22 sing N N 178 
LEU CD2 HD23 sing N N 179 
LEU OXT HXT  sing N N 180 
LYS N   CA   sing N N 181 
LYS N   H    sing N N 182 
LYS N   H2   sing N N 183 
LYS CA  C    sing N N 184 
LYS CA  CB   sing N N 185 
LYS CA  HA   sing N N 186 
LYS C   O    doub N N 187 
LYS C   OXT  sing N N 188 
LYS CB  CG   sing N N 189 
LYS CB  HB2  sing N N 190 
LYS CB  HB3  sing N N 191 
LYS CG  CD   sing N N 192 
LYS CG  HG2  sing N N 193 
LYS CG  HG3  sing N N 194 
LYS CD  CE   sing N N 195 
LYS CD  HD2  sing N N 196 
LYS CD  HD3  sing N N 197 
LYS CE  NZ   sing N N 198 
LYS CE  HE2  sing N N 199 
LYS CE  HE3  sing N N 200 
LYS NZ  HZ1  sing N N 201 
LYS NZ  HZ2  sing N N 202 
LYS NZ  HZ3  sing N N 203 
LYS OXT HXT  sing N N 204 
MET N   CA   sing N N 205 
MET N   H    sing N N 206 
MET N   H2   sing N N 207 
MET CA  C    sing N N 208 
MET CA  CB   sing N N 209 
MET CA  HA   sing N N 210 
MET C   O    doub N N 211 
MET C   OXT  sing N N 212 
MET CB  CG   sing N N 213 
MET CB  HB2  sing N N 214 
MET CB  HB3  sing N N 215 
MET CG  SD   sing N N 216 
MET CG  HG2  sing N N 217 
MET CG  HG3  sing N N 218 
MET SD  CE   sing N N 219 
MET CE  HE1  sing N N 220 
MET CE  HE2  sing N N 221 
MET CE  HE3  sing N N 222 
MET OXT HXT  sing N N 223 
PHE N   CA   sing N N 224 
PHE N   H    sing N N 225 
PHE N   H2   sing N N 226 
PHE CA  C    sing N N 227 
PHE CA  CB   sing N N 228 
PHE CA  HA   sing N N 229 
PHE C   O    doub N N 230 
PHE C   OXT  sing N N 231 
PHE CB  CG   sing N N 232 
PHE CB  HB2  sing N N 233 
PHE CB  HB3  sing N N 234 
PHE CG  CD1  doub Y N 235 
PHE CG  CD2  sing Y N 236 
PHE CD1 CE1  sing Y N 237 
PHE CD1 HD1  sing N N 238 
PHE CD2 CE2  doub Y N 239 
PHE CD2 HD2  sing N N 240 
PHE CE1 CZ   doub Y N 241 
PHE CE1 HE1  sing N N 242 
PHE CE2 CZ   sing Y N 243 
PHE CE2 HE2  sing N N 244 
PHE CZ  HZ   sing N N 245 
PHE OXT HXT  sing N N 246 
PRO N   CA   sing N N 247 
PRO N   CD   sing N N 248 
PRO N   H    sing N N 249 
PRO CA  C    sing N N 250 
PRO CA  CB   sing N N 251 
PRO CA  HA   sing N N 252 
PRO C   O    doub N N 253 
PRO C   OXT  sing N N 254 
PRO CB  CG   sing N N 255 
PRO CB  HB2  sing N N 256 
PRO CB  HB3  sing N N 257 
PRO CG  CD   sing N N 258 
PRO CG  HG2  sing N N 259 
PRO CG  HG3  sing N N 260 
PRO CD  HD2  sing N N 261 
PRO CD  HD3  sing N N 262 
PRO OXT HXT  sing N N 263 
SER N   CA   sing N N 264 
SER N   H    sing N N 265 
SER N   H2   sing N N 266 
SER CA  C    sing N N 267 
SER CA  CB   sing N N 268 
SER CA  HA   sing N N 269 
SER C   O    doub N N 270 
SER C   OXT  sing N N 271 
SER CB  OG   sing N N 272 
SER CB  HB2  sing N N 273 
SER CB  HB3  sing N N 274 
SER OG  HG   sing N N 275 
SER OXT HXT  sing N N 276 
SO4 S   O1   doub N N 277 
SO4 S   O2   doub N N 278 
SO4 S   O3   sing N N 279 
SO4 S   O4   sing N N 280 
THR N   CA   sing N N 281 
THR N   H    sing N N 282 
THR N   H2   sing N N 283 
THR CA  C    sing N N 284 
THR CA  CB   sing N N 285 
THR CA  HA   sing N N 286 
THR C   O    doub N N 287 
THR C   OXT  sing N N 288 
THR CB  OG1  sing N N 289 
THR CB  CG2  sing N N 290 
THR CB  HB   sing N N 291 
THR OG1 HG1  sing N N 292 
THR CG2 HG21 sing N N 293 
THR CG2 HG22 sing N N 294 
THR CG2 HG23 sing N N 295 
THR OXT HXT  sing N N 296 
TRP N   CA   sing N N 297 
TRP N   H    sing N N 298 
TRP N   H2   sing N N 299 
TRP CA  C    sing N N 300 
TRP CA  CB   sing N N 301 
TRP CA  HA   sing N N 302 
TRP C   O    doub N N 303 
TRP C   OXT  sing N N 304 
TRP CB  CG   sing N N 305 
TRP CB  HB2  sing N N 306 
TRP CB  HB3  sing N N 307 
TRP CG  CD1  doub Y N 308 
TRP CG  CD2  sing Y N 309 
TRP CD1 NE1  sing Y N 310 
TRP CD1 HD1  sing N N 311 
TRP CD2 CE2  doub Y N 312 
TRP CD2 CE3  sing Y N 313 
TRP NE1 CE2  sing Y N 314 
TRP NE1 HE1  sing N N 315 
TRP CE2 CZ2  sing Y N 316 
TRP CE3 CZ3  doub Y N 317 
TRP CE3 HE3  sing N N 318 
TRP CZ2 CH2  doub Y N 319 
TRP CZ2 HZ2  sing N N 320 
TRP CZ3 CH2  sing Y N 321 
TRP CZ3 HZ3  sing N N 322 
TRP CH2 HH2  sing N N 323 
TRP OXT HXT  sing N N 324 
TYR N   CA   sing N N 325 
TYR N   H    sing N N 326 
TYR N   H2   sing N N 327 
TYR CA  C    sing N N 328 
TYR CA  CB   sing N N 329 
TYR CA  HA   sing N N 330 
TYR C   O    doub N N 331 
TYR C   OXT  sing N N 332 
TYR CB  CG   sing N N 333 
TYR CB  HB2  sing N N 334 
TYR CB  HB3  sing N N 335 
TYR CG  CD1  doub Y N 336 
TYR CG  CD2  sing Y N 337 
TYR CD1 CE1  sing Y N 338 
TYR CD1 HD1  sing N N 339 
TYR CD2 CE2  doub Y N 340 
TYR CD2 HD2  sing N N 341 
TYR CE1 CZ   doub Y N 342 
TYR CE1 HE1  sing N N 343 
TYR CE2 CZ   sing Y N 344 
TYR CE2 HE2  sing N N 345 
TYR CZ  OH   sing N N 346 
TYR OH  HH   sing N N 347 
TYR OXT HXT  sing N N 348 
VAL N   CA   sing N N 349 
VAL N   H    sing N N 350 
VAL N   H2   sing N N 351 
VAL CA  C    sing N N 352 
VAL CA  CB   sing N N 353 
VAL CA  HA   sing N N 354 
VAL C   O    doub N N 355 
VAL C   OXT  sing N N 356 
VAL CB  CG1  sing N N 357 
VAL CB  CG2  sing N N 358 
VAL CB  HB   sing N N 359 
VAL CG1 HG11 sing N N 360 
VAL CG1 HG12 sing N N 361 
VAL CG1 HG13 sing N N 362 
VAL CG2 HG21 sing N N 363 
VAL CG2 HG22 sing N N 364 
VAL CG2 HG23 sing N N 365 
VAL OXT HXT  sing N N 366 
# 
loop_
_pdbx_entity_nonpoly.entity_id 
_pdbx_entity_nonpoly.name 
_pdbx_entity_nonpoly.comp_id 
2 'SULFATE ION' SO4 
3 water         HOH 
# 
loop_
_pdbx_initial_refinement_model.id 
_pdbx_initial_refinement_model.entity_id_list 
_pdbx_initial_refinement_model.type 
_pdbx_initial_refinement_model.source_name 
_pdbx_initial_refinement_model.accession_code 
_pdbx_initial_refinement_model.details 
1 ? 'experimental model' PDB 1OPC 'PDB ENTRIES 1OPC, 1YS6, 1P2F, 1GXQ' 
2 ? 'experimental model' PDB 1YS6 'PDB ENTRIES 1OPC, 1YS6, 1P2F, 1GXQ' 
3 ? 'experimental model' PDB 1P2F 'PDB ENTRIES 1OPC, 1YS6, 1P2F, 1GXQ' 
4 ? 'experimental model' PDB 1GXQ 'PDB ENTRIES 1OPC, 1YS6, 1P2F, 1GXQ' 
# 
